data_6IY2
#
_entry.id   6IY2
#
_cell.length_a   1.00
_cell.length_b   1.00
_cell.length_c   1.00
_cell.angle_alpha   90.00
_cell.angle_beta   90.00
_cell.angle_gamma   90.00
#
_symmetry.space_group_name_H-M   'P 1'
#
loop_
_entity.id
_entity.type
_entity.pdbx_description
1 polymer 'Histone H3'
2 polymer 'Histone H4'
3 polymer 'Histone H2A'
4 polymer 'Histone H2B'
5 polymer 'DNA (167-MER)'
6 polymer 'DNA (147-MER)'
7 polymer 'Transcription regulatory protein SNF2'
8 non-polymer "ADENOSINE-5'-DIPHOSPHATE"
#
loop_
_entity_poly.entity_id
_entity_poly.type
_entity_poly.pdbx_seq_one_letter_code
_entity_poly.pdbx_strand_id
1 'polypeptide(L)'
;KKPHRYRPGTVALREIRRYQKSTELLIRKLPFQRLVREIAQDFKTDLRFQSSAVMALQEASEAYLVALFEDTNLAAIHAK
RVTIMPKDIQLARRIRGERA
;
A,E
2 'polypeptide(L)'
;AKRHRKVLRDNIQGITKPAIRRLARRGGVKRISGLIYEETRGVLKVFLENVIRDAVTYTEHAKRKTVTAMDVVYALKRQG
RTLYGFGG
;
B,F
3 'polypeptide(L)'
;KTRAKAKTRSSRAGLQFPVGRVHRLLRKGNYAERVGAGAPVYLAAVLEYLTAEILELAGNAARDNKKTRIIPRHLQLAVR
NDEELNKLLGRVTIAQGGVLPNIQSVLLPKKTE
;
C,G
4 'polypeptide(L)'
;GKKRRKTRKESYAIYVYKVLKQVHPDTGISSKAMSIMNSFVNDVFERIAGEASRLAHYNKRSTITSREIQTAVRLLLPGE
LAKHAVSEGTKAVTKYTSAK
;
D,H
5 'polydeoxyribonucleotide'
;(DA)(DT)(DC)(DT)(DG)(DC)(DA)(DA)(DC)(DA)(DG)(DT)(DC)(DC)(DT)(DA)(DA)(DC)(DA)(DT)
(DT)(DC)(DA)(DC)(DC)(DT)(DC)(DT)(DT)(DG)(DT)(DG)(DT)(DG)(DT)(DT)(DT)(DG)(DT)(DG)
(DT)(DC)(DT)(DG)(DT)(DT)(DC)(DG)(DC)(DC)(DA)(DT)(DC)(DC)(DC)(DG)(DT)(DC)(DT)(DC)
(DC)(DG)(DC)(DT)(DC)(DG)(DT)(DC)(DA)(DC)(DT)(DT)(DA)(DT)(DC)(DC)(DT)(DT)(DC)(DA)
(DC)(DT)(DT)(DT)(DC)(DC)(DA)(DG)(DA)(DG)(DG)(DG)(DT)(DC)(DC)(DC)(DC)(DC)(DC)(DG)
(DC)(DA)(DG)(DA)(DC)(DC)(DC)(DC)(DG)(DG)(DC)(DG)(DA)(DC)(DC)(DC)(DT)(DC)(DA)(DG)
(DG)(DT)(DC)(DG)(DG)(DC)(DC)(DG)(DA)(DC)(DT)(DG)(DC)(DG)(DG)(DC)(DA)(DC)(DA)(DG)
(DT)(DT)(DT)(DT)(DG)(DA)(DT)
;
J
6 'polydeoxyribonucleotide'
;(DA)(DT)(DC)(DA)(DA)(DA)(DA)(DC)(DT)(DG)(DT)(DG)(DC)(DC)(DG)(DC)(DA)(DG)(DT)(DC)
(DG)(DG)(DC)(DC)(DG)(DA)(DC)(DC)(DT)(DG)(DA)(DG)(DG)(DG)(DT)(DC)(DG)(DC)(DC)(DG)
(DG)(DG)(DG)(DT)(DC)(DT)(DG)(DC)(DG)(DG)(DG)(DG)(DG)(DG)(DA)(DC)(DC)(DC)(DT)(DC)
(DT)(DG)(DG)(DA)(DA)(DA)(DG)(DT)(DG)(DA)(DA)(DG)(DG)(DA)(DT)(DA)(DA)(DG)(DT)(DG)
(DA)(DC)(DG)(DA)(DG)(DC)(DG)(DG)(DA)(DG)(DA)(DC)(DG)(DG)(DG)(DA)(DT)(DG)(DG)(DC)
(DG)(DA)(DA)(DC)(DA)(DG)(DA)(DC)(DA)(DC)(DA)(DA)(DA)(DC)(DA)(DC)(DA)(DC)(DA)(DA)
(DG)(DA)(DG)(DG)(DT)(DG)(DA)(DA)(DT)(DG)(DT)(DT)(DA)(DG)(DG)(DA)(DC)(DT)(DG)(DT)
(DT)(DG)(DC)(DA)(DG)(DA)(DT)
;
I
7 'polypeptide(L)'
;LLDQTKDTRITHLLRQTNAFLDSLTRAVKDQQKYTKEMIDSHIKEASEEVDDLSMVPKMKDEEYDDDDDNSNVDYYNVAH
RIKEDIKKQPSILVGGTLKDYQIKGLQWMVSLFNNHLNGILADEMGLGKTIQTISLLTYLYEMKNIRGPYLVIVPLSTLS
NWSSEFAKWAPTLRTISFKGSPNERKAKQAKIRAGEFDVVLTTFEYIIKERALLSKVKWVHMIIDEGHRMKNAQSKLSLT
LNTHYHADYRLILTGTPLQNNLPELWALLNFVLPKIFNSVKSFDEWFNTPFANTGGQDKIELSEEETLLVIRRLHKVLRP
FLLRRLKKDVEKELPDKVEKVVKCKMSALQQIMYQQMLKYRRLFIGDQNNKKMVGLRGFNNQIMQLKKICNHPFVFEEVE
DQINPTRETNDDIWRVAGKFELLDRILPKLKATGHRVLIFFQMTQIMDIMEDFLRYINIKYLRLDGHTKSDERSELLRLF
NAPDSEYLCFILSTRAGGLGLNLQTADTVIIFDTDWNPHQDLQAQDRAHRIGQKNEVRILRLITTNSVEEVILERAYKKL
DIDGKVIQAGKFDNKSTSEEQEALLRSLLDAEEERRKKRESGVEEEEELKDSEINEILARNDEEMAVLTRMDEDRSKKEE
ELGVKSRLLEKSELPDIYSRDIGAELKREESESAAVYNG
;
O
#
# COMPACT_ATOMS: atom_id res chain seq x y z
N LYS A 1 21.07 -17.61 -40.35
CA LYS A 1 19.82 -17.46 -39.62
C LYS A 1 19.85 -16.23 -38.71
N LYS A 2 21.05 -15.67 -38.52
CA LYS A 2 21.19 -14.39 -37.84
C LYS A 2 20.56 -13.23 -38.62
N PRO A 3 20.68 -13.13 -40.00
CA PRO A 3 19.93 -12.04 -40.67
C PRO A 3 18.43 -12.31 -40.79
N HIS A 4 17.73 -12.44 -39.66
CA HIS A 4 16.28 -12.31 -39.63
C HIS A 4 15.94 -11.37 -38.49
N ARG A 5 16.01 -10.08 -38.79
CA ARG A 5 15.60 -9.04 -37.87
C ARG A 5 14.45 -8.29 -38.51
N TYR A 6 13.42 -8.01 -37.72
CA TYR A 6 12.23 -7.41 -38.28
C TYR A 6 12.46 -5.95 -38.62
N ARG A 7 11.67 -5.47 -39.57
CA ARG A 7 11.59 -4.06 -39.89
C ARG A 7 11.18 -3.30 -38.65
N PRO A 8 11.85 -2.19 -38.31
CA PRO A 8 11.54 -1.47 -37.07
C PRO A 8 10.14 -0.88 -37.08
N GLY A 9 9.37 -1.21 -36.04
CA GLY A 9 7.94 -0.95 -35.99
C GLY A 9 7.12 -2.20 -35.78
N THR A 10 7.58 -3.33 -36.32
CA THR A 10 6.78 -4.55 -36.31
C THR A 10 6.69 -5.13 -34.91
N VAL A 11 7.79 -5.12 -34.16
CA VAL A 11 7.77 -5.62 -32.80
C VAL A 11 6.96 -4.69 -31.92
N ALA A 12 6.99 -3.39 -32.22
CA ALA A 12 6.15 -2.44 -31.50
C ALA A 12 4.69 -2.72 -31.72
N LEU A 13 4.31 -3.11 -32.93
CA LEU A 13 2.90 -3.39 -33.19
C LEU A 13 2.44 -4.69 -32.55
N ARG A 14 3.29 -5.72 -32.53
CA ARG A 14 2.85 -6.93 -31.84
C ARG A 14 2.87 -6.74 -30.33
N GLU A 15 3.70 -5.83 -29.82
CA GLU A 15 3.59 -5.44 -28.42
C GLU A 15 2.29 -4.73 -28.13
N ILE A 16 1.89 -3.81 -29.02
CA ILE A 16 0.62 -3.11 -28.88
C ILE A 16 -0.53 -4.10 -28.80
N ARG A 17 -0.52 -5.11 -29.67
CA ARG A 17 -1.63 -6.07 -29.68
C ARG A 17 -1.62 -6.97 -28.45
N ARG A 18 -0.45 -7.42 -27.98
CA ARG A 18 -0.48 -8.30 -26.81
C ARG A 18 -0.84 -7.53 -25.53
N TYR A 19 -0.35 -6.31 -25.38
CA TYR A 19 -0.63 -5.62 -24.12
C TYR A 19 -2.01 -5.03 -24.09
N GLN A 20 -2.60 -4.70 -25.23
CA GLN A 20 -4.01 -4.38 -25.18
C GLN A 20 -4.88 -5.62 -25.09
N LYS A 21 -4.36 -6.77 -25.52
CA LYS A 21 -5.16 -7.98 -25.45
C LYS A 21 -5.22 -8.52 -24.04
N SER A 22 -4.23 -8.21 -23.22
CA SER A 22 -4.19 -8.76 -21.87
C SER A 22 -4.55 -7.68 -20.85
N THR A 23 -4.65 -8.10 -19.60
CA THR A 23 -5.23 -7.25 -18.56
C THR A 23 -4.51 -7.37 -17.23
N GLU A 24 -3.21 -7.63 -17.24
CA GLU A 24 -2.46 -7.73 -16.00
C GLU A 24 -2.08 -6.35 -15.51
N LEU A 25 -1.23 -6.30 -14.48
CA LEU A 25 -0.58 -5.07 -14.06
C LEU A 25 0.80 -5.00 -14.69
N LEU A 26 1.24 -3.78 -14.98
CA LEU A 26 2.45 -3.63 -15.77
C LEU A 26 3.61 -3.05 -14.99
N ILE A 27 3.37 -2.13 -14.08
CA ILE A 27 4.42 -1.72 -13.16
C ILE A 27 4.51 -2.78 -12.08
N ARG A 28 5.71 -3.09 -11.64
CA ARG A 28 5.87 -4.22 -10.74
C ARG A 28 5.70 -3.82 -9.29
N LYS A 29 5.20 -4.80 -8.52
CA LYS A 29 4.52 -4.55 -7.26
C LYS A 29 5.46 -4.01 -6.20
N LEU A 30 6.65 -4.60 -6.08
CA LEU A 30 7.57 -4.20 -5.03
C LEU A 30 8.12 -2.78 -5.21
N PRO A 31 8.63 -2.36 -6.38
CA PRO A 31 9.07 -0.97 -6.46
C PRO A 31 7.93 0.02 -6.46
N PHE A 32 6.74 -0.37 -6.92
CA PHE A 32 5.64 0.57 -6.79
C PHE A 32 5.21 0.72 -5.33
N GLN A 33 5.30 -0.34 -4.54
CA GLN A 33 5.03 -0.23 -3.12
C GLN A 33 6.05 0.66 -2.43
N ARG A 34 7.31 0.54 -2.80
CA ARG A 34 8.30 1.40 -2.16
C ARG A 34 8.12 2.86 -2.53
N LEU A 35 7.68 3.14 -3.76
CA LEU A 35 7.39 4.52 -4.14
C LEU A 35 6.20 5.08 -3.39
N VAL A 36 5.13 4.29 -3.24
CA VAL A 36 3.96 4.72 -2.48
C VAL A 36 4.33 5.03 -1.03
N ARG A 37 5.12 4.15 -0.41
CA ARG A 37 5.50 4.36 0.98
C ARG A 37 6.44 5.54 1.14
N GLU A 38 7.27 5.84 0.14
CA GLU A 38 8.12 7.03 0.22
C GLU A 38 7.30 8.31 0.16
N ILE A 39 6.38 8.40 -0.81
CA ILE A 39 5.58 9.60 -0.96
C ILE A 39 4.66 9.80 0.25
N ALA A 40 4.15 8.72 0.83
CA ALA A 40 3.42 8.83 2.08
C ALA A 40 4.31 9.26 3.23
N GLN A 41 5.59 8.87 3.22
CA GLN A 41 6.52 9.34 4.23
C GLN A 41 6.74 10.84 4.15
N ASP A 42 6.54 11.46 2.99
CA ASP A 42 6.60 12.91 2.98
C ASP A 42 5.43 13.63 3.68
N PHE A 43 4.38 12.94 4.12
CA PHE A 43 3.26 13.62 4.77
C PHE A 43 3.10 13.23 6.23
N LYS A 44 2.94 11.95 6.52
CA LYS A 44 2.81 11.45 7.88
C LYS A 44 3.89 10.41 8.07
N THR A 45 4.80 10.67 9.02
CA THR A 45 6.07 9.97 9.02
C THR A 45 5.95 8.51 9.45
N ASP A 46 4.86 8.13 10.07
CA ASP A 46 4.79 6.83 10.73
C ASP A 46 3.55 6.08 10.31
N LEU A 47 3.29 6.02 9.01
CA LEU A 47 2.10 5.31 8.54
C LEU A 47 2.29 3.81 8.52
N ARG A 48 1.19 3.15 8.20
CA ARG A 48 1.14 1.74 7.87
C ARG A 48 0.19 1.62 6.69
N PHE A 49 0.37 0.59 5.90
CA PHE A 49 -0.45 0.45 4.71
C PHE A 49 -1.22 -0.84 4.73
N GLN A 50 -1.83 -1.12 3.60
CA GLN A 50 -2.53 -2.37 3.40
C GLN A 50 -2.24 -2.83 1.98
N SER A 51 -2.20 -4.14 1.79
CA SER A 51 -1.96 -4.70 0.47
C SER A 51 -3.01 -4.24 -0.53
N SER A 52 -4.26 -4.18 -0.10
CA SER A 52 -5.30 -3.69 -0.98
C SER A 52 -5.21 -2.18 -1.18
N ALA A 53 -4.62 -1.45 -0.24
CA ALA A 53 -4.41 -0.03 -0.45
C ALA A 53 -3.39 0.20 -1.55
N VAL A 54 -2.30 -0.55 -1.53
CA VAL A 54 -1.28 -0.39 -2.55
C VAL A 54 -1.77 -0.90 -3.89
N MET A 55 -2.58 -1.96 -3.89
CA MET A 55 -3.15 -2.41 -5.16
C MET A 55 -4.20 -1.46 -5.71
N ALA A 56 -4.92 -0.74 -4.84
CA ALA A 56 -5.85 0.27 -5.32
C ALA A 56 -5.10 1.43 -5.95
N LEU A 57 -4.02 1.88 -5.31
CA LEU A 57 -3.21 2.92 -5.91
C LEU A 57 -2.57 2.47 -7.22
N GLN A 58 -2.27 1.19 -7.35
CA GLN A 58 -1.62 0.77 -8.58
C GLN A 58 -2.61 0.68 -9.72
N GLU A 59 -3.84 0.20 -9.45
CA GLU A 59 -4.89 0.21 -10.47
C GLU A 59 -5.17 1.63 -10.93
N ALA A 60 -5.26 2.56 -9.98
CA ALA A 60 -5.59 3.94 -10.32
C ALA A 60 -4.49 4.60 -11.13
N SER A 61 -3.23 4.43 -10.72
CA SER A 61 -2.15 5.09 -11.42
C SER A 61 -1.86 4.48 -12.78
N GLU A 62 -2.03 3.16 -12.93
CA GLU A 62 -1.79 2.60 -14.25
C GLU A 62 -2.91 2.96 -15.21
N ALA A 63 -4.16 3.01 -14.74
CA ALA A 63 -5.22 3.47 -15.64
C ALA A 63 -5.06 4.95 -15.98
N TYR A 64 -4.54 5.74 -15.06
CA TYR A 64 -4.27 7.15 -15.35
C TYR A 64 -3.18 7.30 -16.40
N LEU A 65 -2.06 6.58 -16.26
CA LEU A 65 -0.98 6.73 -17.23
C LEU A 65 -1.37 6.18 -18.59
N VAL A 66 -2.23 5.17 -18.65
CA VAL A 66 -2.70 4.71 -19.95
C VAL A 66 -3.61 5.74 -20.62
N ALA A 67 -4.48 6.41 -19.85
CA ALA A 67 -5.29 7.46 -20.46
C ALA A 67 -4.44 8.64 -20.91
N LEU A 68 -3.38 8.95 -20.17
CA LEU A 68 -2.48 10.02 -20.56
C LEU A 68 -1.74 9.69 -21.84
N PHE A 69 -1.38 8.42 -22.03
CA PHE A 69 -0.68 8.11 -23.28
C PHE A 69 -1.62 7.99 -24.45
N GLU A 70 -2.89 7.64 -24.25
CA GLU A 70 -3.84 7.72 -25.36
C GLU A 70 -4.00 9.15 -25.83
N ASP A 71 -4.13 10.09 -24.89
CA ASP A 71 -4.30 11.48 -25.30
C ASP A 71 -3.01 12.07 -25.86
N THR A 72 -1.85 11.63 -25.38
CA THR A 72 -0.62 12.13 -25.97
C THR A 72 -0.35 11.49 -27.33
N ASN A 73 -0.85 10.28 -27.56
CA ASN A 73 -0.76 9.72 -28.89
C ASN A 73 -1.61 10.51 -29.86
N LEU A 74 -2.80 10.93 -29.43
CA LEU A 74 -3.64 11.77 -30.29
C LEU A 74 -2.98 13.09 -30.60
N ALA A 75 -2.34 13.71 -29.61
CA ALA A 75 -1.66 14.98 -29.84
C ALA A 75 -0.47 14.83 -30.77
N ALA A 76 0.29 13.73 -30.63
CA ALA A 76 1.44 13.51 -31.50
C ALA A 76 1.01 13.22 -32.93
N ILE A 77 -0.06 12.45 -33.10
CA ILE A 77 -0.55 12.19 -34.45
C ILE A 77 -1.08 13.46 -35.08
N HIS A 78 -1.70 14.32 -34.28
CA HIS A 78 -2.14 15.62 -34.78
C HIS A 78 -0.97 16.48 -35.22
N ALA A 79 0.18 16.34 -34.59
CA ALA A 79 1.31 17.15 -35.02
C ALA A 79 2.08 16.55 -36.19
N LYS A 80 1.46 15.67 -36.99
CA LYS A 80 2.09 15.01 -38.15
C LYS A 80 3.35 14.25 -37.79
N ARG A 81 3.32 13.56 -36.66
CA ARG A 81 4.46 12.79 -36.22
C ARG A 81 3.98 11.41 -35.82
N VAL A 82 4.93 10.58 -35.41
CA VAL A 82 4.64 9.32 -34.74
C VAL A 82 5.24 9.30 -33.36
N THR A 83 6.48 9.75 -33.23
CA THR A 83 7.19 9.78 -31.96
C THR A 83 6.56 10.79 -31.01
N ILE A 84 6.02 10.31 -29.90
CA ILE A 84 5.56 11.21 -28.86
C ILE A 84 6.77 11.84 -28.19
N MET A 85 6.63 13.07 -27.73
CA MET A 85 7.71 13.89 -27.21
C MET A 85 7.24 14.46 -25.87
N PRO A 86 8.02 15.25 -25.13
CA PRO A 86 7.44 15.79 -23.89
C PRO A 86 6.48 16.93 -24.09
N LYS A 87 6.62 17.67 -25.20
CA LYS A 87 5.82 18.87 -25.41
C LYS A 87 4.34 18.54 -25.57
N ASP A 88 4.01 17.33 -25.98
CA ASP A 88 2.60 17.02 -26.03
C ASP A 88 2.10 16.19 -24.86
N ILE A 89 2.94 15.62 -24.01
CA ILE A 89 2.46 15.25 -22.68
C ILE A 89 2.03 16.51 -21.95
N GLN A 90 2.86 17.55 -22.05
CA GLN A 90 2.50 18.82 -21.43
C GLN A 90 1.30 19.46 -22.11
N LEU A 91 1.12 19.25 -23.41
CA LEU A 91 -0.08 19.76 -24.05
C LEU A 91 -1.33 19.01 -23.60
N ALA A 92 -1.25 17.68 -23.49
CA ALA A 92 -2.40 16.90 -23.05
C ALA A 92 -2.81 17.28 -21.64
N ARG A 93 -1.84 17.56 -20.77
CA ARG A 93 -2.22 18.00 -19.44
C ARG A 93 -2.62 19.45 -19.37
N ARG A 94 -2.18 20.29 -20.32
CA ARG A 94 -2.65 21.66 -20.30
C ARG A 94 -4.09 21.77 -20.78
N ILE A 95 -4.42 21.07 -21.86
CA ILE A 95 -5.78 21.07 -22.38
C ILE A 95 -6.73 20.40 -21.42
N ARG A 96 -6.33 19.23 -20.89
CA ARG A 96 -7.22 18.45 -20.04
C ARG A 96 -7.59 19.18 -18.75
N GLY A 97 -6.70 20.02 -18.27
CA GLY A 97 -6.96 20.83 -17.10
C GLY A 97 -6.00 20.59 -15.97
N GLU A 98 -5.18 19.56 -16.05
CA GLU A 98 -4.37 19.10 -14.93
C GLU A 98 -3.14 19.96 -14.68
N ARG A 99 -2.81 20.87 -15.59
CA ARG A 99 -1.61 21.68 -15.44
C ARG A 99 -1.96 23.12 -15.12
N ALA A 100 -2.78 23.76 -15.96
CA ALA A 100 -3.12 25.16 -15.80
C ALA A 100 -4.41 25.48 -16.57
N ALA B 1 35.03 4.71 1.79
CA ALA B 1 33.95 4.18 2.61
C ALA B 1 32.60 4.72 2.16
N LYS B 2 31.67 3.80 1.86
CA LYS B 2 30.34 4.14 1.37
C LYS B 2 29.31 4.20 2.48
N ARG B 3 29.70 4.68 3.67
CA ARG B 3 28.89 4.55 4.88
C ARG B 3 27.58 5.34 4.84
N HIS B 4 27.47 6.36 3.99
CA HIS B 4 26.18 7.01 3.85
C HIS B 4 25.24 6.13 3.02
N ARG B 5 23.96 6.52 3.01
CA ARG B 5 23.00 5.96 2.07
C ARG B 5 22.86 6.80 0.80
N LYS B 6 23.91 7.55 0.45
CA LYS B 6 23.91 8.30 -0.79
C LYS B 6 24.05 7.38 -1.99
N VAL B 7 24.68 6.22 -1.82
CA VAL B 7 24.97 5.30 -2.91
C VAL B 7 23.95 4.16 -2.88
N LEU B 8 22.82 4.38 -3.56
CA LEU B 8 21.79 3.39 -3.85
C LEU B 8 20.87 4.00 -4.90
N ARG B 9 20.28 3.16 -5.75
CA ARG B 9 19.43 3.64 -6.82
C ARG B 9 18.12 4.19 -6.26
N ASP B 10 17.77 5.40 -6.66
CA ASP B 10 16.66 6.08 -6.01
C ASP B 10 15.30 5.57 -6.50
N ASN B 11 14.34 5.75 -5.61
CA ASN B 11 13.13 4.94 -5.60
C ASN B 11 12.15 5.39 -6.65
N ILE B 12 12.21 6.66 -7.05
CA ILE B 12 11.35 7.13 -8.13
C ILE B 12 11.90 6.65 -9.47
N GLN B 13 13.23 6.60 -9.61
CA GLN B 13 13.81 6.08 -10.84
C GLN B 13 13.69 4.57 -10.93
N GLY B 14 13.29 3.92 -9.83
CA GLY B 14 12.89 2.52 -9.88
C GLY B 14 11.65 2.20 -10.72
N ILE B 15 10.87 3.20 -11.13
CA ILE B 15 9.83 2.98 -12.13
C ILE B 15 10.51 2.95 -13.49
N THR B 16 10.63 1.77 -14.08
CA THR B 16 11.66 1.54 -15.06
C THR B 16 11.26 2.02 -16.44
N LYS B 17 12.28 2.17 -17.28
CA LYS B 17 12.08 2.42 -18.71
C LYS B 17 11.25 1.36 -19.40
N PRO B 18 11.45 0.04 -19.24
CA PRO B 18 10.54 -0.89 -19.91
C PRO B 18 9.14 -0.95 -19.32
N ALA B 19 8.95 -0.54 -18.07
CA ALA B 19 7.57 -0.51 -17.58
C ALA B 19 6.82 0.71 -18.12
N ILE B 20 7.52 1.84 -18.25
CA ILE B 20 6.94 2.99 -18.94
C ILE B 20 6.63 2.64 -20.39
N ARG B 21 7.48 1.84 -21.02
CA ARG B 21 7.19 1.41 -22.38
C ARG B 21 6.02 0.43 -22.45
N ARG B 22 5.78 -0.36 -21.42
CA ARG B 22 4.62 -1.25 -21.48
C ARG B 22 3.32 -0.49 -21.28
N LEU B 23 3.33 0.55 -20.42
CA LEU B 23 2.13 1.39 -20.35
C LEU B 23 1.93 2.21 -21.61
N ALA B 24 3.01 2.57 -22.29
CA ALA B 24 2.87 3.30 -23.54
C ALA B 24 2.32 2.40 -24.63
N ARG B 25 2.90 1.22 -24.83
CA ARG B 25 2.42 0.32 -25.87
C ARG B 25 1.07 -0.25 -25.55
N ARG B 26 0.64 -0.28 -24.29
CA ARG B 26 -0.75 -0.55 -24.02
C ARG B 26 -1.60 0.66 -24.39
N GLY B 27 -1.09 1.86 -24.19
CA GLY B 27 -1.86 3.04 -24.50
C GLY B 27 -2.09 3.24 -25.98
N GLY B 28 -1.14 2.85 -26.81
CA GLY B 28 -1.36 2.90 -28.23
C GLY B 28 -0.19 3.50 -28.97
N VAL B 29 0.91 3.71 -28.29
CA VAL B 29 2.01 4.46 -28.83
C VAL B 29 2.84 3.55 -29.71
N LYS B 30 3.32 4.05 -30.84
CA LYS B 30 4.16 3.25 -31.72
C LYS B 30 5.64 3.59 -31.61
N ARG B 31 5.98 4.81 -31.20
CA ARG B 31 7.38 5.20 -31.16
C ARG B 31 7.54 6.28 -30.10
N ILE B 32 8.55 6.17 -29.26
CA ILE B 32 8.63 6.91 -28.00
C ILE B 32 9.93 7.67 -27.96
N SER B 33 9.90 8.96 -27.63
CA SER B 33 11.14 9.69 -27.53
C SER B 33 11.86 9.35 -26.24
N GLY B 34 12.95 10.04 -25.97
CA GLY B 34 13.83 9.64 -24.91
C GLY B 34 13.66 10.45 -23.65
N LEU B 35 12.81 11.47 -23.71
CA LEU B 35 12.57 12.34 -22.57
C LEU B 35 11.19 12.10 -21.98
N ILE B 36 10.41 11.23 -22.64
CA ILE B 36 9.16 10.68 -22.14
C ILE B 36 9.35 10.04 -20.79
N TYR B 37 10.50 9.43 -20.56
CA TYR B 37 10.75 8.67 -19.35
C TYR B 37 10.77 9.58 -18.14
N GLU B 38 11.57 10.64 -18.20
CA GLU B 38 11.59 11.66 -17.15
C GLU B 38 10.23 12.35 -17.00
N GLU B 39 9.55 12.62 -18.12
CA GLU B 39 8.28 13.34 -18.03
C GLU B 39 7.17 12.50 -17.40
N THR B 40 7.03 11.25 -17.83
CA THR B 40 6.02 10.35 -17.28
C THR B 40 6.31 10.04 -15.83
N ARG B 41 7.58 10.00 -15.47
CA ARG B 41 7.92 9.78 -14.08
C ARG B 41 7.53 10.97 -13.21
N GLY B 42 7.72 12.20 -13.72
CA GLY B 42 7.25 13.38 -13.01
C GLY B 42 5.73 13.44 -12.88
N VAL B 43 5.02 13.04 -13.94
CA VAL B 43 3.55 13.02 -13.93
C VAL B 43 3.03 12.05 -12.89
N LEU B 44 3.58 10.83 -12.88
CA LEU B 44 3.18 9.83 -11.88
C LEU B 44 3.47 10.29 -10.47
N LYS B 45 4.60 10.97 -10.26
CA LYS B 45 4.93 11.49 -8.95
C LYS B 45 3.90 12.50 -8.45
N VAL B 46 3.51 13.45 -9.31
CA VAL B 46 2.54 14.47 -8.90
C VAL B 46 1.17 13.88 -8.62
N PHE B 47 0.73 12.95 -9.47
CA PHE B 47 -0.57 12.32 -9.25
C PHE B 47 -0.62 11.51 -7.95
N LEU B 48 0.43 10.74 -7.67
CA LEU B 48 0.47 10.03 -6.40
C LEU B 48 0.53 10.97 -5.22
N GLU B 49 1.16 12.15 -5.37
CA GLU B 49 1.17 13.09 -4.26
C GLU B 49 -0.22 13.57 -3.93
N ASN B 50 -1.03 13.87 -4.94
CA ASN B 50 -2.39 14.34 -4.67
C ASN B 50 -3.23 13.25 -4.00
N VAL B 51 -3.19 12.03 -4.54
CA VAL B 51 -4.04 10.98 -3.99
C VAL B 51 -3.59 10.56 -2.59
N ILE B 52 -2.29 10.52 -2.36
CA ILE B 52 -1.84 10.05 -1.05
C ILE B 52 -1.98 11.15 0.00
N ARG B 53 -1.97 12.44 -0.36
CA ARG B 53 -2.28 13.41 0.70
C ARG B 53 -3.77 13.40 1.04
N ASP B 54 -4.64 13.06 0.09
CA ASP B 54 -6.04 12.93 0.47
C ASP B 54 -6.27 11.69 1.32
N ALA B 55 -5.58 10.60 1.02
CA ALA B 55 -5.80 9.38 1.81
C ALA B 55 -5.23 9.52 3.21
N VAL B 56 -4.12 10.23 3.37
CA VAL B 56 -3.61 10.51 4.70
C VAL B 56 -4.57 11.41 5.47
N THR B 57 -5.22 12.36 4.81
CA THR B 57 -6.18 13.21 5.53
C THR B 57 -7.41 12.43 5.99
N TYR B 58 -7.95 11.56 5.14
CA TYR B 58 -9.06 10.70 5.56
C TYR B 58 -8.67 9.77 6.71
N THR B 59 -7.47 9.21 6.66
CA THR B 59 -7.02 8.31 7.70
C THR B 59 -6.82 9.03 9.02
N GLU B 60 -6.13 10.16 9.00
CA GLU B 60 -5.93 10.95 10.22
C GLU B 60 -7.24 11.44 10.80
N HIS B 61 -8.24 11.71 9.96
CA HIS B 61 -9.53 12.08 10.52
C HIS B 61 -10.18 10.88 11.19
N ALA B 62 -10.02 9.69 10.63
CA ALA B 62 -10.65 8.55 11.27
C ALA B 62 -9.90 8.07 12.50
N LYS B 63 -8.80 8.73 12.85
CA LYS B 63 -7.96 8.43 14.01
C LYS B 63 -7.42 7.01 13.96
N ARG B 64 -6.62 6.76 12.93
CA ARG B 64 -5.89 5.52 12.81
C ARG B 64 -4.63 5.82 12.02
N LYS B 65 -3.78 4.80 11.85
CA LYS B 65 -2.50 4.96 11.18
C LYS B 65 -2.33 3.98 10.03
N THR B 66 -3.40 3.35 9.59
CA THR B 66 -3.37 2.33 8.55
C THR B 66 -4.22 2.82 7.39
N VAL B 67 -3.56 3.29 6.34
CA VAL B 67 -4.24 3.77 5.15
C VAL B 67 -4.92 2.60 4.46
N THR B 68 -6.22 2.65 4.32
CA THR B 68 -6.93 1.48 3.84
C THR B 68 -7.46 1.64 2.42
N ALA B 69 -8.07 0.56 1.96
CA ALA B 69 -8.65 0.52 0.64
C ALA B 69 -9.77 1.52 0.49
N MET B 70 -10.67 1.57 1.46
CA MET B 70 -11.78 2.52 1.41
C MET B 70 -11.29 3.95 1.48
N ASP B 71 -10.19 4.21 2.17
CA ASP B 71 -9.67 5.56 2.21
C ASP B 71 -9.11 5.98 0.87
N VAL B 72 -8.40 5.08 0.18
CA VAL B 72 -7.90 5.44 -1.14
C VAL B 72 -9.05 5.57 -2.13
N VAL B 73 -10.09 4.76 -1.98
CA VAL B 73 -11.22 4.83 -2.89
C VAL B 73 -12.01 6.11 -2.70
N TYR B 74 -12.14 6.58 -1.45
CA TYR B 74 -12.80 7.86 -1.21
C TYR B 74 -11.96 9.01 -1.74
N ALA B 75 -10.63 8.89 -1.65
CA ALA B 75 -9.78 9.95 -2.16
C ALA B 75 -9.87 10.06 -3.67
N LEU B 76 -9.93 8.93 -4.37
CA LEU B 76 -10.09 8.97 -5.82
C LEU B 76 -11.47 9.43 -6.20
N LYS B 77 -12.47 9.13 -5.38
CA LYS B 77 -13.81 9.59 -5.66
C LYS B 77 -13.90 11.10 -5.57
N ARG B 78 -13.17 11.72 -4.66
CA ARG B 78 -13.19 13.18 -4.69
C ARG B 78 -12.14 13.78 -5.59
N GLN B 79 -11.22 12.99 -6.13
CA GLN B 79 -10.41 13.48 -7.24
C GLN B 79 -11.19 13.56 -8.54
N GLY B 80 -12.38 12.98 -8.60
CA GLY B 80 -13.08 12.76 -9.85
C GLY B 80 -12.70 11.49 -10.55
N ARG B 81 -11.86 10.67 -9.94
CA ARG B 81 -11.22 9.52 -10.59
C ARG B 81 -11.84 8.20 -10.16
N THR B 82 -13.18 8.13 -10.08
CA THR B 82 -13.92 7.07 -9.40
C THR B 82 -13.52 5.66 -9.81
N LEU B 83 -13.25 4.81 -8.82
CA LEU B 83 -12.72 3.47 -9.02
C LEU B 83 -13.72 2.42 -8.56
N TYR B 84 -14.03 1.47 -9.43
CA TYR B 84 -14.84 0.35 -8.97
C TYR B 84 -13.94 -0.79 -8.52
N GLY B 85 -14.54 -1.79 -7.91
CA GLY B 85 -13.82 -2.99 -7.58
C GLY B 85 -13.47 -3.20 -6.13
N PHE B 86 -13.03 -2.14 -5.46
CA PHE B 86 -12.45 -2.25 -4.13
C PHE B 86 -13.34 -1.68 -3.04
N GLY B 87 -14.20 -0.73 -3.38
CA GLY B 87 -15.13 -0.20 -2.41
C GLY B 87 -16.46 -0.88 -2.47
N GLY B 88 -16.68 -1.84 -1.57
CA GLY B 88 -17.92 -2.59 -1.54
C GLY B 88 -19.12 -1.78 -1.07
N ARG C 3 -31.64 36.74 33.13
CA ARG C 3 -31.44 36.89 31.70
C ARG C 3 -30.34 37.90 31.41
N ALA C 4 -29.56 37.63 30.36
CA ALA C 4 -28.65 38.63 29.84
C ALA C 4 -29.40 39.55 28.89
N LYS C 5 -28.71 40.56 28.37
CA LYS C 5 -29.37 41.40 27.38
C LYS C 5 -29.39 40.69 26.02
N ALA C 6 -28.23 40.46 25.42
CA ALA C 6 -28.01 39.68 24.20
C ALA C 6 -26.51 39.60 23.98
N LYS C 7 -26.05 38.43 23.57
CA LYS C 7 -24.70 38.28 23.03
C LYS C 7 -24.87 37.47 21.77
N THR C 8 -24.63 38.07 20.61
CA THR C 8 -24.64 37.28 19.40
C THR C 8 -23.41 36.38 19.41
N ARG C 9 -23.61 35.17 18.90
CA ARG C 9 -22.57 34.16 18.93
C ARG C 9 -21.40 34.58 18.06
N SER C 10 -21.70 35.35 17.00
CA SER C 10 -20.68 36.01 16.21
C SER C 10 -19.86 36.98 17.06
N SER C 11 -20.50 37.67 18.00
CA SER C 11 -19.75 38.60 18.83
C SER C 11 -18.91 37.87 19.86
N ARG C 12 -19.40 36.74 20.36
CA ARG C 12 -18.58 35.93 21.27
C ARG C 12 -17.35 35.41 20.57
N ALA C 13 -17.51 34.90 19.36
CA ALA C 13 -16.33 34.36 18.67
C ALA C 13 -15.50 35.45 18.02
N GLY C 14 -15.99 36.67 17.91
CA GLY C 14 -15.22 37.72 17.29
C GLY C 14 -15.29 37.74 15.79
N LEU C 15 -16.29 37.10 15.20
CA LEU C 15 -16.41 36.99 13.76
C LEU C 15 -17.25 38.14 13.23
N GLN C 16 -17.61 38.06 11.96
CA GLN C 16 -18.57 38.96 11.35
C GLN C 16 -19.76 38.23 10.75
N PHE C 17 -19.58 36.99 10.31
CA PHE C 17 -20.64 36.26 9.65
C PHE C 17 -21.68 35.76 10.67
N PRO C 18 -22.91 35.47 10.21
CA PRO C 18 -23.97 35.06 11.14
C PRO C 18 -23.93 33.60 11.54
N VAL C 19 -23.30 33.29 12.67
CA VAL C 19 -23.20 31.92 13.15
C VAL C 19 -24.58 31.31 13.39
N GLY C 20 -25.58 32.14 13.71
CA GLY C 20 -26.94 31.60 13.82
C GLY C 20 -27.50 31.15 12.49
N ARG C 21 -27.24 31.93 11.44
CA ARG C 21 -27.73 31.55 10.13
C ARG C 21 -26.96 30.36 9.60
N VAL C 22 -25.67 30.29 9.89
CA VAL C 22 -24.86 29.14 9.52
C VAL C 22 -25.35 27.90 10.26
N HIS C 23 -25.76 28.06 11.51
CA HIS C 23 -26.18 26.91 12.29
C HIS C 23 -27.52 26.39 11.82
N ARG C 24 -28.45 27.26 11.44
CA ARG C 24 -29.70 26.72 10.92
C ARG C 24 -29.54 26.16 9.52
N LEU C 25 -28.59 26.67 8.74
CA LEU C 25 -28.38 26.09 7.42
C LEU C 25 -27.74 24.72 7.51
N LEU C 26 -26.77 24.54 8.41
CA LEU C 26 -26.25 23.20 8.66
C LEU C 26 -27.28 22.32 9.32
N ARG C 27 -28.21 22.92 10.05
CA ARG C 27 -29.20 22.14 10.79
C ARG C 27 -30.22 21.52 9.85
N LYS C 28 -30.82 22.33 9.00
CA LYS C 28 -31.89 21.83 8.15
C LYS C 28 -31.53 21.83 6.67
N GLY C 29 -30.25 21.81 6.35
CA GLY C 29 -29.87 21.51 5.00
C GLY C 29 -29.70 20.04 4.73
N ASN C 30 -30.01 19.19 5.72
CA ASN C 30 -29.85 17.74 5.68
C ASN C 30 -28.42 17.33 5.35
N TYR C 31 -27.51 17.72 6.25
CA TYR C 31 -26.14 17.28 6.10
C TYR C 31 -25.82 16.13 7.04
N ALA C 32 -26.20 16.24 8.30
CA ALA C 32 -26.25 15.09 9.19
C ALA C 32 -27.38 15.36 10.16
N GLU C 33 -27.62 14.43 11.08
CA GLU C 33 -28.72 14.65 12.00
C GLU C 33 -28.32 15.65 13.08
N ARG C 34 -27.35 15.29 13.90
CA ARG C 34 -26.90 16.18 14.94
C ARG C 34 -25.85 17.11 14.39
N VAL C 35 -25.90 18.37 14.81
CA VAL C 35 -24.93 19.36 14.39
C VAL C 35 -24.33 19.97 15.63
N GLY C 36 -23.01 19.93 15.74
CA GLY C 36 -22.35 20.37 16.95
C GLY C 36 -22.45 21.86 17.15
N ALA C 37 -21.94 22.30 18.30
CA ALA C 37 -22.05 23.69 18.67
C ALA C 37 -20.79 24.50 18.43
N GLY C 38 -19.69 23.83 18.08
CA GLY C 38 -18.49 24.55 17.70
C GLY C 38 -18.31 24.58 16.20
N ALA C 39 -18.99 23.66 15.51
CA ALA C 39 -18.93 23.55 14.06
C ALA C 39 -19.44 24.76 13.28
N PRO C 40 -20.58 25.38 13.62
CA PRO C 40 -20.92 26.63 12.93
C PRO C 40 -19.95 27.76 13.21
N VAL C 41 -19.32 27.81 14.37
CA VAL C 41 -18.31 28.83 14.63
C VAL C 41 -17.11 28.63 13.74
N TYR C 42 -16.66 27.38 13.61
CA TYR C 42 -15.52 27.08 12.76
C TYR C 42 -15.83 27.41 11.30
N LEU C 43 -17.04 27.09 10.87
CA LEU C 43 -17.38 27.28 9.47
C LEU C 43 -17.55 28.74 9.12
N ALA C 44 -18.19 29.51 10.00
CA ALA C 44 -18.30 30.94 9.79
C ALA C 44 -16.93 31.61 9.80
N ALA C 45 -15.99 31.06 10.57
CA ALA C 45 -14.64 31.60 10.57
C ALA C 45 -13.95 31.38 9.23
N VAL C 46 -14.05 30.16 8.72
CA VAL C 46 -13.52 29.82 7.39
C VAL C 46 -14.09 30.72 6.31
N LEU C 47 -15.41 30.94 6.36
CA LEU C 47 -16.07 31.73 5.33
C LEU C 47 -15.68 33.20 5.41
N GLU C 48 -15.59 33.76 6.62
CA GLU C 48 -15.16 35.15 6.76
C GLU C 48 -13.75 35.33 6.23
N TYR C 49 -12.89 34.32 6.44
CA TYR C 49 -11.54 34.40 5.88
C TYR C 49 -11.54 34.44 4.36
N LEU C 50 -12.29 33.53 3.73
CA LEU C 50 -12.28 33.47 2.27
C LEU C 50 -12.88 34.74 1.64
N THR C 51 -13.94 35.27 2.25
CA THR C 51 -14.51 36.52 1.75
C THR C 51 -13.56 37.70 1.93
N ALA C 52 -12.84 37.75 3.06
CA ALA C 52 -11.89 38.83 3.26
C ALA C 52 -10.75 38.76 2.27
N GLU C 53 -10.31 37.55 1.94
CA GLU C 53 -9.24 37.37 0.96
C GLU C 53 -9.65 37.82 -0.43
N ILE C 54 -10.83 37.39 -0.88
CA ILE C 54 -11.32 37.75 -2.21
C ILE C 54 -11.50 39.26 -2.32
N LEU C 55 -12.14 39.88 -1.32
CA LEU C 55 -12.39 41.31 -1.38
C LEU C 55 -11.12 42.11 -1.29
N GLU C 56 -10.11 41.61 -0.57
CA GLU C 56 -8.84 42.33 -0.50
C GLU C 56 -8.14 42.34 -1.83
N LEU C 57 -8.12 41.21 -2.53
CA LEU C 57 -7.45 41.21 -3.83
C LEU C 57 -8.23 42.00 -4.88
N ALA C 58 -9.56 41.99 -4.81
CA ALA C 58 -10.36 42.77 -5.75
C ALA C 58 -10.19 44.26 -5.50
N GLY C 59 -10.15 44.68 -4.23
CA GLY C 59 -9.91 46.07 -3.93
C GLY C 59 -8.53 46.53 -4.31
N ASN C 60 -7.54 45.64 -4.26
CA ASN C 60 -6.22 46.02 -4.73
C ASN C 60 -6.21 46.22 -6.24
N ALA C 61 -6.94 45.37 -6.97
CA ALA C 61 -7.02 45.58 -8.41
C ALA C 61 -7.80 46.84 -8.77
N ALA C 62 -8.83 47.17 -8.00
CA ALA C 62 -9.56 48.41 -8.26
C ALA C 62 -8.73 49.63 -7.92
N ARG C 63 -7.87 49.53 -6.90
CA ARG C 63 -6.83 50.53 -6.68
C ARG C 63 -5.94 50.66 -7.91
N ASP C 64 -5.57 49.53 -8.51
CA ASP C 64 -4.68 49.56 -9.67
C ASP C 64 -5.33 50.17 -10.90
N ASN C 65 -6.65 50.09 -11.03
CA ASN C 65 -7.32 50.69 -12.17
C ASN C 65 -8.01 51.99 -11.82
N LYS C 66 -7.59 52.67 -10.75
CA LYS C 66 -8.06 53.98 -10.31
C LYS C 66 -9.54 54.01 -9.96
N LYS C 67 -10.17 52.87 -9.75
CA LYS C 67 -11.59 52.77 -9.46
C LYS C 67 -11.82 52.63 -7.96
N THR C 68 -12.94 53.16 -7.49
CA THR C 68 -13.33 53.00 -6.10
C THR C 68 -14.58 52.13 -5.94
N ARG C 69 -15.05 51.52 -7.02
CA ARG C 69 -16.19 50.62 -6.95
C ARG C 69 -15.75 49.29 -7.55
N ILE C 70 -15.98 48.21 -6.82
CA ILE C 70 -15.41 46.92 -7.16
C ILE C 70 -16.37 46.18 -8.08
N ILE C 71 -15.91 45.83 -9.27
CA ILE C 71 -16.78 45.37 -10.34
C ILE C 71 -16.43 43.91 -10.63
N PRO C 72 -17.30 43.18 -11.35
CA PRO C 72 -16.99 41.77 -11.63
C PRO C 72 -15.73 41.54 -12.43
N ARG C 73 -15.34 42.48 -13.27
CA ARG C 73 -14.03 42.45 -13.90
C ARG C 73 -12.92 42.42 -12.86
N HIS C 74 -13.07 43.20 -11.79
CA HIS C 74 -12.05 43.26 -10.76
C HIS C 74 -11.98 41.95 -9.99
N LEU C 75 -13.14 41.35 -9.70
CA LEU C 75 -13.13 40.04 -9.05
C LEU C 75 -12.52 38.97 -9.95
N GLN C 76 -12.79 39.04 -11.26
CA GLN C 76 -12.20 38.09 -12.20
C GLN C 76 -10.69 38.22 -12.24
N LEU C 77 -10.18 39.45 -12.24
CA LEU C 77 -8.73 39.66 -12.28
C LEU C 77 -8.06 39.17 -11.02
N ALA C 78 -8.66 39.46 -9.86
CA ALA C 78 -8.12 38.98 -8.58
C ALA C 78 -8.07 37.46 -8.53
N VAL C 79 -9.16 36.82 -8.93
CA VAL C 79 -9.26 35.36 -8.87
C VAL C 79 -8.30 34.70 -9.84
N ARG C 80 -8.33 35.08 -11.11
CA ARG C 80 -7.47 34.37 -12.04
C ARG C 80 -6.03 34.81 -11.99
N ASN C 81 -5.70 35.84 -11.22
CA ASN C 81 -4.30 36.17 -11.01
C ASN C 81 -3.71 35.60 -9.74
N ASP C 82 -4.53 35.25 -8.75
CA ASP C 82 -4.02 34.47 -7.62
C ASP C 82 -4.10 32.99 -7.95
N GLU C 83 -2.97 32.28 -7.79
CA GLU C 83 -2.90 30.90 -8.25
C GLU C 83 -3.76 29.97 -7.41
N GLU C 84 -3.87 30.24 -6.11
CA GLU C 84 -4.63 29.34 -5.25
C GLU C 84 -6.13 29.55 -5.40
N LEU C 85 -6.57 30.80 -5.51
CA LEU C 85 -7.97 31.06 -5.81
C LEU C 85 -8.34 30.60 -7.21
N ASN C 86 -7.38 30.60 -8.13
CA ASN C 86 -7.61 30.01 -9.44
C ASN C 86 -7.78 28.51 -9.35
N LYS C 87 -7.07 27.87 -8.43
CA LYS C 87 -7.21 26.42 -8.28
C LYS C 87 -8.52 26.07 -7.61
N LEU C 88 -8.98 26.90 -6.67
CA LEU C 88 -10.27 26.70 -6.03
C LEU C 88 -11.41 26.98 -7.00
N LEU C 89 -11.36 28.13 -7.67
CA LEU C 89 -12.38 28.52 -8.64
C LEU C 89 -11.93 28.15 -10.04
N GLY C 90 -11.73 26.86 -10.25
CA GLY C 90 -11.26 26.38 -11.51
C GLY C 90 -12.38 26.16 -12.50
N ARG C 91 -13.51 25.66 -12.03
CA ARG C 91 -14.64 25.35 -12.89
C ARG C 91 -15.73 26.42 -12.80
N VAL C 92 -15.35 27.67 -12.57
CA VAL C 92 -16.29 28.70 -12.17
C VAL C 92 -16.26 29.82 -13.19
N THR C 93 -17.44 30.26 -13.63
CA THR C 93 -17.58 31.37 -14.54
C THR C 93 -18.11 32.55 -13.77
N ILE C 94 -17.21 33.45 -13.37
CA ILE C 94 -17.63 34.72 -12.81
C ILE C 94 -18.22 35.55 -13.93
N ALA C 95 -19.52 35.83 -13.84
CA ALA C 95 -20.23 36.56 -14.88
C ALA C 95 -19.72 37.98 -15.00
N GLN C 96 -19.81 38.52 -16.22
CA GLN C 96 -19.19 39.78 -16.63
C GLN C 96 -17.70 39.78 -16.32
N GLY C 97 -17.04 38.67 -16.60
CA GLY C 97 -15.64 38.57 -16.29
C GLY C 97 -14.69 39.01 -17.38
N GLY C 98 -14.84 38.49 -18.57
CA GLY C 98 -13.77 38.62 -19.53
C GLY C 98 -12.69 37.62 -19.21
N VAL C 99 -11.52 37.81 -19.81
CA VAL C 99 -10.42 36.89 -19.56
C VAL C 99 -9.25 37.66 -18.98
N LEU C 100 -8.17 36.96 -18.67
CA LEU C 100 -6.93 37.63 -18.36
C LEU C 100 -6.34 38.22 -19.63
N PRO C 101 -5.77 39.40 -19.57
CA PRO C 101 -5.13 39.96 -20.76
C PRO C 101 -3.83 39.23 -21.07
N ASN C 102 -3.91 38.34 -22.06
CA ASN C 102 -2.86 37.38 -22.34
C ASN C 102 -2.77 37.17 -23.84
N ILE C 103 -1.56 37.29 -24.37
CA ILE C 103 -1.26 37.02 -25.78
C ILE C 103 -0.17 35.95 -25.81
N GLN C 104 -0.29 35.00 -26.73
CA GLN C 104 0.76 34.03 -26.92
C GLN C 104 2.03 34.68 -27.48
N SER C 105 3.14 33.97 -27.38
CA SER C 105 4.42 34.53 -27.76
C SER C 105 4.81 34.25 -29.20
N VAL C 106 4.14 33.30 -29.86
CA VAL C 106 4.37 33.11 -31.29
C VAL C 106 3.71 34.21 -32.09
N LEU C 107 2.55 34.68 -31.63
CA LEU C 107 1.71 35.59 -32.39
C LEU C 107 2.23 37.01 -32.43
N LEU C 108 3.26 37.33 -31.68
CA LEU C 108 3.87 38.65 -31.77
C LEU C 108 4.53 38.81 -33.14
N PRO C 109 4.57 40.05 -33.65
CA PRO C 109 5.17 40.26 -34.97
C PRO C 109 6.68 40.04 -34.95
N LYS C 110 7.23 39.78 -36.13
CA LYS C 110 8.65 39.51 -36.29
C LYS C 110 9.47 40.72 -35.88
N LYS C 111 10.37 40.52 -34.91
CA LYS C 111 11.16 41.63 -34.38
C LYS C 111 12.15 42.14 -35.42
N THR C 112 12.64 41.27 -36.30
CA THR C 112 13.38 41.67 -37.47
C THR C 112 12.48 41.62 -38.70
N GLU C 113 12.64 42.61 -39.58
CA GLU C 113 11.81 42.70 -40.77
C GLU C 113 12.53 43.46 -41.88
N GLY D 1 -46.64 50.56 -3.24
CA GLY D 1 -47.23 49.26 -3.50
C GLY D 1 -48.24 48.84 -2.46
N LYS D 2 -49.39 48.35 -2.93
CA LYS D 2 -50.44 47.87 -2.05
C LYS D 2 -50.02 46.56 -1.39
N LYS D 3 -50.37 46.42 -0.10
CA LYS D 3 -49.82 45.43 0.82
C LYS D 3 -50.05 43.98 0.39
N ARG D 4 -48.95 43.30 0.02
CA ARG D 4 -49.01 41.91 -0.40
C ARG D 4 -47.88 41.07 0.18
N ARG D 5 -47.10 41.62 1.12
CA ARG D 5 -45.98 40.96 1.79
C ARG D 5 -44.94 40.49 0.78
N LYS D 6 -44.15 41.43 0.27
CA LYS D 6 -42.91 41.12 -0.44
C LYS D 6 -42.09 40.12 0.37
N THR D 7 -41.89 38.94 -0.21
CA THR D 7 -41.36 37.80 0.53
C THR D 7 -39.90 38.00 0.87
N ARG D 8 -39.56 37.84 2.14
CA ARG D 8 -38.17 38.00 2.58
C ARG D 8 -37.32 36.86 2.07
N LYS D 9 -36.21 37.20 1.43
CA LYS D 9 -35.18 36.25 1.09
C LYS D 9 -33.86 36.78 1.62
N GLU D 10 -33.13 35.93 2.34
CA GLU D 10 -31.90 36.34 3.00
C GLU D 10 -30.70 36.23 2.05
N SER D 11 -29.63 36.90 2.44
CA SER D 11 -28.39 36.83 1.70
C SER D 11 -27.25 37.01 2.69
N TYR D 12 -26.05 37.26 2.16
CA TYR D 12 -24.89 37.56 2.98
C TYR D 12 -24.40 38.98 2.76
N ALA D 13 -25.28 39.85 2.26
CA ALA D 13 -24.84 41.07 1.62
C ALA D 13 -24.33 42.10 2.63
N ILE D 14 -25.05 42.25 3.74
CA ILE D 14 -24.57 43.18 4.76
C ILE D 14 -23.29 42.68 5.39
N TYR D 15 -23.11 41.36 5.45
CA TYR D 15 -21.93 40.80 6.08
C TYR D 15 -20.72 40.97 5.20
N VAL D 16 -20.90 40.80 3.89
CA VAL D 16 -19.82 41.05 2.94
C VAL D 16 -19.48 42.54 2.95
N TYR D 17 -20.48 43.40 3.12
CA TYR D 17 -20.19 44.82 3.17
C TYR D 17 -19.42 45.20 4.43
N LYS D 18 -19.74 44.55 5.56
CA LYS D 18 -18.95 44.71 6.79
C LYS D 18 -17.50 44.32 6.57
N VAL D 19 -17.26 43.16 5.96
CA VAL D 19 -15.90 42.67 5.79
C VAL D 19 -15.13 43.55 4.80
N LEU D 20 -15.83 44.09 3.81
CA LEU D 20 -15.18 45.00 2.88
C LEU D 20 -14.80 46.30 3.56
N LYS D 21 -15.67 46.83 4.42
CA LYS D 21 -15.28 48.03 5.14
C LYS D 21 -14.22 47.76 6.18
N GLN D 22 -14.03 46.51 6.60
CA GLN D 22 -12.83 46.20 7.37
C GLN D 22 -11.59 46.28 6.50
N VAL D 23 -11.52 45.47 5.44
CA VAL D 23 -10.26 45.31 4.72
C VAL D 23 -9.94 46.45 3.76
N HIS D 24 -10.88 47.36 3.52
CA HIS D 24 -10.70 48.58 2.75
C HIS D 24 -11.67 49.64 3.26
N PRO D 25 -11.20 50.68 3.92
CA PRO D 25 -12.13 51.65 4.51
C PRO D 25 -12.81 52.55 3.50
N ASP D 26 -12.35 52.61 2.26
CA ASP D 26 -12.80 53.66 1.35
C ASP D 26 -13.14 53.14 -0.04
N THR D 27 -13.71 51.94 -0.14
CA THR D 27 -14.03 51.37 -1.43
C THR D 27 -15.43 50.80 -1.40
N GLY D 28 -16.29 51.28 -2.28
CA GLY D 28 -17.60 50.68 -2.42
C GLY D 28 -17.54 49.44 -3.27
N ILE D 29 -18.65 48.71 -3.26
CA ILE D 29 -18.76 47.52 -4.09
C ILE D 29 -20.01 47.67 -4.94
N SER D 30 -20.02 47.01 -6.09
CA SER D 30 -21.12 47.10 -7.00
C SER D 30 -22.22 46.13 -6.61
N SER D 31 -23.38 46.28 -7.25
CA SER D 31 -24.48 45.36 -6.97
C SER D 31 -24.22 43.98 -7.57
N LYS D 32 -23.73 43.94 -8.80
CA LYS D 32 -23.48 42.65 -9.42
C LYS D 32 -22.31 41.93 -8.75
N ALA D 33 -21.31 42.68 -8.28
CA ALA D 33 -20.25 42.05 -7.53
C ALA D 33 -20.72 41.61 -6.15
N MET D 34 -21.69 42.31 -5.58
CA MET D 34 -22.30 41.81 -4.35
C MET D 34 -23.00 40.49 -4.59
N SER D 35 -23.67 40.35 -5.73
CA SER D 35 -24.31 39.07 -6.02
C SER D 35 -23.31 37.97 -6.30
N ILE D 36 -22.15 38.31 -6.87
CA ILE D 36 -21.12 37.30 -7.08
C ILE D 36 -20.52 36.84 -5.75
N MET D 37 -20.29 37.77 -4.83
CA MET D 37 -19.80 37.36 -3.51
C MET D 37 -20.83 36.53 -2.76
N ASN D 38 -22.11 36.82 -2.94
CA ASN D 38 -23.17 36.03 -2.32
C ASN D 38 -23.16 34.59 -2.86
N SER D 39 -23.11 34.43 -4.19
CA SER D 39 -23.09 33.08 -4.74
C SER D 39 -21.80 32.34 -4.41
N PHE D 40 -20.70 33.07 -4.23
CA PHE D 40 -19.46 32.44 -3.79
C PHE D 40 -19.55 31.89 -2.38
N VAL D 41 -20.14 32.67 -1.46
CA VAL D 41 -20.27 32.23 -0.08
C VAL D 41 -21.19 31.02 0.00
N ASN D 42 -22.29 31.02 -0.76
CA ASN D 42 -23.14 29.83 -0.79
C ASN D 42 -22.44 28.63 -1.38
N ASP D 43 -21.59 28.84 -2.38
CA ASP D 43 -20.90 27.72 -3.02
C ASP D 43 -19.90 27.08 -2.08
N VAL D 44 -19.09 27.89 -1.41
CA VAL D 44 -18.07 27.36 -0.51
C VAL D 44 -18.71 26.74 0.72
N PHE D 45 -19.82 27.32 1.19
CA PHE D 45 -20.59 26.71 2.27
C PHE D 45 -21.09 25.33 1.88
N GLU D 46 -21.66 25.21 0.67
CA GLU D 46 -22.22 23.94 0.26
C GLU D 46 -21.16 22.89 -0.01
N ARG D 47 -19.99 23.28 -0.51
CA ARG D 47 -18.90 22.33 -0.68
C ARG D 47 -18.39 21.80 0.65
N ILE D 48 -18.12 22.71 1.60
CA ILE D 48 -17.54 22.29 2.88
C ILE D 48 -18.54 21.45 3.67
N ALA D 49 -19.81 21.83 3.65
CA ALA D 49 -20.74 21.05 4.44
C ALA D 49 -21.12 19.75 3.75
N GLY D 50 -21.02 19.67 2.42
CA GLY D 50 -21.21 18.39 1.76
C GLY D 50 -20.10 17.42 2.07
N GLU D 51 -18.86 17.92 2.16
CA GLU D 51 -17.76 17.03 2.46
C GLU D 51 -17.79 16.58 3.91
N ALA D 52 -18.25 17.44 4.82
CA ALA D 52 -18.42 17.01 6.20
C ALA D 52 -19.56 16.01 6.34
N SER D 53 -20.58 16.11 5.49
CA SER D 53 -21.62 15.10 5.49
C SER D 53 -21.08 13.74 5.05
N ARG D 54 -20.22 13.74 4.04
CA ARG D 54 -19.65 12.47 3.59
C ARG D 54 -18.71 11.88 4.63
N LEU D 55 -17.97 12.72 5.36
CA LEU D 55 -17.12 12.16 6.41
C LEU D 55 -17.94 11.58 7.56
N ALA D 56 -19.06 12.24 7.89
CA ALA D 56 -19.96 11.71 8.90
C ALA D 56 -20.52 10.36 8.51
N HIS D 57 -20.86 10.17 7.24
CA HIS D 57 -21.38 8.85 6.90
C HIS D 57 -20.28 7.82 6.74
N TYR D 58 -19.05 8.24 6.43
CA TYR D 58 -17.98 7.26 6.29
C TYR D 58 -17.58 6.72 7.64
N ASN D 59 -17.35 7.60 8.59
CA ASN D 59 -16.88 7.18 9.90
C ASN D 59 -18.01 6.75 10.80
N LYS D 60 -19.23 6.68 10.28
CA LYS D 60 -20.42 6.16 10.94
C LYS D 60 -20.76 6.92 12.21
N ARG D 61 -20.32 8.16 12.29
CA ARG D 61 -20.87 9.10 13.23
C ARG D 61 -22.25 9.53 12.77
N SER D 62 -22.86 10.40 13.54
CA SER D 62 -24.09 11.03 13.12
C SER D 62 -24.08 12.50 13.45
N THR D 63 -22.89 13.09 13.54
CA THR D 63 -22.75 14.42 14.09
C THR D 63 -21.63 15.16 13.39
N ILE D 64 -21.95 16.34 12.88
CA ILE D 64 -20.96 17.23 12.29
C ILE D 64 -20.34 18.05 13.40
N THR D 65 -19.04 17.92 13.58
CA THR D 65 -18.37 18.64 14.64
C THR D 65 -17.30 19.55 14.05
N SER D 66 -16.53 20.17 14.95
CA SER D 66 -15.41 21.00 14.56
C SER D 66 -14.36 20.18 13.84
N ARG D 67 -14.22 18.90 14.17
CA ARG D 67 -13.20 18.10 13.49
C ARG D 67 -13.64 17.72 12.08
N GLU D 68 -14.93 17.47 11.86
CA GLU D 68 -15.35 17.19 10.48
C GLU D 68 -15.30 18.43 9.62
N ILE D 69 -15.57 19.61 10.19
CA ILE D 69 -15.41 20.80 9.36
C ILE D 69 -13.93 21.09 9.13
N GLN D 70 -13.05 20.76 10.08
CA GLN D 70 -11.62 20.98 9.88
C GLN D 70 -11.08 20.08 8.79
N THR D 71 -11.57 18.86 8.74
CA THR D 71 -11.12 17.95 7.71
C THR D 71 -11.72 18.31 6.35
N ALA D 72 -12.94 18.85 6.31
CA ALA D 72 -13.46 19.32 5.04
C ALA D 72 -12.66 20.51 4.51
N VAL D 73 -12.16 21.38 5.41
CA VAL D 73 -11.26 22.45 5.00
C VAL D 73 -9.98 21.88 4.38
N ARG D 74 -9.37 20.90 5.05
CA ARG D 74 -8.14 20.32 4.53
C ARG D 74 -8.36 19.53 3.25
N LEU D 75 -9.57 19.07 2.97
CA LEU D 75 -9.79 18.43 1.69
C LEU D 75 -10.00 19.45 0.59
N LEU D 76 -10.92 20.39 0.78
CA LEU D 76 -11.32 21.26 -0.33
C LEU D 76 -10.31 22.36 -0.61
N LEU D 77 -9.70 22.95 0.41
CA LEU D 77 -8.97 24.15 0.01
C LEU D 77 -7.52 23.80 -0.32
N PRO D 78 -6.96 24.44 -1.34
CA PRO D 78 -5.55 24.19 -1.66
C PRO D 78 -4.65 24.86 -0.65
N GLY D 79 -3.49 24.24 -0.45
CA GLY D 79 -2.27 24.86 0.08
C GLY D 79 -2.33 25.87 1.20
N GLU D 80 -1.89 27.08 0.86
CA GLU D 80 -1.78 28.13 1.85
C GLU D 80 -3.15 28.64 2.29
N LEU D 81 -4.15 28.54 1.41
CA LEU D 81 -5.52 28.83 1.83
C LEU D 81 -6.00 27.87 2.89
N ALA D 82 -5.70 26.59 2.72
CA ALA D 82 -6.08 25.58 3.71
C ALA D 82 -5.37 25.82 5.03
N LYS D 83 -4.11 26.26 4.97
CA LYS D 83 -3.37 26.53 6.19
C LYS D 83 -3.95 27.73 6.95
N HIS D 84 -4.15 28.85 6.26
CA HIS D 84 -4.67 30.01 6.97
C HIS D 84 -6.13 29.83 7.36
N ALA D 85 -6.89 29.02 6.61
CA ALA D 85 -8.28 28.77 6.97
C ALA D 85 -8.39 27.92 8.22
N VAL D 86 -7.55 26.90 8.35
CA VAL D 86 -7.51 26.11 9.57
C VAL D 86 -7.07 26.98 10.75
N SER D 87 -6.11 27.88 10.52
CA SER D 87 -5.66 28.77 11.60
C SER D 87 -6.78 29.69 12.07
N GLU D 88 -7.52 30.29 11.13
CA GLU D 88 -8.62 31.19 11.49
C GLU D 88 -9.73 30.44 12.20
N GLY D 89 -10.06 29.24 11.74
CA GLY D 89 -11.13 28.48 12.36
C GLY D 89 -10.81 28.05 13.77
N THR D 90 -9.59 27.58 14.00
CA THR D 90 -9.22 27.15 15.34
C THR D 90 -9.11 28.34 16.28
N LYS D 91 -8.62 29.48 15.78
CA LYS D 91 -8.59 30.68 16.61
C LYS D 91 -9.99 31.13 17.00
N ALA D 92 -10.93 31.08 16.07
CA ALA D 92 -12.28 31.54 16.40
C ALA D 92 -13.01 30.55 17.29
N VAL D 93 -12.75 29.26 17.17
CA VAL D 93 -13.47 28.36 18.06
C VAL D 93 -12.85 28.37 19.46
N THR D 94 -11.54 28.65 19.60
CA THR D 94 -11.02 28.77 20.95
C THR D 94 -11.40 30.09 21.59
N LYS D 95 -11.46 31.17 20.81
CA LYS D 95 -11.96 32.43 21.36
C LYS D 95 -13.44 32.33 21.69
N TYR D 96 -14.18 31.47 20.99
CA TYR D 96 -15.56 31.21 21.37
C TYR D 96 -15.65 30.43 22.66
N THR D 97 -14.89 29.34 22.77
CA THR D 97 -15.06 28.44 23.89
C THR D 97 -14.51 29.04 25.18
N SER D 98 -13.31 29.61 25.13
CA SER D 98 -12.70 30.17 26.32
C SER D 98 -13.42 31.44 26.78
N ALA D 99 -13.39 32.47 25.95
CA ALA D 99 -14.09 33.69 26.27
C ALA D 99 -15.59 33.46 26.08
N LYS D 100 -16.31 33.40 27.20
CA LYS D 100 -17.76 33.15 27.27
C LYS D 100 -18.16 31.83 26.62
N LYS E 2 -5.71 56.58 -50.37
CA LYS E 2 -4.38 56.34 -49.81
C LYS E 2 -4.15 54.84 -49.67
N PRO E 3 -2.93 54.39 -50.01
CA PRO E 3 -2.56 52.98 -49.81
C PRO E 3 -2.07 52.67 -48.39
N HIS E 4 -2.79 53.18 -47.39
CA HIS E 4 -2.41 52.96 -46.00
C HIS E 4 -3.17 51.75 -45.46
N ARG E 5 -2.88 50.60 -46.05
CA ARG E 5 -3.46 49.34 -45.63
C ARG E 5 -2.44 48.63 -44.77
N TYR E 6 -2.83 48.30 -43.54
CA TYR E 6 -1.96 47.55 -42.64
C TYR E 6 -1.72 46.15 -43.19
N ARG E 7 -0.54 45.63 -42.94
CA ARG E 7 -0.31 44.23 -43.23
C ARG E 7 -1.08 43.40 -42.20
N PRO E 8 -1.52 42.19 -42.59
CA PRO E 8 -2.22 41.33 -41.63
C PRO E 8 -1.33 40.95 -40.46
N GLY E 9 -1.89 41.06 -39.25
CA GLY E 9 -1.13 40.91 -38.04
C GLY E 9 -1.28 42.09 -37.10
N THR E 10 -1.26 43.30 -37.65
CA THR E 10 -1.38 44.47 -36.79
C THR E 10 -2.82 44.63 -36.30
N VAL E 11 -3.78 44.56 -37.21
CA VAL E 11 -5.17 44.74 -36.83
C VAL E 11 -5.65 43.54 -36.02
N ALA E 12 -5.08 42.37 -36.29
CA ALA E 12 -5.38 41.19 -35.50
C ALA E 12 -4.91 41.35 -34.06
N LEU E 13 -3.69 41.83 -33.86
CA LEU E 13 -3.23 42.05 -32.50
C LEU E 13 -3.99 43.17 -31.80
N ARG E 14 -4.43 44.20 -32.51
CA ARG E 14 -5.16 45.23 -31.77
C ARG E 14 -6.58 44.78 -31.44
N GLU E 15 -7.16 43.88 -32.22
CA GLU E 15 -8.43 43.31 -31.78
C GLU E 15 -8.25 42.34 -30.63
N ILE E 16 -7.12 41.62 -30.59
CA ILE E 16 -6.80 40.79 -29.43
C ILE E 16 -6.74 41.64 -28.17
N ARG E 17 -6.07 42.80 -28.25
CA ARG E 17 -5.94 43.68 -27.10
C ARG E 17 -7.28 44.26 -26.66
N ARG E 18 -8.07 44.78 -27.59
CA ARG E 18 -9.29 45.45 -27.16
C ARG E 18 -10.36 44.46 -26.70
N TYR E 19 -10.46 43.28 -27.32
CA TYR E 19 -11.48 42.36 -26.87
C TYR E 19 -11.07 41.55 -25.66
N GLN E 20 -9.79 41.52 -25.31
CA GLN E 20 -9.48 41.01 -23.98
C GLN E 20 -9.57 42.06 -22.92
N LYS E 21 -9.43 43.35 -23.27
CA LYS E 21 -9.57 44.37 -22.25
C LYS E 21 -11.03 44.66 -21.94
N SER E 22 -11.92 44.51 -22.91
CA SER E 22 -13.34 44.75 -22.65
C SER E 22 -13.97 43.56 -21.93
N THR E 23 -15.24 43.71 -21.59
CA THR E 23 -15.94 42.74 -20.77
C THR E 23 -17.36 42.42 -21.21
N GLU E 24 -17.92 43.14 -22.18
CA GLU E 24 -19.32 42.95 -22.51
C GLU E 24 -19.53 41.68 -23.32
N LEU E 25 -20.79 41.38 -23.58
CA LEU E 25 -21.15 40.24 -24.40
C LEU E 25 -20.83 40.50 -25.86
N LEU E 26 -20.65 39.41 -26.61
CA LEU E 26 -20.16 39.48 -27.97
C LEU E 26 -21.09 38.89 -29.01
N ILE E 27 -22.04 38.07 -28.62
CA ILE E 27 -23.08 37.62 -29.54
C ILE E 27 -24.29 38.51 -29.34
N ARG E 28 -24.97 38.86 -30.43
CA ARG E 28 -26.07 39.81 -30.38
C ARG E 28 -27.26 39.18 -29.66
N LYS E 29 -27.91 40.00 -28.84
CA LYS E 29 -28.84 39.50 -27.84
C LYS E 29 -30.09 38.93 -28.45
N LEU E 30 -30.68 39.60 -29.41
CA LEU E 30 -31.90 39.09 -30.03
C LEU E 30 -31.70 37.82 -30.88
N PRO E 31 -30.65 37.69 -31.73
CA PRO E 31 -30.49 36.41 -32.42
C PRO E 31 -30.09 35.28 -31.51
N PHE E 32 -29.31 35.56 -30.46
CA PHE E 32 -29.06 34.52 -29.46
C PHE E 32 -30.35 34.09 -28.79
N GLN E 33 -31.24 35.03 -28.51
CA GLN E 33 -32.49 34.68 -27.86
C GLN E 33 -33.38 33.85 -28.77
N ARG E 34 -33.41 34.17 -30.07
CA ARG E 34 -34.22 33.35 -30.97
C ARG E 34 -33.64 31.96 -31.11
N LEU E 35 -32.32 31.83 -31.05
CA LEU E 35 -31.67 30.52 -31.04
C LEU E 35 -32.09 29.70 -29.84
N VAL E 36 -32.04 30.30 -28.65
CA VAL E 36 -32.36 29.58 -27.43
C VAL E 36 -33.82 29.16 -27.42
N ARG E 37 -34.70 30.05 -27.87
CA ARG E 37 -36.12 29.72 -27.85
C ARG E 37 -36.46 28.66 -28.88
N GLU E 38 -35.71 28.59 -30.00
CA GLU E 38 -35.90 27.47 -30.92
C GLU E 38 -35.46 26.14 -30.33
N ILE E 39 -34.25 26.10 -29.75
CA ILE E 39 -33.72 24.86 -29.19
C ILE E 39 -34.59 24.38 -28.04
N ALA E 40 -35.10 25.30 -27.23
CA ALA E 40 -36.02 24.90 -26.18
C ALA E 40 -37.38 24.54 -26.73
N GLN E 41 -37.74 25.03 -27.91
CA GLN E 41 -39.00 24.63 -28.51
C GLN E 41 -38.95 23.21 -29.02
N ASP E 42 -37.74 22.66 -29.20
CA ASP E 42 -37.66 21.21 -29.42
C ASP E 42 -38.16 20.39 -28.23
N PHE E 43 -38.04 20.90 -27.01
CA PHE E 43 -38.26 20.07 -25.83
C PHE E 43 -39.58 20.29 -25.13
N LYS E 44 -40.28 21.37 -25.45
CA LYS E 44 -41.50 21.76 -24.76
C LYS E 44 -42.14 22.85 -25.60
N THR E 45 -43.47 22.89 -25.60
CA THR E 45 -44.19 23.68 -26.59
C THR E 45 -44.28 25.15 -26.18
N ASP E 46 -44.78 25.42 -24.98
CA ASP E 46 -45.21 26.77 -24.63
C ASP E 46 -44.36 27.39 -23.54
N LEU E 47 -43.04 27.30 -23.65
CA LEU E 47 -42.19 27.82 -22.59
C LEU E 47 -42.17 29.33 -22.60
N ARG E 48 -41.67 29.89 -21.49
CA ARG E 48 -41.47 31.31 -21.34
C ARG E 48 -40.12 31.51 -20.69
N PHE E 49 -39.39 32.52 -21.12
CA PHE E 49 -38.03 32.71 -20.67
C PHE E 49 -37.89 34.01 -19.92
N GLN E 50 -37.48 33.91 -18.67
CA GLN E 50 -37.04 35.07 -17.93
C GLN E 50 -35.77 35.61 -18.57
N SER E 51 -35.64 36.94 -18.58
CA SER E 51 -34.53 37.56 -19.27
C SER E 51 -33.21 37.24 -18.58
N SER E 52 -33.23 37.08 -17.27
CA SER E 52 -32.04 36.61 -16.58
C SER E 52 -31.70 35.18 -16.95
N ALA E 53 -32.69 34.38 -17.34
CA ALA E 53 -32.38 33.03 -17.79
C ALA E 53 -31.70 33.05 -19.15
N VAL E 54 -32.16 33.93 -20.03
CA VAL E 54 -31.51 34.04 -21.34
C VAL E 54 -30.12 34.62 -21.21
N MET E 55 -29.93 35.62 -20.35
CA MET E 55 -28.59 36.18 -20.20
C MET E 55 -27.65 35.25 -19.46
N ALA E 56 -28.18 34.38 -18.60
CA ALA E 56 -27.33 33.36 -17.98
C ALA E 56 -26.86 32.35 -19.01
N LEU E 57 -27.74 31.94 -19.91
CA LEU E 57 -27.34 31.10 -21.04
C LEU E 57 -26.30 31.77 -21.90
N GLN E 58 -26.39 33.09 -22.06
CA GLN E 58 -25.43 33.76 -22.92
C GLN E 58 -24.06 33.86 -22.27
N GLU E 59 -24.01 34.14 -20.97
CA GLU E 59 -22.74 34.17 -20.26
C GLU E 59 -22.07 32.80 -20.29
N ALA E 60 -22.86 31.74 -20.09
CA ALA E 60 -22.29 30.40 -20.07
C ALA E 60 -21.75 30.01 -21.42
N SER E 61 -22.52 30.26 -22.48
CA SER E 61 -22.09 29.88 -23.83
C SER E 61 -20.87 30.67 -24.27
N GLU E 62 -20.79 31.95 -23.94
CA GLU E 62 -19.63 32.68 -24.41
C GLU E 62 -18.39 32.39 -23.59
N ALA E 63 -18.50 32.06 -22.31
CA ALA E 63 -17.31 31.62 -21.60
C ALA E 63 -16.86 30.25 -22.09
N TYR E 64 -17.80 29.42 -22.51
CA TYR E 64 -17.47 28.12 -23.09
C TYR E 64 -16.71 28.27 -24.40
N LEU E 65 -17.19 29.14 -25.28
CA LEU E 65 -16.52 29.28 -26.57
C LEU E 65 -15.21 30.00 -26.46
N VAL E 66 -15.06 30.96 -25.54
CA VAL E 66 -13.77 31.59 -25.35
C VAL E 66 -12.75 30.59 -24.80
N ALA E 67 -13.15 29.73 -23.86
CA ALA E 67 -12.19 28.75 -23.37
C ALA E 67 -11.84 27.71 -24.42
N LEU E 68 -12.81 27.34 -25.25
CA LEU E 68 -12.55 26.38 -26.32
C LEU E 68 -11.61 26.97 -27.37
N PHE E 69 -11.76 28.24 -27.68
CA PHE E 69 -10.83 28.80 -28.63
C PHE E 69 -9.45 29.03 -28.02
N GLU E 70 -9.36 29.19 -26.70
CA GLU E 70 -8.02 29.20 -26.10
C GLU E 70 -7.33 27.85 -26.26
N ASP E 71 -8.07 26.76 -26.07
CA ASP E 71 -7.43 25.45 -26.25
C ASP E 71 -7.16 25.15 -27.72
N THR E 72 -7.97 25.68 -28.62
CA THR E 72 -7.67 25.50 -30.04
C THR E 72 -6.48 26.33 -30.46
N ASN E 73 -6.26 27.49 -29.84
CA ASN E 73 -5.06 28.24 -30.14
C ASN E 73 -3.83 27.52 -29.65
N LEU E 74 -3.92 26.85 -28.50
CA LEU E 74 -2.78 26.05 -28.04
C LEU E 74 -2.51 24.87 -28.96
N ALA E 75 -3.55 24.18 -29.42
CA ALA E 75 -3.33 23.07 -30.34
C ALA E 75 -2.79 23.53 -31.69
N ALA E 76 -3.25 24.67 -32.18
CA ALA E 76 -2.75 25.15 -33.46
C ALA E 76 -1.32 25.63 -33.37
N ILE E 77 -0.93 26.23 -32.25
CA ILE E 77 0.49 26.56 -32.10
C ILE E 77 1.32 25.31 -31.95
N HIS E 78 0.78 24.28 -31.30
CA HIS E 78 1.49 23.01 -31.17
C HIS E 78 1.69 22.32 -32.51
N ALA E 79 0.76 22.46 -33.44
CA ALA E 79 0.93 21.80 -34.72
C ALA E 79 1.80 22.57 -35.70
N LYS E 80 2.58 23.53 -35.23
CA LYS E 80 3.37 24.47 -36.03
C LYS E 80 2.50 25.19 -37.05
N ARG E 81 1.55 25.97 -36.54
CA ARG E 81 0.68 26.78 -37.36
C ARG E 81 0.37 28.07 -36.61
N VAL E 82 -0.47 28.90 -37.22
CA VAL E 82 -1.03 30.08 -36.58
C VAL E 82 -2.55 30.00 -36.75
N THR E 83 -2.98 29.36 -37.82
CA THR E 83 -4.39 29.27 -38.15
C THR E 83 -5.08 28.16 -37.39
N ILE E 84 -6.17 28.47 -36.71
CA ILE E 84 -6.97 27.44 -36.08
C ILE E 84 -7.83 26.77 -37.14
N MET E 85 -8.10 25.48 -36.95
CA MET E 85 -8.76 24.69 -37.98
C MET E 85 -9.80 23.77 -37.35
N PRO E 86 -10.68 23.15 -38.14
CA PRO E 86 -11.64 22.21 -37.56
C PRO E 86 -11.00 21.00 -36.96
N LYS E 87 -9.84 20.58 -37.47
CA LYS E 87 -9.21 19.39 -36.92
C LYS E 87 -8.73 19.62 -35.49
N ASP E 88 -8.31 20.84 -35.15
CA ASP E 88 -7.97 21.05 -33.76
C ASP E 88 -9.11 21.53 -32.88
N ILE E 89 -10.21 22.06 -33.43
CA ILE E 89 -11.40 22.14 -32.58
C ILE E 89 -11.84 20.75 -32.16
N GLN E 90 -11.83 19.80 -33.11
CA GLN E 90 -12.15 18.42 -32.78
C GLN E 90 -11.14 17.82 -31.83
N LEU E 91 -9.88 18.25 -31.92
CA LEU E 91 -8.86 17.73 -31.03
C LEU E 91 -9.08 18.16 -29.59
N ALA E 92 -9.35 19.46 -29.36
CA ALA E 92 -9.54 19.90 -27.99
C ALA E 92 -10.84 19.36 -27.42
N ARG E 93 -11.88 19.21 -28.24
CA ARG E 93 -13.08 18.58 -27.73
C ARG E 93 -12.98 17.08 -27.60
N ARG E 94 -11.90 16.46 -28.09
CA ARG E 94 -11.70 15.07 -27.78
C ARG E 94 -10.81 14.86 -26.57
N ILE E 95 -9.71 15.62 -26.48
CA ILE E 95 -8.81 15.49 -25.35
C ILE E 95 -9.47 15.97 -24.07
N ARG E 96 -10.32 17.00 -24.17
CA ARG E 96 -11.04 17.51 -23.01
C ARG E 96 -12.07 16.52 -22.49
N GLY E 97 -12.79 15.85 -23.37
CA GLY E 97 -13.71 14.82 -22.93
C GLY E 97 -15.07 14.87 -23.58
N GLU E 98 -15.39 16.00 -24.21
CA GLU E 98 -16.77 16.32 -24.57
C GLU E 98 -17.32 15.50 -25.72
N ARG E 99 -16.48 14.89 -26.54
CA ARG E 99 -16.94 14.22 -27.75
C ARG E 99 -16.81 12.71 -27.66
N ALA E 100 -15.60 12.21 -27.43
CA ALA E 100 -15.37 10.78 -27.41
C ALA E 100 -15.27 10.29 -25.98
N LEU F 8 -39.54 30.16 -37.19
CA LEU F 8 -38.20 29.99 -36.63
C LEU F 8 -37.42 28.96 -37.41
N ARG F 9 -36.98 29.35 -38.60
CA ARG F 9 -36.31 28.47 -39.54
C ARG F 9 -34.83 28.83 -39.62
N ASP F 10 -33.97 27.91 -39.14
CA ASP F 10 -32.51 28.00 -39.21
C ASP F 10 -32.00 29.30 -38.56
N ASN F 11 -32.21 29.40 -37.26
CA ASN F 11 -31.79 30.58 -36.53
C ASN F 11 -30.35 30.50 -36.08
N ILE F 12 -29.71 29.34 -36.24
CA ILE F 12 -28.32 29.15 -35.83
C ILE F 12 -27.39 30.06 -36.62
N GLN F 13 -27.75 30.39 -37.86
CA GLN F 13 -26.97 31.35 -38.63
C GLN F 13 -27.17 32.79 -38.18
N GLY F 14 -28.02 33.02 -37.18
CA GLY F 14 -28.05 34.31 -36.52
C GLY F 14 -26.79 34.59 -35.71
N ILE F 15 -26.03 33.56 -35.37
CA ILE F 15 -24.68 33.74 -34.86
C ILE F 15 -23.84 34.21 -36.04
N THR F 16 -23.58 35.50 -36.12
CA THR F 16 -22.99 36.04 -37.31
C THR F 16 -21.52 35.69 -37.38
N LYS F 17 -20.98 35.74 -38.59
CA LYS F 17 -19.55 35.46 -38.77
C LYS F 17 -18.61 36.41 -38.02
N PRO F 18 -18.79 37.73 -37.97
CA PRO F 18 -17.91 38.53 -37.12
C PRO F 18 -18.13 38.34 -35.64
N ALA F 19 -19.24 37.74 -35.20
CA ALA F 19 -19.40 37.44 -33.79
C ALA F 19 -18.46 36.32 -33.37
N ILE F 20 -18.41 35.25 -34.16
CA ILE F 20 -17.46 34.17 -33.92
C ILE F 20 -16.04 34.67 -34.06
N ARG F 21 -15.81 35.59 -34.99
CA ARG F 21 -14.48 36.17 -35.10
C ARG F 21 -14.14 37.01 -33.87
N ARG F 22 -15.12 37.67 -33.25
CA ARG F 22 -14.86 38.44 -32.04
C ARG F 22 -14.60 37.55 -30.83
N LEU F 23 -15.33 36.44 -30.69
CA LEU F 23 -15.06 35.52 -29.60
C LEU F 23 -13.68 34.90 -29.75
N ALA F 24 -13.29 34.60 -30.98
CA ALA F 24 -11.95 34.10 -31.20
C ALA F 24 -10.89 35.15 -30.91
N ARG F 25 -11.17 36.42 -31.15
CA ARG F 25 -10.19 37.44 -30.79
C ARG F 25 -10.07 37.60 -29.30
N ARG F 26 -11.17 37.43 -28.56
CA ARG F 26 -11.06 37.39 -27.11
C ARG F 26 -10.27 36.17 -26.67
N GLY F 27 -10.44 35.05 -27.36
CA GLY F 27 -9.72 33.84 -27.02
C GLY F 27 -8.23 33.92 -27.31
N GLY F 28 -7.80 34.86 -28.12
CA GLY F 28 -6.40 35.00 -28.45
C GLY F 28 -6.01 34.40 -29.77
N VAL F 29 -6.94 34.21 -30.68
CA VAL F 29 -6.67 33.61 -31.97
C VAL F 29 -6.27 34.69 -32.95
N LYS F 30 -5.09 34.57 -33.54
CA LYS F 30 -4.63 35.58 -34.46
C LYS F 30 -5.26 35.43 -35.84
N ARG F 31 -5.53 34.21 -36.26
CA ARG F 31 -5.91 33.98 -37.65
C ARG F 31 -6.74 32.72 -37.74
N ILE F 32 -7.85 32.80 -38.45
CA ILE F 32 -8.93 31.83 -38.37
C ILE F 32 -9.11 31.22 -39.75
N SER F 33 -9.55 29.97 -39.80
CA SER F 33 -9.88 29.34 -41.06
C SER F 33 -11.26 29.78 -41.52
N GLY F 34 -11.77 29.09 -42.53
CA GLY F 34 -13.03 29.48 -43.11
C GLY F 34 -14.05 28.40 -42.87
N LEU F 35 -13.60 27.29 -42.32
CA LEU F 35 -14.47 26.20 -41.94
C LEU F 35 -14.65 26.12 -40.43
N ILE F 36 -14.16 27.12 -39.71
CA ILE F 36 -14.43 27.27 -38.29
C ILE F 36 -15.90 27.58 -38.05
N TYR F 37 -16.55 28.17 -39.04
CA TYR F 37 -17.81 28.84 -38.79
C TYR F 37 -18.95 27.85 -38.59
N GLU F 38 -19.14 26.93 -39.53
CA GLU F 38 -20.14 25.89 -39.38
C GLU F 38 -19.80 24.97 -38.22
N GLU F 39 -18.52 24.81 -37.93
CA GLU F 39 -18.10 23.92 -36.86
C GLU F 39 -18.43 24.50 -35.49
N THR F 40 -18.16 25.78 -35.28
CA THR F 40 -18.48 26.39 -34.00
C THR F 40 -19.98 26.54 -33.82
N ARG F 41 -20.72 26.71 -34.93
CA ARG F 41 -22.17 26.70 -34.79
C ARG F 41 -22.69 25.33 -34.37
N GLY F 42 -22.08 24.26 -34.87
CA GLY F 42 -22.42 22.93 -34.37
C GLY F 42 -22.06 22.72 -32.92
N VAL F 43 -20.89 23.24 -32.51
CA VAL F 43 -20.43 23.09 -31.13
C VAL F 43 -21.36 23.83 -30.16
N LEU F 44 -21.70 25.07 -30.51
CA LEU F 44 -22.59 25.88 -29.69
C LEU F 44 -23.98 25.26 -29.61
N LYS F 45 -24.43 24.65 -30.70
CA LYS F 45 -25.74 24.03 -30.66
C LYS F 45 -25.75 22.79 -29.78
N VAL F 46 -24.66 22.03 -29.75
CA VAL F 46 -24.63 20.86 -28.86
C VAL F 46 -24.61 21.29 -27.39
N PHE F 47 -23.82 22.32 -27.07
CA PHE F 47 -23.76 22.81 -25.69
C PHE F 47 -25.09 23.39 -25.24
N LEU F 48 -25.78 24.11 -26.12
CA LEU F 48 -27.06 24.64 -25.70
C LEU F 48 -28.11 23.56 -25.61
N GLU F 49 -28.06 22.51 -26.45
CA GLU F 49 -29.04 21.44 -26.32
C GLU F 49 -28.90 20.73 -24.99
N ASN F 50 -27.65 20.54 -24.53
CA ASN F 50 -27.48 19.87 -23.23
C ASN F 50 -27.94 20.74 -22.07
N VAL F 51 -27.54 22.02 -22.05
CA VAL F 51 -27.94 22.88 -20.92
C VAL F 51 -29.45 23.08 -20.90
N ILE F 52 -30.06 23.27 -22.06
CA ILE F 52 -31.47 23.60 -22.06
C ILE F 52 -32.31 22.36 -21.84
N ARG F 53 -31.82 21.18 -22.21
CA ARG F 53 -32.51 19.95 -21.85
C ARG F 53 -32.53 19.77 -20.35
N ASP F 54 -31.41 20.03 -19.67
CA ASP F 54 -31.40 19.85 -18.22
C ASP F 54 -32.23 20.92 -17.51
N ALA F 55 -32.21 22.17 -18.00
CA ALA F 55 -32.99 23.20 -17.32
C ALA F 55 -34.48 23.04 -17.55
N VAL F 56 -34.90 22.55 -18.71
CA VAL F 56 -36.31 22.27 -18.90
C VAL F 56 -36.73 21.02 -18.13
N THR F 57 -35.80 20.11 -17.82
CA THR F 57 -36.15 19.03 -16.91
C THR F 57 -36.44 19.55 -15.50
N TYR F 58 -35.62 20.48 -15.02
CA TYR F 58 -35.91 21.10 -13.71
C TYR F 58 -37.24 21.84 -13.71
N THR F 59 -37.55 22.54 -14.80
CA THR F 59 -38.80 23.29 -14.84
C THR F 59 -40.02 22.38 -14.96
N GLU F 60 -39.97 21.35 -15.81
CA GLU F 60 -41.06 20.38 -15.89
C GLU F 60 -41.27 19.65 -14.58
N HIS F 61 -40.22 19.46 -13.79
CA HIS F 61 -40.42 18.90 -12.47
C HIS F 61 -41.11 19.89 -11.55
N ALA F 62 -40.77 21.17 -11.65
CA ALA F 62 -41.32 22.11 -10.69
C ALA F 62 -42.76 22.50 -10.97
N LYS F 63 -43.41 21.89 -11.97
CA LYS F 63 -44.77 22.21 -12.42
C LYS F 63 -44.92 23.68 -12.76
N ARG F 64 -43.90 24.25 -13.35
CA ARG F 64 -43.99 25.59 -13.88
C ARG F 64 -44.03 25.51 -15.40
N LYS F 65 -44.16 26.66 -16.04
CA LYS F 65 -44.10 26.79 -17.48
C LYS F 65 -43.19 27.94 -17.85
N THR F 66 -42.06 28.01 -17.15
CA THR F 66 -41.16 29.15 -17.24
C THR F 66 -39.76 28.72 -16.86
N VAL F 67 -38.83 28.82 -17.80
CA VAL F 67 -37.41 28.72 -17.48
C VAL F 67 -37.01 29.92 -16.65
N THR F 68 -36.31 29.70 -15.55
CA THR F 68 -35.82 30.79 -14.75
C THR F 68 -34.30 30.75 -14.64
N ALA F 69 -33.79 31.79 -14.00
CA ALA F 69 -32.36 31.94 -13.83
C ALA F 69 -31.82 30.83 -12.95
N MET F 70 -32.60 30.42 -11.96
CA MET F 70 -32.17 29.33 -11.10
C MET F 70 -32.15 28.01 -11.84
N ASP F 71 -33.08 27.80 -12.78
CA ASP F 71 -33.06 26.55 -13.54
C ASP F 71 -31.85 26.48 -14.44
N VAL F 72 -31.49 27.60 -15.07
CA VAL F 72 -30.28 27.61 -15.88
C VAL F 72 -29.05 27.41 -15.02
N VAL F 73 -29.01 28.03 -13.84
CA VAL F 73 -27.86 27.89 -12.96
C VAL F 73 -27.73 26.45 -12.47
N TYR F 74 -28.84 25.80 -12.17
CA TYR F 74 -28.78 24.42 -11.69
C TYR F 74 -28.36 23.46 -12.79
N ALA F 75 -28.83 23.69 -14.02
CA ALA F 75 -28.41 22.87 -15.16
C ALA F 75 -26.92 23.01 -15.42
N LEU F 76 -26.42 24.24 -15.38
CA LEU F 76 -25.00 24.47 -15.56
C LEU F 76 -24.18 23.85 -14.43
N LYS F 77 -24.69 23.86 -13.21
CA LYS F 77 -23.92 23.34 -12.09
C LYS F 77 -23.84 21.83 -12.12
N ARG F 78 -24.95 21.17 -12.43
CA ARG F 78 -24.87 19.72 -12.51
C ARG F 78 -24.16 19.27 -13.78
N GLN F 79 -24.01 20.13 -14.77
CA GLN F 79 -23.15 19.76 -15.87
C GLN F 79 -21.67 19.85 -15.48
N GLY F 80 -21.31 20.90 -14.76
CA GLY F 80 -19.95 21.03 -14.28
C GLY F 80 -19.50 22.47 -14.33
N ARG F 81 -20.27 23.30 -15.02
CA ARG F 81 -19.91 24.69 -15.26
C ARG F 81 -20.62 25.53 -14.22
N THR F 82 -19.94 25.85 -13.13
CA THR F 82 -20.57 26.68 -12.12
C THR F 82 -20.58 28.11 -12.59
N LEU F 83 -21.64 28.84 -12.27
CA LEU F 83 -21.86 30.19 -12.79
C LEU F 83 -22.20 31.12 -11.65
N TYR F 84 -21.33 32.08 -11.37
CA TYR F 84 -21.55 33.02 -10.28
C TYR F 84 -22.13 34.30 -10.83
N GLY F 85 -23.21 34.76 -10.23
CA GLY F 85 -23.67 36.11 -10.50
C GLY F 85 -25.13 36.21 -10.85
N PHE F 86 -25.85 35.10 -10.81
CA PHE F 86 -27.26 35.12 -11.16
C PHE F 86 -28.12 34.58 -10.04
N GLY F 87 -27.63 34.69 -8.81
CA GLY F 87 -28.42 34.35 -7.65
C GLY F 87 -28.14 32.95 -7.15
N GLY F 88 -27.43 32.84 -6.03
CA GLY F 88 -27.21 31.55 -5.41
C GLY F 88 -26.26 30.63 -6.14
N LYS G 1 -52.40 -12.32 16.81
CA LYS G 1 -51.89 -13.11 15.70
C LYS G 1 -51.60 -12.29 14.46
N THR G 2 -50.38 -12.42 13.95
CA THR G 2 -49.98 -11.76 12.72
C THR G 2 -50.65 -12.43 11.54
N ARG G 3 -51.19 -11.62 10.61
CA ARG G 3 -52.02 -12.12 9.53
C ARG G 3 -51.25 -13.00 8.56
N ALA G 4 -50.32 -12.42 7.79
CA ALA G 4 -49.48 -13.19 6.88
C ALA G 4 -48.20 -12.40 6.68
N LYS G 5 -47.17 -12.72 7.47
CA LYS G 5 -45.88 -12.05 7.32
C LYS G 5 -45.14 -12.68 6.15
N ALA G 6 -45.56 -12.28 4.95
CA ALA G 6 -44.96 -12.72 3.73
C ALA G 6 -45.22 -11.64 2.69
N LYS G 7 -44.82 -11.93 1.44
CA LYS G 7 -44.91 -11.02 0.30
C LYS G 7 -44.20 -9.71 0.61
N THR G 8 -42.88 -9.83 0.69
CA THR G 8 -42.00 -8.67 0.68
C THR G 8 -42.29 -7.76 -0.50
N ARG G 9 -42.00 -6.47 -0.32
CA ARG G 9 -42.37 -5.45 -1.30
C ARG G 9 -41.64 -5.63 -2.62
N SER G 10 -40.53 -6.34 -2.63
CA SER G 10 -39.92 -6.78 -3.87
C SER G 10 -40.84 -7.72 -4.64
N SER G 11 -41.62 -8.54 -3.94
CA SER G 11 -42.44 -9.51 -4.61
C SER G 11 -43.72 -8.93 -5.17
N ARG G 12 -44.19 -7.82 -4.62
CA ARG G 12 -45.43 -7.22 -5.11
C ARG G 12 -45.21 -6.55 -6.46
N ALA G 13 -44.15 -5.76 -6.57
CA ALA G 13 -43.83 -5.14 -7.85
C ALA G 13 -43.19 -6.10 -8.82
N GLY G 14 -42.76 -7.28 -8.35
CA GLY G 14 -42.13 -8.23 -9.24
C GLY G 14 -40.68 -7.94 -9.51
N LEU G 15 -40.00 -7.26 -8.60
CA LEU G 15 -38.63 -6.87 -8.81
C LEU G 15 -37.68 -7.90 -8.22
N GLN G 16 -36.39 -7.67 -8.42
CA GLN G 16 -35.38 -8.56 -7.89
C GLN G 16 -34.37 -7.85 -7.01
N PHE G 17 -34.55 -6.57 -6.73
CA PHE G 17 -33.70 -5.91 -5.78
C PHE G 17 -34.49 -5.66 -4.50
N PRO G 18 -33.83 -5.54 -3.34
CA PRO G 18 -34.60 -5.44 -2.09
C PRO G 18 -35.18 -4.05 -1.90
N VAL G 19 -36.51 -3.96 -1.98
CA VAL G 19 -37.18 -2.71 -1.73
C VAL G 19 -37.02 -2.31 -0.29
N GLY G 20 -36.96 -3.29 0.61
CA GLY G 20 -36.78 -2.97 2.01
C GLY G 20 -35.41 -2.39 2.30
N ARG G 21 -34.37 -2.98 1.73
CA ARG G 21 -33.03 -2.45 1.94
C ARG G 21 -32.86 -1.11 1.26
N VAL G 22 -33.44 -0.93 0.08
CA VAL G 22 -33.38 0.37 -0.60
C VAL G 22 -34.11 1.44 0.20
N HIS G 23 -35.25 1.10 0.80
CA HIS G 23 -35.98 2.05 1.62
C HIS G 23 -35.20 2.39 2.88
N ARG G 24 -34.54 1.41 3.48
CA ARG G 24 -33.77 1.66 4.70
C ARG G 24 -32.56 2.53 4.41
N LEU G 25 -31.91 2.30 3.27
CA LEU G 25 -30.75 3.12 2.90
C LEU G 25 -31.16 4.53 2.54
N LEU G 26 -32.28 4.71 1.84
CA LEU G 26 -32.77 6.06 1.60
C LEU G 26 -33.18 6.74 2.89
N ARG G 27 -33.67 5.97 3.85
CA ARG G 27 -34.23 6.59 5.03
C ARG G 27 -33.13 7.02 6.00
N LYS G 28 -32.23 6.12 6.34
CA LYS G 28 -31.15 6.50 7.24
C LYS G 28 -29.95 7.05 6.51
N GLY G 29 -29.99 7.15 5.19
CA GLY G 29 -28.90 7.79 4.49
C GLY G 29 -28.91 9.29 4.59
N ASN G 30 -30.00 9.85 5.14
CA ASN G 30 -30.23 11.27 5.29
C ASN G 30 -30.06 12.02 3.98
N TYR G 31 -30.87 11.63 3.02
CA TYR G 31 -30.96 12.45 1.84
C TYR G 31 -32.04 13.50 2.01
N ALA G 32 -33.19 13.14 2.56
CA ALA G 32 -34.17 14.17 2.89
C ALA G 32 -34.87 13.77 4.18
N GLU G 33 -35.88 14.57 4.54
CA GLU G 33 -36.54 14.37 5.82
C GLU G 33 -37.42 13.13 5.80
N ARG G 34 -38.05 12.84 4.67
CA ARG G 34 -39.02 11.76 4.65
C ARG G 34 -39.13 11.23 3.23
N VAL G 35 -39.62 10.00 3.14
CA VAL G 35 -39.50 9.17 1.96
C VAL G 35 -40.86 8.57 1.68
N GLY G 36 -41.38 8.79 0.48
CA GLY G 36 -42.65 8.22 0.11
C GLY G 36 -42.59 6.71 0.00
N ALA G 37 -43.77 6.10 -0.04
CA ALA G 37 -43.87 4.66 -0.07
C ALA G 37 -43.80 4.07 -1.46
N GLY G 38 -43.42 4.85 -2.47
CA GLY G 38 -43.30 4.31 -3.80
C GLY G 38 -41.95 4.60 -4.42
N ALA G 39 -41.26 5.56 -3.83
CA ALA G 39 -39.93 5.94 -4.32
C ALA G 39 -38.89 4.82 -4.27
N PRO G 40 -38.79 3.99 -3.22
CA PRO G 40 -37.81 2.91 -3.33
C PRO G 40 -38.24 1.81 -4.27
N VAL G 41 -39.53 1.64 -4.53
CA VAL G 41 -39.96 0.67 -5.55
C VAL G 41 -39.52 1.15 -6.92
N TYR G 42 -39.74 2.43 -7.20
CA TYR G 42 -39.33 3.02 -8.47
C TYR G 42 -37.82 2.93 -8.64
N LEU G 43 -37.07 3.30 -7.60
CA LEU G 43 -35.62 3.27 -7.64
C LEU G 43 -35.08 1.85 -7.78
N ALA G 44 -35.68 0.89 -7.08
CA ALA G 44 -35.22 -0.49 -7.17
C ALA G 44 -35.49 -1.08 -8.54
N ALA G 45 -36.60 -0.70 -9.17
CA ALA G 45 -36.83 -1.15 -10.55
C ALA G 45 -35.84 -0.53 -11.51
N VAL G 46 -35.45 0.72 -11.27
CA VAL G 46 -34.42 1.36 -12.09
C VAL G 46 -33.08 0.64 -11.95
N LEU G 47 -32.71 0.28 -10.72
CA LEU G 47 -31.44 -0.40 -10.53
C LEU G 47 -31.47 -1.84 -11.05
N GLU G 48 -32.64 -2.49 -11.02
CA GLU G 48 -32.78 -3.75 -11.73
C GLU G 48 -32.56 -3.59 -13.22
N TYR G 49 -33.09 -2.50 -13.80
CA TYR G 49 -32.88 -2.27 -15.23
C TYR G 49 -31.40 -2.10 -15.56
N LEU G 50 -30.66 -1.37 -14.73
CA LEU G 50 -29.28 -1.09 -15.08
C LEU G 50 -28.39 -2.32 -14.91
N THR G 51 -28.57 -3.07 -13.81
CA THR G 51 -27.84 -4.30 -13.63
C THR G 51 -28.18 -5.31 -14.71
N ALA G 52 -29.44 -5.34 -15.14
CA ALA G 52 -29.84 -6.26 -16.19
C ALA G 52 -29.21 -5.90 -17.53
N GLU G 53 -29.08 -4.60 -17.82
CA GLU G 53 -28.51 -4.22 -19.10
C GLU G 53 -27.01 -4.51 -19.15
N ILE G 54 -26.29 -4.22 -18.07
CA ILE G 54 -24.86 -4.50 -18.09
C ILE G 54 -24.59 -5.99 -18.07
N LEU G 55 -25.35 -6.75 -17.29
CA LEU G 55 -25.08 -8.18 -17.25
C LEU G 55 -25.49 -8.88 -18.53
N GLU G 56 -26.47 -8.35 -19.27
CA GLU G 56 -26.78 -8.94 -20.56
C GLU G 56 -25.67 -8.65 -21.58
N LEU G 57 -25.21 -7.40 -21.63
CA LEU G 57 -24.13 -7.05 -22.55
C LEU G 57 -22.81 -7.70 -22.18
N ALA G 58 -22.61 -8.08 -20.92
CA ALA G 58 -21.42 -8.81 -20.55
C ALA G 58 -21.56 -10.30 -20.74
N GLY G 59 -22.77 -10.82 -20.67
CA GLY G 59 -23.00 -12.20 -21.10
C GLY G 59 -22.69 -12.37 -22.56
N ASN G 60 -23.09 -11.41 -23.39
CA ASN G 60 -22.72 -11.51 -24.79
C ASN G 60 -21.29 -11.10 -25.08
N ALA G 61 -20.49 -10.78 -24.07
CA ALA G 61 -19.05 -10.66 -24.28
C ALA G 61 -18.30 -11.86 -23.74
N ALA G 62 -18.87 -12.56 -22.78
CA ALA G 62 -18.35 -13.86 -22.36
C ALA G 62 -19.04 -14.99 -23.10
N ARG G 63 -19.19 -14.82 -24.36
CA ARG G 63 -19.58 -15.86 -25.29
C ARG G 63 -18.69 -15.85 -26.51
N ASP G 64 -18.28 -14.67 -26.94
CA ASP G 64 -17.30 -14.54 -28.01
C ASP G 64 -15.96 -15.10 -27.58
N ASN G 65 -15.61 -14.91 -26.32
CA ASN G 65 -14.30 -15.32 -25.83
C ASN G 65 -14.32 -16.75 -25.32
N LYS G 66 -15.42 -17.47 -25.55
CA LYS G 66 -15.60 -18.90 -25.22
C LYS G 66 -15.34 -19.17 -23.74
N LYS G 67 -16.13 -18.53 -22.89
CA LYS G 67 -15.78 -18.48 -21.48
C LYS G 67 -17.05 -18.18 -20.69
N THR G 68 -17.51 -19.14 -19.89
CA THR G 68 -18.81 -19.00 -19.23
C THR G 68 -18.71 -18.35 -17.86
N ARG G 69 -17.77 -17.45 -17.66
CA ARG G 69 -17.62 -16.81 -16.36
C ARG G 69 -17.15 -15.38 -16.55
N ILE G 70 -18.01 -14.43 -16.18
CA ILE G 70 -17.77 -13.00 -16.35
C ILE G 70 -16.64 -12.55 -15.43
N ILE G 71 -15.50 -12.19 -16.02
CA ILE G 71 -14.35 -11.66 -15.30
C ILE G 71 -14.42 -10.15 -15.54
N PRO G 72 -13.60 -9.30 -14.92
CA PRO G 72 -13.77 -7.85 -15.14
C PRO G 72 -13.43 -7.36 -16.53
N ARG G 73 -12.63 -8.08 -17.31
CA ARG G 73 -12.37 -7.70 -18.69
C ARG G 73 -13.65 -7.66 -19.51
N HIS G 74 -14.57 -8.56 -19.22
CA HIS G 74 -15.80 -8.62 -19.98
C HIS G 74 -16.72 -7.46 -19.63
N LEU G 75 -16.74 -7.06 -18.36
CA LEU G 75 -17.49 -5.87 -17.97
C LEU G 75 -16.90 -4.63 -18.58
N GLN G 76 -15.58 -4.57 -18.70
CA GLN G 76 -14.95 -3.45 -19.37
C GLN G 76 -15.36 -3.37 -20.84
N LEU G 77 -15.37 -4.52 -21.52
CA LEU G 77 -15.74 -4.52 -22.94
C LEU G 77 -17.21 -4.18 -23.15
N ALA G 78 -18.10 -4.71 -22.31
CA ALA G 78 -19.52 -4.43 -22.47
C ALA G 78 -19.82 -2.96 -22.20
N VAL G 79 -19.29 -2.44 -21.10
CA VAL G 79 -19.51 -1.06 -20.71
C VAL G 79 -18.93 -0.10 -21.73
N ARG G 80 -17.69 -0.33 -22.15
CA ARG G 80 -17.12 0.66 -23.04
C ARG G 80 -17.48 0.44 -24.49
N ASN G 81 -18.20 -0.63 -24.85
CA ASN G 81 -18.73 -0.71 -26.19
C ASN G 81 -20.15 -0.20 -26.31
N ASP G 82 -20.98 -0.31 -25.28
CA ASP G 82 -22.25 0.38 -25.35
C ASP G 82 -22.00 1.85 -25.10
N GLU G 83 -22.48 2.70 -26.01
CA GLU G 83 -22.12 4.11 -25.96
C GLU G 83 -22.80 4.83 -24.81
N GLU G 84 -24.01 4.41 -24.46
CA GLU G 84 -24.69 5.06 -23.34
C GLU G 84 -24.13 4.59 -22.01
N LEU G 85 -23.73 3.33 -21.89
CA LEU G 85 -23.00 2.90 -20.71
C LEU G 85 -21.64 3.58 -20.63
N ASN G 86 -21.01 3.86 -21.76
CA ASN G 86 -19.76 4.59 -21.77
C ASN G 86 -19.96 6.02 -21.31
N LYS G 87 -21.10 6.62 -21.61
CA LYS G 87 -21.29 7.98 -21.15
C LYS G 87 -21.77 8.01 -19.70
N LEU G 88 -22.37 6.93 -19.21
CA LEU G 88 -22.75 6.87 -17.80
C LEU G 88 -21.54 6.58 -16.92
N LEU G 89 -20.62 5.73 -17.36
CA LEU G 89 -19.42 5.38 -16.63
C LEU G 89 -18.19 6.06 -17.22
N GLY G 90 -18.32 7.33 -17.57
CA GLY G 90 -17.25 7.99 -18.32
C GLY G 90 -16.00 8.26 -17.49
N ARG G 91 -16.17 8.63 -16.24
CA ARG G 91 -15.02 8.94 -15.40
C ARG G 91 -14.54 7.74 -14.59
N VAL G 92 -15.15 6.58 -14.79
CA VAL G 92 -14.98 5.42 -13.94
C VAL G 92 -13.93 4.49 -14.49
N THR G 93 -13.05 3.98 -13.63
CA THR G 93 -12.05 3.00 -14.02
C THR G 93 -12.37 1.65 -13.39
N ILE G 94 -12.94 0.75 -14.18
CA ILE G 94 -13.24 -0.60 -13.73
C ILE G 94 -11.92 -1.33 -13.48
N ALA G 95 -11.69 -1.72 -12.23
CA ALA G 95 -10.41 -2.29 -11.83
C ALA G 95 -10.20 -3.66 -12.45
N GLN G 96 -8.93 -3.96 -12.73
CA GLN G 96 -8.48 -5.18 -13.42
C GLN G 96 -9.12 -5.27 -14.80
N GLY G 97 -9.31 -4.11 -15.43
CA GLY G 97 -10.15 -4.01 -16.59
C GLY G 97 -9.45 -4.01 -17.92
N GLY G 98 -8.32 -3.31 -18.02
CA GLY G 98 -7.64 -3.19 -19.30
C GLY G 98 -8.34 -2.23 -20.25
N VAL G 99 -7.73 -1.93 -21.39
CA VAL G 99 -8.37 -1.02 -22.33
C VAL G 99 -8.76 -1.76 -23.61
N LEU G 100 -9.43 -1.05 -24.52
CA LEU G 100 -10.07 -1.59 -25.70
C LEU G 100 -9.05 -1.76 -26.82
N PRO G 101 -9.30 -2.68 -27.75
CA PRO G 101 -8.34 -2.85 -28.85
C PRO G 101 -8.40 -1.73 -29.88
N ASN G 102 -7.83 -0.58 -29.54
CA ASN G 102 -7.78 0.58 -30.43
C ASN G 102 -6.34 0.80 -30.86
N ILE G 103 -6.11 0.67 -32.17
CA ILE G 103 -4.84 1.04 -32.79
C ILE G 103 -5.16 2.07 -33.86
N GLN G 104 -4.48 3.21 -33.79
CA GLN G 104 -4.76 4.32 -34.69
C GLN G 104 -4.45 3.96 -36.13
N SER G 105 -5.11 4.64 -37.05
CA SER G 105 -5.04 4.24 -38.45
C SER G 105 -3.71 4.64 -39.08
N VAL G 106 -3.08 5.71 -38.61
CA VAL G 106 -1.85 6.18 -39.22
C VAL G 106 -0.65 5.37 -38.76
N LEU G 107 -0.82 4.56 -37.71
CA LEU G 107 0.31 3.86 -37.13
C LEU G 107 0.67 2.62 -37.91
N LEU G 108 -0.31 1.77 -38.19
CA LEU G 108 -0.03 0.47 -38.78
C LEU G 108 0.41 0.63 -40.23
N PRO G 109 1.62 0.21 -40.59
CA PRO G 109 2.14 0.51 -41.92
C PRO G 109 1.61 -0.48 -42.95
N LYS G 110 1.11 0.06 -44.05
CA LYS G 110 0.54 -0.71 -45.14
C LYS G 110 1.06 -0.24 -46.49
N LYS G 111 1.54 0.99 -46.58
CA LYS G 111 2.01 1.57 -47.84
C LYS G 111 3.44 2.09 -47.69
N ARG H 4 -15.96 -14.10 17.88
CA ARG H 4 -15.70 -12.69 17.68
C ARG H 4 -16.93 -11.99 17.15
N ARG H 5 -18.02 -12.75 17.01
CA ARG H 5 -19.32 -12.30 16.49
C ARG H 5 -19.15 -11.68 15.10
N LYS H 6 -18.88 -12.57 14.14
CA LYS H 6 -18.59 -12.24 12.74
C LYS H 6 -19.56 -11.24 12.14
N THR H 7 -19.03 -10.09 11.75
CA THR H 7 -19.86 -8.93 11.46
C THR H 7 -20.43 -9.00 10.06
N ARG H 8 -21.74 -8.91 9.97
CA ARG H 8 -22.43 -8.99 8.68
C ARG H 8 -22.19 -7.72 7.88
N LYS H 9 -21.48 -7.85 6.77
CA LYS H 9 -21.32 -6.78 5.80
C LYS H 9 -22.09 -7.17 4.55
N GLU H 10 -23.21 -6.49 4.33
CA GLU H 10 -24.18 -6.89 3.32
C GLU H 10 -23.96 -6.14 2.02
N SER H 11 -24.48 -6.71 0.93
CA SER H 11 -24.28 -6.15 -0.39
C SER H 11 -25.32 -6.74 -1.33
N TYR H 12 -25.26 -6.33 -2.59
CA TYR H 12 -26.23 -6.75 -3.59
C TYR H 12 -25.76 -7.98 -4.35
N ALA H 13 -24.99 -8.84 -3.71
CA ALA H 13 -24.37 -9.96 -4.41
C ALA H 13 -25.39 -10.97 -4.88
N ILE H 14 -26.30 -11.39 -3.99
CA ILE H 14 -27.26 -12.40 -4.36
C ILE H 14 -28.31 -11.83 -5.30
N TYR H 15 -28.48 -10.52 -5.31
CA TYR H 15 -29.48 -9.92 -6.17
C TYR H 15 -28.96 -9.75 -7.59
N VAL H 16 -27.70 -9.34 -7.72
CA VAL H 16 -26.99 -9.38 -8.99
C VAL H 16 -27.00 -10.79 -9.55
N TYR H 17 -26.86 -11.79 -8.67
CA TYR H 17 -26.88 -13.17 -9.11
C TYR H 17 -28.26 -13.58 -9.62
N LYS H 18 -29.33 -13.15 -8.95
CA LYS H 18 -30.68 -13.46 -9.43
C LYS H 18 -30.92 -12.88 -10.81
N VAL H 19 -30.51 -11.62 -11.02
CA VAL H 19 -30.71 -10.97 -12.32
C VAL H 19 -29.87 -11.66 -13.39
N LEU H 20 -28.66 -12.09 -13.04
CA LEU H 20 -27.82 -12.81 -13.99
C LEU H 20 -28.42 -14.15 -14.36
N LYS H 21 -29.01 -14.86 -13.40
CA LYS H 21 -29.63 -16.12 -13.75
C LYS H 21 -30.96 -15.94 -14.47
N GLN H 22 -31.54 -14.76 -14.42
CA GLN H 22 -32.65 -14.52 -15.34
C GLN H 22 -32.17 -14.30 -16.76
N VAL H 23 -31.23 -13.38 -16.96
CA VAL H 23 -30.93 -12.99 -18.34
C VAL H 23 -29.89 -13.86 -19.04
N HIS H 24 -29.14 -14.68 -18.32
CA HIS H 24 -28.28 -15.70 -18.92
C HIS H 24 -28.28 -16.90 -17.99
N PRO H 25 -29.10 -17.91 -18.27
CA PRO H 25 -29.32 -18.99 -17.29
C PRO H 25 -28.14 -19.92 -17.12
N ASP H 26 -27.09 -19.83 -17.94
CA ASP H 26 -26.01 -20.79 -17.86
C ASP H 26 -24.66 -20.12 -17.68
N THR H 27 -24.63 -18.93 -17.11
CA THR H 27 -23.40 -18.17 -16.93
C THR H 27 -23.19 -17.89 -15.46
N GLY H 28 -21.96 -18.04 -14.99
CA GLY H 28 -21.59 -17.64 -13.66
C GLY H 28 -20.78 -16.37 -13.70
N ILE H 29 -20.54 -15.81 -12.53
CA ILE H 29 -19.85 -14.54 -12.41
C ILE H 29 -18.70 -14.73 -11.45
N SER H 30 -17.58 -14.09 -11.74
CA SER H 30 -16.42 -14.24 -10.89
C SER H 30 -16.63 -13.46 -9.59
N SER H 31 -15.69 -13.62 -8.66
CA SER H 31 -15.82 -12.94 -7.38
C SER H 31 -15.55 -11.46 -7.52
N LYS H 32 -14.48 -11.10 -8.22
CA LYS H 32 -14.15 -9.69 -8.28
C LYS H 32 -15.06 -8.94 -9.24
N ALA H 33 -15.61 -9.62 -10.24
CA ALA H 33 -16.66 -8.98 -11.05
C ALA H 33 -17.93 -8.81 -10.25
N MET H 34 -18.17 -9.66 -9.26
CA MET H 34 -19.29 -9.42 -8.35
C MET H 34 -19.02 -8.23 -7.46
N SER H 35 -17.77 -8.02 -7.07
CA SER H 35 -17.44 -6.80 -6.34
C SER H 35 -17.65 -5.57 -7.20
N ILE H 36 -17.38 -5.67 -8.49
CA ILE H 36 -17.57 -4.52 -9.37
C ILE H 36 -19.05 -4.22 -9.57
N MET H 37 -19.87 -5.25 -9.74
CA MET H 37 -21.31 -4.99 -9.91
C MET H 37 -21.94 -4.47 -8.63
N ASN H 38 -21.47 -4.94 -7.48
CA ASN H 38 -21.84 -4.35 -6.20
C ASN H 38 -21.51 -2.85 -6.14
N SER H 39 -20.27 -2.49 -6.48
CA SER H 39 -19.87 -1.09 -6.40
C SER H 39 -20.62 -0.24 -7.40
N PHE H 40 -20.98 -0.81 -8.55
CA PHE H 40 -21.79 -0.10 -9.53
C PHE H 40 -23.18 0.20 -9.00
N VAL H 41 -23.82 -0.76 -8.35
CA VAL H 41 -25.16 -0.54 -7.82
C VAL H 41 -25.13 0.50 -6.72
N ASN H 42 -24.15 0.43 -5.83
CA ASN H 42 -24.03 1.46 -4.80
C ASN H 42 -23.72 2.83 -5.38
N ASP H 43 -22.97 2.88 -6.48
CA ASP H 43 -22.64 4.17 -7.09
C ASP H 43 -23.86 4.83 -7.70
N VAL H 44 -24.63 4.06 -8.47
CA VAL H 44 -25.80 4.65 -9.09
C VAL H 44 -26.88 4.95 -8.05
N PHE H 45 -26.90 4.19 -6.97
CA PHE H 45 -27.77 4.49 -5.86
C PHE H 45 -27.45 5.86 -5.27
N GLU H 46 -26.17 6.11 -5.01
CA GLU H 46 -25.78 7.40 -4.42
C GLU H 46 -26.04 8.55 -5.37
N ARG H 47 -25.90 8.33 -6.68
CA ARG H 47 -26.14 9.44 -7.61
C ARG H 47 -27.61 9.80 -7.71
N ILE H 48 -28.47 8.79 -7.85
CA ILE H 48 -29.91 9.07 -7.99
C ILE H 48 -30.47 9.61 -6.69
N ALA H 49 -30.01 9.10 -5.56
CA ALA H 49 -30.49 9.62 -4.28
C ALA H 49 -29.98 11.03 -4.02
N GLY H 50 -28.76 11.34 -4.45
CA GLY H 50 -28.26 12.68 -4.27
C GLY H 50 -29.00 13.68 -5.14
N GLU H 51 -29.37 13.28 -6.35
CA GLU H 51 -30.10 14.21 -7.20
C GLU H 51 -31.53 14.39 -6.73
N ALA H 52 -32.16 13.35 -6.17
CA ALA H 52 -33.50 13.57 -5.64
C ALA H 52 -33.48 14.40 -4.37
N SER H 53 -32.43 14.29 -3.56
CA SER H 53 -32.31 15.19 -2.42
C SER H 53 -32.13 16.63 -2.87
N ARG H 54 -31.36 16.83 -3.93
CA ARG H 54 -31.20 18.18 -4.45
C ARG H 54 -32.49 18.73 -5.02
N LEU H 55 -33.31 17.88 -5.64
CA LEU H 55 -34.61 18.32 -6.13
C LEU H 55 -35.54 18.69 -4.99
N ALA H 56 -35.50 17.93 -3.89
CA ALA H 56 -36.28 18.28 -2.71
C ALA H 56 -35.87 19.63 -2.15
N HIS H 57 -34.57 19.90 -2.05
CA HIS H 57 -34.18 21.20 -1.54
C HIS H 57 -34.42 22.33 -2.53
N TYR H 58 -34.50 22.03 -3.82
CA TYR H 58 -34.74 23.12 -4.76
C TYR H 58 -36.20 23.49 -4.83
N ASN H 59 -37.12 22.56 -4.58
CA ASN H 59 -38.51 22.96 -4.63
C ASN H 59 -39.06 23.48 -3.31
N LYS H 60 -38.23 23.54 -2.26
CA LYS H 60 -38.66 23.76 -0.88
C LYS H 60 -39.78 22.78 -0.52
N ARG H 61 -39.39 21.51 -0.50
CA ARG H 61 -40.27 20.40 -0.23
C ARG H 61 -39.47 19.35 0.51
N SER H 62 -40.11 18.65 1.44
CA SER H 62 -39.40 17.83 2.41
C SER H 62 -39.36 16.36 2.05
N THR H 63 -40.08 15.90 1.03
CA THR H 63 -40.28 14.47 0.81
C THR H 63 -39.71 14.04 -0.52
N ILE H 64 -38.87 13.00 -0.49
CA ILE H 64 -38.43 12.31 -1.70
C ILE H 64 -39.53 11.35 -2.14
N THR H 65 -40.13 11.62 -3.28
CA THR H 65 -41.16 10.72 -3.76
C THR H 65 -40.77 10.15 -5.11
N SER H 66 -41.72 9.44 -5.71
CA SER H 66 -41.52 8.85 -7.02
C SER H 66 -41.30 9.92 -8.08
N ARG H 67 -41.88 11.10 -7.89
CA ARG H 67 -41.69 12.16 -8.86
C ARG H 67 -40.25 12.67 -8.81
N GLU H 68 -39.67 12.77 -7.62
CA GLU H 68 -38.28 13.19 -7.54
C GLU H 68 -37.34 12.10 -8.02
N ILE H 69 -37.68 10.83 -7.82
CA ILE H 69 -36.79 9.81 -8.37
C ILE H 69 -36.90 9.76 -9.89
N GLN H 70 -38.08 10.01 -10.44
CA GLN H 70 -38.24 10.02 -11.89
C GLN H 70 -37.48 11.15 -12.53
N THR H 71 -37.50 12.33 -11.91
CA THR H 71 -36.73 13.43 -12.46
C THR H 71 -35.24 13.22 -12.25
N ALA H 72 -34.84 12.51 -11.19
CA ALA H 72 -33.43 12.22 -11.01
C ALA H 72 -32.93 11.23 -12.06
N VAL H 73 -33.76 10.29 -12.46
CA VAL H 73 -33.36 9.36 -13.52
C VAL H 73 -33.27 10.09 -14.85
N ARG H 74 -34.22 10.98 -15.13
CA ARG H 74 -34.10 11.74 -16.37
C ARG H 74 -32.96 12.75 -16.36
N LEU H 75 -32.51 13.18 -15.19
CA LEU H 75 -31.35 14.06 -15.16
C LEU H 75 -30.02 13.32 -15.18
N LEU H 76 -29.99 12.05 -14.79
CA LEU H 76 -28.72 11.34 -14.77
C LEU H 76 -28.48 10.44 -15.96
N LEU H 77 -29.50 9.82 -16.50
CA LEU H 77 -29.15 8.78 -17.45
C LEU H 77 -29.15 9.32 -18.88
N PRO H 78 -28.25 8.85 -19.72
CA PRO H 78 -28.27 9.24 -21.13
C PRO H 78 -29.51 8.69 -21.80
N GLY H 79 -30.17 9.52 -22.62
CA GLY H 79 -30.96 9.09 -23.75
C GLY H 79 -31.91 7.90 -23.63
N GLU H 80 -31.52 6.85 -24.34
CA GLU H 80 -32.34 5.66 -24.43
C GLU H 80 -32.37 4.88 -23.13
N LEU H 81 -31.26 4.87 -22.38
CA LEU H 81 -31.26 4.27 -21.05
C LEU H 81 -32.23 5.00 -20.13
N ALA H 82 -32.26 6.32 -20.24
CA ALA H 82 -33.18 7.11 -19.43
C ALA H 82 -34.61 6.76 -19.73
N LYS H 83 -34.94 6.69 -21.02
CA LYS H 83 -36.32 6.43 -21.41
C LYS H 83 -36.76 5.02 -21.00
N HIS H 84 -35.89 4.02 -21.17
CA HIS H 84 -36.29 2.68 -20.75
C HIS H 84 -36.31 2.52 -19.25
N ALA H 85 -35.42 3.20 -18.52
CA ALA H 85 -35.41 3.02 -17.07
C ALA H 85 -36.61 3.69 -16.43
N VAL H 86 -37.01 4.84 -16.96
CA VAL H 86 -38.24 5.49 -16.49
C VAL H 86 -39.45 4.62 -16.80
N SER H 87 -39.45 3.96 -17.97
CA SER H 87 -40.54 3.04 -18.29
C SER H 87 -40.59 1.86 -17.33
N GLU H 88 -39.43 1.28 -16.98
CA GLU H 88 -39.36 0.18 -16.02
C GLU H 88 -39.89 0.58 -14.66
N GLY H 89 -39.50 1.77 -14.20
CA GLY H 89 -39.92 2.22 -12.89
C GLY H 89 -41.40 2.51 -12.81
N THR H 90 -41.95 3.13 -13.85
CA THR H 90 -43.39 3.40 -13.83
C THR H 90 -44.20 2.13 -13.93
N LYS H 91 -43.72 1.16 -14.73
CA LYS H 91 -44.31 -0.18 -14.78
C LYS H 91 -44.38 -0.81 -13.40
N ALA H 92 -43.26 -0.80 -12.68
CA ALA H 92 -43.24 -1.44 -11.38
C ALA H 92 -44.02 -0.66 -10.34
N VAL H 93 -44.09 0.66 -10.45
CA VAL H 93 -44.84 1.37 -9.42
C VAL H 93 -46.34 1.21 -9.65
N THR H 94 -46.79 1.04 -10.89
CA THR H 94 -48.21 0.78 -11.09
C THR H 94 -48.57 -0.64 -10.69
N LYS H 95 -47.66 -1.59 -10.92
CA LYS H 95 -47.93 -2.94 -10.42
C LYS H 95 -47.91 -2.98 -8.90
N TYR H 96 -47.08 -2.15 -8.27
CA TYR H 96 -47.00 -2.14 -6.82
C TYR H 96 -48.20 -1.47 -6.19
N THR H 97 -48.69 -0.40 -6.80
CA THR H 97 -49.82 0.31 -6.22
C THR H 97 -51.13 -0.41 -6.50
N SER H 98 -51.27 -0.95 -7.71
CA SER H 98 -52.49 -1.68 -8.06
C SER H 98 -52.60 -2.97 -7.27
N ALA H 99 -51.65 -3.87 -7.44
CA ALA H 99 -51.62 -5.11 -6.70
C ALA H 99 -50.98 -4.84 -5.34
N LYS H 100 -51.79 -4.91 -4.28
CA LYS H 100 -51.39 -4.73 -2.88
C LYS H 100 -50.71 -3.39 -2.61
N LEU K 1 -2.26 -37.61 35.08
CA LEU K 1 -1.50 -38.69 34.45
C LEU K 1 -2.13 -39.09 33.12
N LEU K 2 -1.47 -38.74 32.03
CA LEU K 2 -1.96 -39.02 30.69
C LEU K 2 -0.95 -39.74 29.81
N ASP K 3 0.22 -40.09 30.35
CA ASP K 3 1.21 -40.82 29.57
C ASP K 3 0.71 -42.21 29.20
N GLN K 4 0.03 -42.87 30.13
CA GLN K 4 -0.62 -44.14 29.80
C GLN K 4 -1.78 -43.95 28.84
N THR K 5 -2.41 -42.78 28.82
CA THR K 5 -3.48 -42.56 27.84
C THR K 5 -2.90 -42.43 26.43
N LYS K 6 -1.77 -41.74 26.29
CA LYS K 6 -1.10 -41.71 24.99
C LYS K 6 -0.53 -43.07 24.61
N ASP K 7 -0.15 -43.87 25.62
CA ASP K 7 0.22 -45.25 25.37
C ASP K 7 -0.96 -46.05 24.84
N THR K 8 -2.16 -45.79 25.35
CA THR K 8 -3.34 -46.45 24.82
C THR K 8 -3.66 -45.98 23.41
N ARG K 9 -3.42 -44.69 23.11
CA ARG K 9 -3.59 -44.17 21.76
C ARG K 9 -2.70 -44.92 20.77
N ILE K 10 -1.41 -45.04 21.12
CA ILE K 10 -0.48 -45.71 20.22
C ILE K 10 -0.70 -47.21 20.22
N THR K 11 -1.25 -47.78 21.30
CA THR K 11 -1.54 -49.20 21.34
C THR K 11 -2.77 -49.54 20.48
N HIS K 12 -3.79 -48.67 20.50
CA HIS K 12 -4.92 -48.80 19.59
C HIS K 12 -4.48 -48.69 18.13
N LEU K 13 -3.91 -47.55 17.75
CA LEU K 13 -3.62 -47.34 16.33
C LEU K 13 -2.15 -47.56 15.99
N LEU K 14 -1.52 -48.53 16.63
CA LEU K 14 -0.20 -48.99 16.24
C LEU K 14 -0.24 -50.01 15.10
N ARG K 15 -1.44 -50.37 14.62
CA ARG K 15 -1.62 -51.38 13.58
C ARG K 15 -1.75 -50.80 12.18
N GLN K 16 -1.86 -49.47 12.04
CA GLN K 16 -2.05 -48.86 10.74
C GLN K 16 -0.82 -49.00 9.85
N THR K 17 0.37 -48.83 10.44
CA THR K 17 1.60 -48.89 9.65
C THR K 17 1.94 -50.31 9.21
N ASN K 18 1.38 -51.34 9.84
CA ASN K 18 1.59 -52.70 9.38
C ASN K 18 0.42 -53.27 8.59
N ALA K 19 -0.76 -52.66 8.66
CA ALA K 19 -1.85 -53.07 7.78
C ALA K 19 -1.83 -52.35 6.44
N PHE K 20 -1.56 -51.04 6.45
CA PHE K 20 -1.60 -50.19 5.26
C PHE K 20 -0.32 -50.24 4.43
N LEU K 21 0.51 -51.29 4.57
CA LEU K 21 1.81 -51.45 3.90
C LEU K 21 2.76 -50.28 4.15
N ASP K 74 1.61 -49.11 27.20
CA ASP K 74 2.92 -48.73 27.75
C ASP K 74 3.82 -48.20 26.64
N TYR K 75 4.67 -47.24 27.00
CA TYR K 75 5.71 -46.77 26.10
C TYR K 75 6.95 -47.66 26.16
N TYR K 76 7.13 -48.40 27.26
CA TYR K 76 8.13 -49.46 27.27
C TYR K 76 7.68 -50.64 26.43
N ASN K 77 6.36 -50.76 26.20
CA ASN K 77 5.87 -51.71 25.20
C ASN K 77 6.27 -51.27 23.80
N VAL K 78 5.98 -50.01 23.45
CA VAL K 78 5.99 -49.59 22.06
C VAL K 78 7.41 -49.48 21.49
N ALA K 79 8.43 -49.39 22.35
CA ALA K 79 9.81 -49.33 21.90
C ALA K 79 10.56 -50.64 22.08
N HIS K 80 9.88 -51.67 22.61
CA HIS K 80 10.56 -52.91 22.93
C HIS K 80 9.69 -54.12 22.59
N ARG K 81 8.59 -53.94 21.87
CA ARG K 81 7.73 -55.08 21.55
C ARG K 81 8.32 -55.96 20.46
N ILE K 82 9.08 -55.39 19.53
CA ILE K 82 9.75 -56.17 18.51
C ILE K 82 11.24 -55.89 18.65
N LYS K 83 12.03 -56.92 18.39
CA LYS K 83 13.47 -56.81 18.51
C LYS K 83 14.14 -57.52 17.35
N GLU K 84 15.18 -56.89 16.83
CA GLU K 84 16.19 -57.59 16.03
C GLU K 84 17.50 -56.87 16.25
N ASP K 85 18.53 -57.63 16.62
CA ASP K 85 19.74 -57.07 17.22
C ASP K 85 20.96 -57.61 16.47
N ILE K 86 21.33 -56.91 15.39
CA ILE K 86 22.54 -57.23 14.64
C ILE K 86 23.46 -56.03 14.73
N LYS K 87 24.57 -56.19 15.43
CA LYS K 87 25.58 -55.14 15.54
C LYS K 87 26.39 -55.01 14.24
N LYS K 88 26.39 -56.05 13.41
CA LYS K 88 27.10 -55.99 12.14
C LYS K 88 26.38 -55.05 11.18
N GLN K 89 27.16 -54.23 10.48
CA GLN K 89 26.63 -53.33 9.46
C GLN K 89 26.20 -54.13 8.23
N PRO K 90 25.35 -53.57 7.38
CA PRO K 90 25.10 -54.20 6.08
C PRO K 90 26.35 -54.21 5.22
N SER K 91 26.40 -55.17 4.30
CA SER K 91 27.66 -55.60 3.70
C SER K 91 28.23 -54.57 2.74
N ILE K 92 27.38 -53.75 2.14
CA ILE K 92 27.79 -52.91 1.03
C ILE K 92 28.06 -51.47 1.48
N LEU K 93 28.33 -51.26 2.76
CA LEU K 93 28.71 -49.94 3.27
C LEU K 93 30.23 -49.82 3.18
N VAL K 94 30.70 -48.93 2.32
CA VAL K 94 32.08 -48.88 1.88
C VAL K 94 32.70 -47.56 2.31
N GLY K 95 33.94 -47.60 2.77
CA GLY K 95 34.70 -46.37 2.91
C GLY K 95 34.93 -45.88 4.33
N GLY K 96 34.95 -46.81 5.27
CA GLY K 96 35.23 -46.47 6.66
C GLY K 96 34.38 -47.27 7.61
N THR K 97 34.89 -47.46 8.81
CA THR K 97 34.22 -48.23 9.83
C THR K 97 33.17 -47.39 10.54
N LEU K 98 32.30 -48.07 11.28
CA LEU K 98 31.33 -47.41 12.12
C LEU K 98 31.83 -47.36 13.56
N LYS K 99 31.53 -46.27 14.25
CA LYS K 99 31.66 -46.30 15.70
C LYS K 99 30.57 -47.17 16.29
N ASP K 100 30.78 -47.59 17.54
CA ASP K 100 29.82 -48.48 18.19
C ASP K 100 28.53 -47.76 18.54
N TYR K 101 28.63 -46.48 18.94
CA TYR K 101 27.42 -45.72 19.24
C TYR K 101 26.66 -45.35 17.97
N GLN K 102 27.37 -45.25 16.85
CA GLN K 102 26.71 -45.16 15.56
C GLN K 102 25.88 -46.40 15.28
N ILE K 103 26.42 -47.58 15.61
CA ILE K 103 25.69 -48.82 15.46
C ILE K 103 24.52 -48.87 16.44
N LYS K 104 24.69 -48.27 17.63
CA LYS K 104 23.59 -48.20 18.60
C LYS K 104 22.44 -47.37 18.06
N GLY K 105 22.74 -46.18 17.55
CA GLY K 105 21.70 -45.35 16.94
C GLY K 105 21.09 -45.98 15.71
N LEU K 106 21.92 -46.65 14.90
CA LEU K 106 21.43 -47.37 13.72
C LEU K 106 20.47 -48.48 14.11
N GLN K 107 20.83 -49.26 15.12
CA GLN K 107 20.00 -50.36 15.60
C GLN K 107 18.71 -49.84 16.19
N TRP K 108 18.78 -48.69 16.88
CA TRP K 108 17.58 -48.05 17.39
C TRP K 108 16.66 -47.60 16.27
N MET K 109 17.23 -47.09 15.19
CA MET K 109 16.38 -46.64 14.10
C MET K 109 15.86 -47.81 13.26
N VAL K 110 16.59 -48.91 13.21
CA VAL K 110 16.07 -50.14 12.61
C VAL K 110 14.89 -50.66 13.44
N SER K 111 14.99 -50.54 14.77
CA SER K 111 13.85 -50.86 15.62
C SER K 111 12.70 -49.88 15.43
N LEU K 112 13.02 -48.61 15.14
CA LEU K 112 11.97 -47.63 14.81
C LEU K 112 11.25 -48.02 13.52
N PHE K 113 12.01 -48.51 12.53
CA PHE K 113 11.40 -49.07 11.34
C PHE K 113 10.55 -50.30 11.67
N ASN K 114 11.03 -51.15 12.57
CA ASN K 114 10.34 -52.38 12.88
C ASN K 114 9.25 -52.21 13.91
N ASN K 115 9.35 -51.17 14.76
CA ASN K 115 8.17 -50.71 15.46
C ASN K 115 7.28 -49.87 14.59
N HIS K 116 7.77 -49.48 13.40
CA HIS K 116 7.01 -48.78 12.36
C HIS K 116 6.50 -47.44 12.86
N LEU K 117 7.30 -46.80 13.69
CA LEU K 117 7.04 -45.49 14.22
C LEU K 117 7.63 -44.45 13.26
N ASN K 118 7.74 -43.21 13.73
CA ASN K 118 8.35 -42.13 12.95
C ASN K 118 9.42 -41.52 13.83
N GLY K 119 10.68 -41.89 13.60
CA GLY K 119 11.74 -41.56 14.53
C GLY K 119 12.40 -40.21 14.30
N ILE K 120 13.27 -39.86 15.26
CA ILE K 120 13.97 -38.58 15.28
C ILE K 120 15.40 -38.85 15.74
N LEU K 121 16.37 -38.49 14.90
CA LEU K 121 17.77 -38.48 15.32
C LEU K 121 18.18 -37.03 15.56
N ALA K 122 18.62 -36.75 16.77
CA ALA K 122 18.73 -35.36 17.19
C ALA K 122 20.01 -35.11 17.99
N ASP K 123 21.13 -35.70 17.60
CA ASP K 123 22.33 -35.55 18.41
C ASP K 123 23.05 -34.25 18.05
N GLU K 124 24.26 -34.08 18.57
CA GLU K 124 24.91 -32.78 18.60
C GLU K 124 25.82 -32.63 17.38
N MET K 125 26.33 -31.40 17.18
CA MET K 125 27.10 -31.04 15.99
C MET K 125 28.42 -31.80 15.91
N GLY K 126 28.72 -32.34 14.72
CA GLY K 126 29.96 -33.04 14.53
C GLY K 126 29.98 -34.43 15.12
N LEU K 127 28.87 -35.17 15.02
CA LEU K 127 28.82 -36.53 15.54
C LEU K 127 28.23 -37.52 14.53
N GLY K 128 28.25 -37.18 13.24
CA GLY K 128 27.98 -38.16 12.22
C GLY K 128 26.54 -38.59 12.06
N LYS K 129 25.66 -37.70 11.64
CA LYS K 129 24.31 -38.10 11.29
C LYS K 129 24.26 -38.72 9.90
N THR K 130 25.19 -38.31 9.05
CA THR K 130 25.12 -38.61 7.62
C THR K 130 25.41 -40.08 7.36
N ILE K 131 26.47 -40.59 7.99
CA ILE K 131 26.87 -41.97 7.77
C ILE K 131 25.87 -42.93 8.39
N GLN K 132 25.31 -42.54 9.55
CA GLN K 132 24.23 -43.30 10.15
C GLN K 132 22.99 -43.33 9.26
N THR K 133 22.71 -42.22 8.60
CA THR K 133 21.53 -42.12 7.77
C THR K 133 21.67 -42.98 6.51
N ILE K 134 22.83 -42.90 5.86
CA ILE K 134 23.03 -43.73 4.67
C ILE K 134 23.20 -45.20 5.06
N SER K 135 23.65 -45.48 6.28
CA SER K 135 23.71 -46.86 6.75
C SER K 135 22.32 -47.43 6.95
N LEU K 136 21.40 -46.61 7.49
CA LEU K 136 20.00 -46.97 7.54
C LEU K 136 19.45 -47.23 6.16
N LEU K 137 19.82 -46.36 5.21
CA LEU K 137 19.31 -46.50 3.85
C LEU K 137 19.78 -47.79 3.20
N THR K 138 21.05 -48.13 3.38
CA THR K 138 21.55 -49.34 2.73
C THR K 138 21.12 -50.61 3.46
N TYR K 139 20.92 -50.54 4.78
CA TYR K 139 20.37 -51.68 5.50
C TYR K 139 18.92 -51.91 5.10
N LEU K 140 18.19 -50.83 4.86
CA LEU K 140 16.81 -51.00 4.46
C LEU K 140 16.69 -51.35 2.99
N TYR K 141 17.72 -51.03 2.20
CA TYR K 141 17.75 -51.49 0.82
C TYR K 141 18.04 -52.98 0.73
N GLU K 142 19.23 -53.40 1.17
CA GLU K 142 19.61 -54.77 0.88
C GLU K 142 19.03 -55.77 1.87
N MET K 143 19.16 -55.51 3.16
CA MET K 143 18.79 -56.47 4.17
C MET K 143 17.27 -56.59 4.37
N LYS K 144 16.48 -55.78 3.67
CA LYS K 144 15.03 -55.94 3.67
C LYS K 144 14.44 -56.06 2.27
N ASN K 145 15.18 -55.68 1.22
CA ASN K 145 14.82 -55.89 -0.19
C ASN K 145 13.50 -55.22 -0.57
N ILE K 146 13.37 -53.93 -0.22
CA ILE K 146 12.23 -53.14 -0.66
C ILE K 146 12.59 -52.15 -1.75
N ARG K 147 13.89 -51.83 -1.92
CA ARG K 147 14.50 -51.08 -3.03
C ARG K 147 13.80 -49.75 -3.35
N GLY K 148 13.45 -49.00 -2.30
CA GLY K 148 12.86 -47.69 -2.49
C GLY K 148 11.42 -47.80 -2.92
N PRO K 149 10.82 -46.70 -3.40
CA PRO K 149 11.25 -45.32 -3.67
C PRO K 149 11.62 -44.47 -2.46
N TYR K 150 12.90 -44.11 -2.37
CA TYR K 150 13.41 -43.29 -1.28
C TYR K 150 13.38 -41.83 -1.66
N LEU K 151 13.02 -40.99 -0.70
CA LEU K 151 13.18 -39.56 -0.82
C LEU K 151 14.12 -39.10 0.28
N VAL K 152 14.90 -38.06 0.00
CA VAL K 152 15.63 -37.32 1.02
C VAL K 152 15.46 -35.84 0.75
N ILE K 153 15.76 -35.04 1.76
CA ILE K 153 15.64 -33.58 1.71
C ILE K 153 16.78 -33.00 2.54
N VAL K 154 17.54 -32.10 1.95
CA VAL K 154 18.62 -31.43 2.66
C VAL K 154 18.52 -29.93 2.39
N PRO K 155 19.22 -29.08 3.13
CA PRO K 155 19.45 -27.73 2.62
C PRO K 155 20.43 -27.79 1.46
N LEU K 156 20.31 -26.80 0.56
CA LEU K 156 21.15 -26.80 -0.63
C LEU K 156 22.62 -26.53 -0.30
N SER K 157 22.90 -25.89 0.84
CA SER K 157 24.29 -25.69 1.23
C SER K 157 25.00 -26.97 1.65
N THR K 158 24.30 -28.11 1.70
CA THR K 158 24.91 -29.39 2.01
C THR K 158 24.59 -30.49 1.01
N LEU K 159 23.94 -30.19 -0.11
CA LEU K 159 23.52 -31.27 -1.00
C LEU K 159 24.70 -31.88 -1.73
N SER K 160 25.75 -31.09 -2.00
CA SER K 160 26.97 -31.65 -2.56
C SER K 160 27.65 -32.60 -1.58
N ASN K 161 27.63 -32.25 -0.29
CA ASN K 161 28.25 -33.11 0.72
C ASN K 161 27.45 -34.39 0.90
N TRP K 162 26.12 -34.29 0.89
CA TRP K 162 25.29 -35.49 0.98
C TRP K 162 25.41 -36.36 -0.25
N SER K 163 25.58 -35.77 -1.42
CA SER K 163 25.76 -36.60 -2.61
C SER K 163 27.13 -37.24 -2.64
N SER K 164 28.13 -36.54 -2.09
CA SER K 164 29.46 -37.12 -1.92
C SER K 164 29.42 -38.34 -1.00
N GLU K 165 28.71 -38.22 0.13
CA GLU K 165 28.57 -39.36 1.04
C GLU K 165 27.72 -40.46 0.43
N PHE K 166 26.76 -40.11 -0.43
CA PHE K 166 26.00 -41.13 -1.13
C PHE K 166 26.85 -41.86 -2.15
N ALA K 167 27.84 -41.19 -2.72
CA ALA K 167 28.74 -41.86 -3.65
C ALA K 167 29.74 -42.75 -2.91
N LYS K 168 30.32 -42.23 -1.83
CA LYS K 168 31.43 -42.95 -1.19
C LYS K 168 30.94 -44.15 -0.40
N TRP K 169 29.76 -44.05 0.20
CA TRP K 169 29.32 -45.03 1.18
C TRP K 169 28.21 -45.93 0.68
N ALA K 170 27.60 -45.64 -0.45
CA ALA K 170 26.62 -46.55 -1.07
C ALA K 170 26.67 -46.42 -2.58
N PRO K 171 27.68 -46.99 -3.23
CA PRO K 171 27.72 -46.92 -4.70
C PRO K 171 26.69 -47.80 -5.36
N THR K 172 26.15 -48.79 -4.66
CA THR K 172 25.09 -49.63 -5.23
C THR K 172 23.79 -48.86 -5.40
N LEU K 173 23.61 -47.77 -4.67
CA LEU K 173 22.37 -47.00 -4.73
C LEU K 173 22.56 -45.80 -5.65
N ARG K 174 21.82 -45.77 -6.74
CA ARG K 174 21.87 -44.67 -7.69
C ARG K 174 21.15 -43.45 -7.11
N THR K 175 21.79 -42.29 -7.24
CA THR K 175 21.37 -41.09 -6.55
C THR K 175 21.07 -39.99 -7.57
N ILE K 176 19.81 -39.59 -7.65
CA ILE K 176 19.39 -38.47 -8.48
C ILE K 176 19.43 -37.21 -7.63
N SER K 177 20.07 -36.17 -8.14
CA SER K 177 20.00 -34.84 -7.55
C SER K 177 18.97 -33.98 -8.28
N PHE K 178 18.68 -32.83 -7.69
CA PHE K 178 17.76 -31.84 -8.25
C PHE K 178 18.31 -30.45 -7.96
N LYS K 179 18.94 -29.84 -8.96
CA LYS K 179 19.45 -28.49 -8.80
C LYS K 179 19.48 -27.84 -10.18
N GLY K 180 20.02 -26.62 -10.23
CA GLY K 180 20.39 -26.04 -11.50
C GLY K 180 19.19 -25.54 -12.29
N SER K 181 19.28 -25.73 -13.60
CA SER K 181 18.33 -25.14 -14.53
C SER K 181 17.09 -26.00 -14.68
N PRO K 182 16.01 -25.43 -15.22
CA PRO K 182 14.89 -26.27 -15.66
C PRO K 182 15.23 -27.24 -16.77
N ASN K 183 16.32 -27.03 -17.51
CA ASN K 183 16.78 -28.05 -18.45
C ASN K 183 17.21 -29.32 -17.72
N GLU K 184 18.08 -29.15 -16.72
CA GLU K 184 18.56 -30.29 -15.94
C GLU K 184 17.44 -30.94 -15.17
N ARG K 185 16.53 -30.12 -14.63
CA ARG K 185 15.36 -30.62 -13.93
C ARG K 185 14.41 -31.33 -14.87
N LYS K 186 14.35 -30.92 -16.14
CA LYS K 186 13.48 -31.57 -17.11
C LYS K 186 14.04 -32.91 -17.57
N ALA K 187 15.37 -32.98 -17.70
CA ALA K 187 16.02 -34.25 -18.00
C ALA K 187 15.79 -35.26 -16.90
N LYS K 188 15.99 -34.84 -15.66
CA LYS K 188 15.76 -35.77 -14.55
C LYS K 188 14.27 -36.00 -14.28
N GLN K 189 13.41 -35.07 -14.72
CA GLN K 189 11.97 -35.27 -14.74
C GLN K 189 11.58 -36.44 -15.65
N ALA K 190 12.05 -36.40 -16.89
CA ALA K 190 11.79 -37.49 -17.82
C ALA K 190 12.44 -38.78 -17.37
N LYS K 191 13.55 -38.69 -16.64
CA LYS K 191 14.15 -39.88 -16.06
C LYS K 191 13.28 -40.46 -14.95
N ILE K 192 12.70 -39.62 -14.11
CA ILE K 192 12.01 -40.10 -12.91
C ILE K 192 10.56 -40.49 -13.17
N ARG K 193 9.95 -40.03 -14.27
CA ARG K 193 8.57 -40.42 -14.53
C ARG K 193 8.42 -41.88 -14.91
N ALA K 194 9.51 -42.55 -15.31
CA ALA K 194 9.44 -43.97 -15.62
C ALA K 194 9.56 -44.84 -14.37
N GLY K 195 10.35 -44.42 -13.40
CA GLY K 195 10.56 -45.18 -12.20
C GLY K 195 11.94 -45.79 -12.03
N GLU K 196 12.96 -45.21 -12.66
CA GLU K 196 14.32 -45.76 -12.63
C GLU K 196 15.13 -44.85 -11.71
N PHE K 197 15.13 -45.19 -10.41
CA PHE K 197 15.76 -44.38 -9.38
C PHE K 197 15.81 -45.17 -8.08
N ASP K 198 16.83 -44.86 -7.27
CA ASP K 198 16.90 -45.34 -5.90
C ASP K 198 16.83 -44.20 -4.89
N VAL K 199 17.71 -43.21 -4.99
CA VAL K 199 17.77 -42.08 -4.07
C VAL K 199 17.47 -40.81 -4.84
N VAL K 200 16.53 -40.02 -4.34
CA VAL K 200 16.16 -38.75 -4.95
C VAL K 200 16.54 -37.66 -3.97
N LEU K 201 17.71 -37.06 -4.16
CA LEU K 201 18.03 -35.83 -3.46
C LEU K 201 17.22 -34.67 -4.01
N THR K 202 16.72 -33.84 -3.11
CA THR K 202 16.06 -32.59 -3.47
C THR K 202 16.18 -31.66 -2.29
N THR K 203 16.03 -30.37 -2.56
CA THR K 203 16.15 -29.41 -1.48
C THR K 203 14.78 -29.22 -0.82
N PHE K 204 14.70 -28.21 0.03
CA PHE K 204 13.43 -27.74 0.53
C PHE K 204 12.53 -27.28 -0.61
N GLU K 205 13.11 -26.51 -1.53
CA GLU K 205 12.36 -25.68 -2.46
C GLU K 205 11.73 -26.50 -3.58
N TYR K 206 12.40 -27.55 -4.06
CA TYR K 206 11.82 -28.30 -5.16
C TYR K 206 10.72 -29.24 -4.73
N ILE K 207 10.40 -29.34 -3.44
CA ILE K 207 9.21 -30.08 -3.02
C ILE K 207 7.96 -29.38 -3.55
N ILE K 208 7.79 -28.12 -3.17
CA ILE K 208 6.71 -27.33 -3.73
C ILE K 208 6.93 -27.07 -5.22
N LYS K 209 8.18 -26.89 -5.66
CA LYS K 209 8.37 -26.59 -7.08
C LYS K 209 8.30 -27.81 -7.99
N GLU K 210 8.15 -29.01 -7.44
CA GLU K 210 7.90 -30.22 -8.23
C GLU K 210 6.87 -31.09 -7.55
N ARG K 211 5.87 -30.45 -6.94
CA ARG K 211 4.62 -31.03 -6.43
C ARG K 211 4.06 -32.19 -7.23
N ALA K 212 3.88 -32.01 -8.54
CA ALA K 212 3.28 -33.05 -9.36
C ALA K 212 4.21 -34.25 -9.52
N LEU K 213 5.50 -33.98 -9.75
CA LEU K 213 6.53 -35.02 -9.83
C LEU K 213 6.55 -35.88 -8.57
N LEU K 214 6.76 -35.26 -7.43
CA LEU K 214 6.92 -36.04 -6.21
C LEU K 214 5.60 -36.28 -5.49
N SER K 215 4.47 -36.03 -6.14
CA SER K 215 3.19 -36.50 -5.62
C SER K 215 2.60 -37.65 -6.42
N LYS K 216 2.85 -37.73 -7.73
CA LYS K 216 2.33 -38.87 -8.48
C LYS K 216 3.04 -40.18 -8.13
N VAL K 217 4.20 -40.12 -7.48
CA VAL K 217 4.89 -41.30 -7.00
C VAL K 217 4.46 -41.58 -5.57
N LYS K 218 4.01 -42.82 -5.33
CA LYS K 218 3.69 -43.27 -3.97
C LYS K 218 4.99 -43.42 -3.19
N TRP K 219 5.23 -42.51 -2.26
CA TRP K 219 6.48 -42.52 -1.52
C TRP K 219 6.46 -43.55 -0.40
N VAL K 220 7.66 -43.99 -0.03
CA VAL K 220 7.86 -44.99 1.00
C VAL K 220 8.50 -44.37 2.24
N HIS K 221 9.64 -43.71 2.08
CA HIS K 221 10.45 -43.36 3.25
C HIS K 221 11.24 -42.09 2.95
N MET K 222 10.76 -40.96 3.46
CA MET K 222 11.54 -39.73 3.40
C MET K 222 12.32 -39.56 4.68
N ILE K 223 13.49 -38.92 4.57
CA ILE K 223 14.31 -38.56 5.71
C ILE K 223 14.77 -37.14 5.44
N ILE K 224 14.26 -36.18 6.19
CA ILE K 224 14.53 -34.79 5.88
C ILE K 224 15.44 -34.24 6.98
N ASP K 225 16.22 -33.25 6.61
CA ASP K 225 17.27 -32.73 7.47
C ASP K 225 16.88 -31.34 7.95
N GLU K 226 17.56 -30.86 9.00
CA GLU K 226 17.55 -29.47 9.43
C GLU K 226 16.13 -29.05 9.84
N GLY K 227 15.63 -29.71 10.89
CA GLY K 227 14.21 -29.67 11.18
C GLY K 227 13.72 -28.38 11.78
N HIS K 228 14.63 -27.52 12.22
CA HIS K 228 14.20 -26.25 12.80
C HIS K 228 13.72 -25.25 11.76
N ARG K 229 13.74 -25.61 10.47
CA ARG K 229 12.90 -24.95 9.48
C ARG K 229 11.60 -25.70 9.25
N MET K 230 11.60 -27.00 9.50
CA MET K 230 10.40 -27.83 9.42
C MET K 230 9.48 -27.61 10.63
N LYS K 231 9.89 -26.80 11.60
CA LYS K 231 9.12 -26.61 12.83
C LYS K 231 7.75 -25.99 12.58
N ASN K 232 7.67 -24.93 11.77
CA ASN K 232 6.51 -24.04 11.73
C ASN K 232 5.31 -24.76 11.15
N ALA K 233 4.21 -24.81 11.92
CA ALA K 233 3.06 -25.59 11.49
C ALA K 233 2.27 -24.89 10.40
N GLN K 234 2.49 -23.59 10.22
CA GLN K 234 1.91 -22.86 9.10
C GLN K 234 2.99 -22.43 8.10
N SER K 235 4.16 -23.06 8.15
CA SER K 235 5.09 -22.98 7.03
C SER K 235 4.48 -23.62 5.80
N LYS K 236 4.67 -22.96 4.65
CA LYS K 236 4.06 -23.43 3.42
C LYS K 236 4.67 -24.74 2.97
N LEU K 237 5.96 -24.94 3.25
CA LEU K 237 6.58 -26.23 3.00
C LEU K 237 5.95 -27.32 3.86
N SER K 238 5.62 -26.99 5.12
CA SER K 238 5.00 -27.98 5.99
C SER K 238 3.59 -28.30 5.53
N LEU K 239 2.85 -27.31 5.03
CA LEU K 239 1.51 -27.58 4.52
C LEU K 239 1.55 -28.43 3.27
N THR K 240 2.53 -28.20 2.39
CA THR K 240 2.63 -29.05 1.20
C THR K 240 3.11 -30.45 1.53
N LEU K 241 3.94 -30.61 2.56
CA LEU K 241 4.32 -31.95 2.96
C LEU K 241 3.18 -32.69 3.65
N ASN K 242 2.32 -31.98 4.38
CA ASN K 242 1.22 -32.67 5.04
C ASN K 242 0.10 -33.00 4.06
N THR K 243 -0.30 -32.05 3.21
CA THR K 243 -1.30 -32.31 2.19
C THR K 243 -0.66 -32.76 0.88
N HIS K 244 0.57 -33.27 0.95
CA HIS K 244 1.27 -33.83 -0.19
C HIS K 244 0.67 -35.14 -0.67
N TYR K 245 0.79 -36.18 0.16
CA TYR K 245 0.38 -37.55 -0.07
C TYR K 245 0.73 -38.30 1.20
N HIS K 246 0.07 -39.44 1.42
CA HIS K 246 0.37 -40.28 2.57
C HIS K 246 1.67 -41.04 2.30
N ALA K 247 2.78 -40.36 2.53
CA ALA K 247 4.07 -41.03 2.58
C ALA K 247 4.24 -41.66 3.95
N ASP K 248 4.85 -42.84 3.97
CA ASP K 248 4.74 -43.73 5.11
C ASP K 248 5.68 -43.34 6.26
N TYR K 249 6.97 -43.42 6.01
CA TYR K 249 7.97 -43.37 7.08
C TYR K 249 8.73 -42.07 6.94
N ARG K 250 8.64 -41.21 7.94
CA ARG K 250 9.29 -39.90 7.87
C ARG K 250 10.15 -39.70 9.09
N LEU K 251 11.28 -39.04 8.90
CA LEU K 251 12.23 -38.78 9.98
C LEU K 251 12.67 -37.34 9.90
N ILE K 252 12.50 -36.61 10.99
CA ILE K 252 13.23 -35.36 11.13
C ILE K 252 14.67 -35.71 11.49
N LEU K 253 15.57 -34.78 11.19
CA LEU K 253 16.94 -34.87 11.66
C LEU K 253 17.32 -33.47 12.07
N THR K 254 18.00 -33.34 13.20
CA THR K 254 18.33 -32.01 13.68
C THR K 254 19.52 -32.11 14.61
N GLY K 255 20.14 -30.96 14.84
CA GLY K 255 21.15 -30.84 15.86
C GLY K 255 20.68 -30.13 17.11
N THR K 256 19.47 -29.61 17.10
CA THR K 256 18.96 -28.79 18.18
C THR K 256 17.65 -29.34 18.73
N PRO K 257 17.38 -29.12 20.01
CA PRO K 257 16.03 -29.33 20.54
C PRO K 257 15.05 -28.25 20.13
N LEU K 258 13.91 -28.22 20.82
CA LEU K 258 13.04 -27.07 20.81
C LEU K 258 13.82 -25.78 21.04
N GLN K 259 13.49 -24.75 20.26
CA GLN K 259 14.07 -23.43 20.46
C GLN K 259 13.00 -22.38 20.34
N ASN K 260 13.38 -21.16 20.68
CA ASN K 260 12.74 -19.88 20.37
C ASN K 260 11.44 -19.64 21.13
N ASN K 261 10.89 -20.67 21.75
CA ASN K 261 9.48 -20.62 22.07
C ASN K 261 9.20 -21.72 23.09
N LEU K 262 7.95 -22.14 23.15
CA LEU K 262 7.28 -23.20 23.90
C LEU K 262 7.97 -24.55 23.70
N PRO K 263 7.65 -25.62 24.50
CA PRO K 263 8.30 -26.92 24.27
C PRO K 263 8.03 -27.53 22.90
N GLU K 264 8.63 -28.71 22.66
CA GLU K 264 8.94 -29.31 21.35
C GLU K 264 7.86 -29.24 20.27
N LEU K 265 6.61 -29.03 20.73
CA LEU K 265 5.35 -29.43 20.13
C LEU K 265 5.28 -29.34 18.61
N TRP K 266 5.46 -28.14 18.08
CA TRP K 266 4.95 -27.83 16.76
C TRP K 266 5.75 -28.49 15.64
N ALA K 267 6.93 -29.03 15.93
CA ALA K 267 7.66 -29.85 14.97
C ALA K 267 7.47 -31.33 15.21
N LEU K 268 7.93 -31.80 16.35
CA LEU K 268 8.07 -33.23 16.58
C LEU K 268 6.79 -33.86 17.12
N LEU K 269 6.06 -33.15 17.98
CA LEU K 269 4.81 -33.69 18.47
C LEU K 269 3.69 -33.61 17.43
N ASN K 270 3.89 -32.86 16.35
CA ASN K 270 2.81 -32.65 15.39
C ASN K 270 3.12 -33.20 14.01
N PHE K 271 4.20 -32.77 13.35
CA PHE K 271 4.42 -33.20 11.98
C PHE K 271 4.84 -34.66 11.92
N VAL K 272 5.63 -35.10 12.89
CA VAL K 272 6.21 -36.43 12.83
C VAL K 272 5.14 -37.50 13.09
N LEU K 273 4.13 -37.18 13.90
CA LEU K 273 3.07 -38.13 14.22
C LEU K 273 1.69 -37.48 14.08
N PRO K 274 0.81 -38.01 13.23
CA PRO K 274 -0.50 -37.38 13.02
C PRO K 274 -1.54 -37.72 14.07
N LYS K 275 -1.43 -38.89 14.71
CA LYS K 275 -2.39 -39.31 15.74
C LYS K 275 -2.28 -38.45 16.99
N ILE K 276 -1.12 -37.81 17.21
CA ILE K 276 -0.93 -36.95 18.34
C ILE K 276 -1.74 -35.67 18.19
N PHE K 277 -2.17 -35.32 16.98
CA PHE K 277 -3.21 -34.30 16.83
C PHE K 277 -4.51 -34.72 17.52
N ASN K 278 -5.00 -35.92 17.20
CA ASN K 278 -6.24 -36.44 17.78
C ASN K 278 -6.14 -36.61 19.29
N SER K 279 -4.94 -36.89 19.81
CA SER K 279 -4.75 -37.02 21.24
C SER K 279 -4.23 -35.77 21.93
N VAL K 280 -4.07 -34.66 21.20
CA VAL K 280 -3.45 -33.45 21.73
C VAL K 280 -4.29 -32.19 21.60
N LYS K 281 -5.25 -32.13 20.63
CA LYS K 281 -6.01 -30.92 20.26
C LYS K 281 -6.65 -30.15 21.42
N SER K 282 -6.81 -30.75 22.59
CA SER K 282 -7.16 -30.02 23.79
C SER K 282 -6.11 -30.08 24.89
N PHE K 283 -5.27 -31.11 24.92
CA PHE K 283 -4.33 -31.34 26.02
C PHE K 283 -2.94 -30.78 25.77
N ASP K 284 -2.76 -30.03 24.67
CA ASP K 284 -1.44 -29.50 24.34
C ASP K 284 -0.95 -28.49 25.39
N GLU K 285 -1.79 -27.51 25.73
CA GLU K 285 -1.42 -26.56 26.79
C GLU K 285 -1.47 -27.20 28.16
N TRP K 286 -2.22 -28.30 28.31
CA TRP K 286 -2.25 -29.05 29.55
C TRP K 286 -0.90 -29.71 29.84
N PHE K 287 -0.28 -30.28 28.81
CA PHE K 287 1.11 -30.73 28.96
C PHE K 287 2.08 -29.55 29.03
N ASN K 288 1.77 -28.45 28.35
CA ASN K 288 2.63 -27.27 28.33
C ASN K 288 2.46 -26.38 29.55
N THR K 289 1.70 -26.81 30.56
CA THR K 289 1.42 -26.00 31.75
C THR K 289 2.65 -25.72 32.60
N PRO K 290 3.75 -26.45 32.42
CA PRO K 290 4.99 -26.06 33.08
C PRO K 290 5.54 -24.76 32.49
N PHE K 291 5.35 -24.58 31.17
CA PHE K 291 5.71 -23.37 30.41
C PHE K 291 7.16 -22.93 30.56
N ASP K 298 6.76 -19.37 41.16
CA ASP K 298 7.33 -19.23 39.81
C ASP K 298 8.77 -19.71 39.75
N LYS K 299 9.42 -19.80 40.92
CA LYS K 299 10.85 -20.08 41.01
C LYS K 299 11.15 -21.43 41.64
N ILE K 300 10.49 -21.76 42.75
CA ILE K 300 10.74 -23.00 43.48
C ILE K 300 9.48 -23.87 43.52
N GLU K 301 8.34 -23.26 43.86
CA GLU K 301 7.13 -24.02 44.16
C GLU K 301 6.53 -24.61 42.90
N LEU K 302 6.28 -23.76 41.91
CA LEU K 302 5.68 -24.22 40.66
C LEU K 302 6.69 -25.00 39.82
N SER K 303 7.77 -24.34 39.41
CA SER K 303 8.66 -24.92 38.41
C SER K 303 9.55 -26.03 38.96
N GLU K 304 10.05 -25.87 40.18
CA GLU K 304 11.02 -26.81 40.74
C GLU K 304 10.38 -27.89 41.62
N GLU K 305 9.47 -27.52 42.52
CA GLU K 305 8.96 -28.49 43.47
C GLU K 305 7.87 -29.39 42.88
N GLU K 306 6.73 -28.81 42.50
CA GLU K 306 5.59 -29.66 42.19
C GLU K 306 5.56 -30.13 40.74
N THR K 307 6.11 -29.37 39.80
CA THR K 307 6.13 -29.80 38.42
C THR K 307 7.40 -30.51 38.03
N LEU K 308 8.21 -30.93 39.00
CA LEU K 308 9.28 -31.87 38.71
C LEU K 308 8.72 -33.17 38.19
N LEU K 309 7.56 -33.58 38.71
CA LEU K 309 6.83 -34.71 38.14
C LEU K 309 6.35 -34.42 36.72
N VAL K 310 6.01 -33.17 36.42
CA VAL K 310 5.57 -32.84 35.06
C VAL K 310 6.75 -32.89 34.08
N ILE K 311 7.92 -32.41 34.53
CA ILE K 311 9.13 -32.48 33.73
C ILE K 311 9.53 -33.93 33.49
N ARG K 312 9.45 -34.76 34.54
CA ARG K 312 9.70 -36.18 34.38
C ARG K 312 8.67 -36.85 33.49
N ARG K 313 7.42 -36.36 33.48
CA ARG K 313 6.45 -36.90 32.52
C ARG K 313 6.75 -36.46 31.10
N LEU K 314 7.37 -35.29 30.92
CA LEU K 314 7.78 -34.90 29.58
C LEU K 314 8.96 -35.75 29.10
N HIS K 315 9.88 -36.09 30.00
CA HIS K 315 10.90 -37.09 29.67
C HIS K 315 10.24 -38.43 29.35
N LYS K 316 9.20 -38.76 30.11
CA LYS K 316 8.54 -40.05 30.02
C LYS K 316 7.77 -40.20 28.72
N VAL K 317 7.26 -39.09 28.17
CA VAL K 317 6.60 -39.15 26.88
C VAL K 317 7.61 -39.00 25.73
N LEU K 318 8.76 -38.36 25.98
CA LEU K 318 9.80 -38.27 24.96
C LEU K 318 10.88 -39.32 25.16
N ARG K 319 10.53 -40.49 25.68
CA ARG K 319 11.48 -41.60 25.72
C ARG K 319 11.76 -42.16 24.32
N PRO K 320 10.82 -42.78 23.60
CA PRO K 320 11.21 -43.73 22.55
C PRO K 320 11.56 -43.09 21.23
N PHE K 321 11.61 -41.77 21.14
CA PHE K 321 11.60 -41.08 19.86
C PHE K 321 12.84 -40.28 19.57
N LEU K 322 13.58 -39.85 20.57
CA LEU K 322 14.73 -39.00 20.35
C LEU K 322 16.02 -39.80 20.52
N LEU K 323 17.12 -39.16 20.13
CA LEU K 323 18.47 -39.65 20.44
C LEU K 323 19.38 -38.43 20.39
N ARG K 324 19.74 -37.91 21.55
CA ARG K 324 20.67 -36.80 21.60
C ARG K 324 21.84 -37.23 22.47
N ARG K 325 22.81 -37.88 21.83
CA ARG K 325 24.08 -38.22 22.45
C ARG K 325 24.97 -37.00 22.43
N LEU K 326 25.53 -36.65 23.59
CA LEU K 326 26.32 -35.44 23.68
C LEU K 326 27.72 -35.66 23.11
N LYS K 327 28.33 -34.54 22.71
CA LYS K 327 29.67 -34.53 22.14
C LYS K 327 30.73 -34.77 23.22
N LYS K 328 30.37 -34.60 24.50
CA LYS K 328 31.29 -34.84 25.60
C LYS K 328 31.59 -36.32 25.85
N ASP K 329 30.75 -37.22 25.35
CA ASP K 329 30.83 -38.62 25.75
C ASP K 329 31.99 -39.34 25.08
N VAL K 330 32.04 -39.30 23.76
CA VAL K 330 32.88 -40.24 23.03
C VAL K 330 34.02 -39.54 22.30
N GLU K 331 33.70 -38.58 21.42
CA GLU K 331 34.76 -37.89 20.69
C GLU K 331 35.49 -36.90 21.58
N LYS K 332 34.72 -35.98 22.21
CA LYS K 332 35.14 -34.99 23.23
C LYS K 332 36.40 -34.19 22.83
N GLU K 333 36.63 -34.06 21.53
CA GLU K 333 37.81 -33.35 21.04
C GLU K 333 37.67 -31.85 21.17
N LEU K 334 36.44 -31.37 21.34
CA LEU K 334 36.22 -30.02 21.82
C LEU K 334 36.71 -29.93 23.26
N PRO K 335 37.70 -29.09 23.57
CA PRO K 335 38.17 -28.99 24.95
C PRO K 335 37.14 -28.41 25.92
N ASP K 336 36.67 -27.20 25.65
CA ASP K 336 35.87 -26.44 26.62
C ASP K 336 35.25 -25.24 25.91
N LYS K 337 34.57 -24.41 26.72
CA LYS K 337 33.96 -23.17 26.24
C LYS K 337 33.99 -22.17 27.42
N VAL K 338 35.05 -21.37 27.45
CA VAL K 338 35.25 -20.46 28.58
C VAL K 338 34.37 -19.25 28.35
N GLU K 339 33.16 -19.27 28.92
CA GLU K 339 32.19 -18.23 28.69
C GLU K 339 32.27 -17.18 29.81
N LYS K 340 32.40 -15.92 29.40
CA LYS K 340 32.29 -14.78 30.31
C LYS K 340 31.28 -13.82 29.71
N VAL K 341 30.86 -12.85 30.52
CA VAL K 341 30.07 -11.73 30.02
C VAL K 341 30.84 -10.46 30.31
N VAL K 342 30.63 -9.45 29.48
CA VAL K 342 31.31 -8.17 29.60
C VAL K 342 30.29 -7.05 29.51
N LYS K 343 30.41 -6.08 30.40
CA LYS K 343 29.40 -5.05 30.57
C LYS K 343 29.90 -3.75 29.98
N CYS K 344 29.30 -3.35 28.88
CA CYS K 344 29.54 -2.02 28.33
C CYS K 344 28.56 -1.06 28.97
N LYS K 345 28.52 0.16 28.48
CA LYS K 345 27.67 1.18 29.08
C LYS K 345 27.14 2.07 27.96
N MET K 346 26.52 3.17 28.36
CA MET K 346 26.08 4.19 27.43
C MET K 346 27.27 5.08 27.05
N SER K 347 26.99 6.23 26.46
CA SER K 347 27.94 7.33 26.47
C SER K 347 27.15 8.62 26.51
N ALA K 348 27.82 9.73 26.22
CA ALA K 348 27.25 11.07 26.39
C ALA K 348 26.02 11.31 25.52
N LEU K 349 25.85 10.57 24.42
CA LEU K 349 24.60 10.61 23.70
C LEU K 349 23.66 9.48 24.12
N GLN K 350 24.19 8.29 24.39
CA GLN K 350 23.36 7.15 24.74
C GLN K 350 22.80 7.24 26.15
N GLN K 351 23.33 8.14 26.98
CA GLN K 351 22.82 8.44 28.32
C GLN K 351 21.58 9.32 28.25
N ILE K 352 21.39 10.13 29.30
CA ILE K 352 20.32 11.12 29.51
C ILE K 352 20.00 11.96 28.26
N MET K 353 20.97 12.13 27.36
CA MET K 353 20.70 12.63 26.02
C MET K 353 19.71 11.75 25.28
N TYR K 354 19.97 10.44 25.17
CA TYR K 354 18.95 9.62 24.55
C TYR K 354 17.85 9.21 25.53
N GLN K 355 18.14 9.17 26.83
CA GLN K 355 17.07 8.93 27.79
C GLN K 355 16.07 10.09 27.83
N GLN K 356 16.48 11.28 27.39
CA GLN K 356 15.52 12.32 27.03
C GLN K 356 14.65 11.88 25.86
N MET K 357 15.22 11.15 24.90
CA MET K 357 14.42 10.76 23.74
C MET K 357 13.45 9.63 24.03
N LEU K 358 13.70 8.79 25.04
CA LEU K 358 12.64 7.87 25.48
C LEU K 358 11.43 8.64 25.98
N LYS K 359 11.67 9.75 26.68
CA LYS K 359 10.61 10.60 27.19
C LYS K 359 9.89 11.31 26.05
N TYR K 360 10.62 12.09 25.26
CA TYR K 360 10.01 12.87 24.19
C TYR K 360 9.66 12.07 22.95
N ARG K 361 9.89 10.76 22.92
CA ARG K 361 9.24 9.91 21.93
C ARG K 361 8.01 9.26 22.53
N ARG K 362 8.17 8.45 23.58
CA ARG K 362 7.05 7.66 24.09
C ARG K 362 6.77 7.93 25.56
N LEU K 363 7.81 7.91 26.40
CA LEU K 363 7.61 7.85 27.85
C LEU K 363 7.59 9.24 28.49
N GLY K 378 9.52 10.82 14.79
CA GLY K 378 9.53 9.60 15.57
C GLY K 378 9.67 8.35 14.72
N PHE K 379 10.12 7.26 15.33
CA PHE K 379 10.36 6.02 14.61
C PHE K 379 9.44 4.93 15.13
N ASN K 380 8.94 4.12 14.21
CA ASN K 380 8.05 3.03 14.58
C ASN K 380 8.85 1.89 15.19
N ASN K 381 8.16 1.05 15.98
CA ASN K 381 8.58 -0.13 16.74
C ASN K 381 9.99 0.00 17.34
N GLN K 382 10.11 0.95 18.27
CA GLN K 382 11.39 1.40 18.83
C GLN K 382 12.16 0.31 19.56
N ILE K 383 11.52 -0.81 19.91
CA ILE K 383 12.23 -1.96 20.48
C ILE K 383 13.30 -2.45 19.50
N MET K 384 13.00 -2.39 18.20
CA MET K 384 14.03 -2.59 17.19
C MET K 384 15.06 -1.46 17.20
N GLN K 385 14.60 -0.22 17.40
CA GLN K 385 15.53 0.90 17.39
C GLN K 385 16.32 1.01 18.68
N LEU K 386 15.75 0.52 19.79
CA LEU K 386 16.50 0.48 21.04
C LEU K 386 17.65 -0.52 20.97
N LYS K 387 17.62 -1.46 20.03
CA LYS K 387 18.83 -2.21 19.72
C LYS K 387 19.87 -1.30 19.07
N LYS K 388 19.42 -0.40 18.20
CA LYS K 388 20.35 0.46 17.48
C LYS K 388 20.97 1.52 18.35
N ILE K 389 20.29 1.95 19.42
CA ILE K 389 20.90 2.97 20.28
C ILE K 389 22.02 2.39 21.13
N CYS K 390 22.02 1.08 21.37
CA CYS K 390 23.04 0.48 22.19
C CYS K 390 24.09 -0.24 21.36
N ASN K 391 23.76 -0.58 20.12
CA ASN K 391 24.78 -1.05 19.20
C ASN K 391 25.73 0.09 18.83
N HIS K 392 25.19 1.13 18.17
CA HIS K 392 26.02 2.22 17.65
C HIS K 392 25.19 3.45 17.27
N PRO K 393 25.60 4.64 17.70
CA PRO K 393 24.92 5.85 17.25
C PRO K 393 25.25 6.17 15.80
N PHE K 394 24.48 7.11 15.25
CA PHE K 394 24.38 7.47 13.83
C PHE K 394 24.35 6.30 12.86
N VAL K 395 23.66 5.22 13.24
CA VAL K 395 23.12 4.31 12.24
C VAL K 395 21.79 4.82 11.73
N PHE K 396 21.22 5.82 12.39
CA PHE K 396 20.10 6.56 11.83
C PHE K 396 20.56 7.47 10.70
N GLU K 397 21.82 7.93 10.79
CA GLU K 397 22.56 8.82 9.89
C GLU K 397 22.02 10.25 9.90
N GLU K 398 20.92 10.52 10.60
CA GLU K 398 20.43 11.87 10.75
C GLU K 398 21.20 12.62 11.82
N VAL K 399 21.65 11.92 12.87
CA VAL K 399 22.45 12.57 13.90
C VAL K 399 23.91 12.64 13.52
N GLU K 400 24.33 11.89 12.50
CA GLU K 400 25.64 12.14 11.92
C GLU K 400 25.67 13.51 11.25
N ASP K 401 24.53 13.98 10.74
CA ASP K 401 24.44 15.32 10.20
C ASP K 401 24.45 16.42 11.27
N GLN K 402 24.65 16.10 12.54
CA GLN K 402 24.73 17.10 13.59
C GLN K 402 26.02 16.94 14.40
N ILE K 403 26.49 15.71 14.58
CA ILE K 403 27.72 15.50 15.35
C ILE K 403 28.96 15.57 14.46
N ASN K 404 28.98 14.83 13.35
CA ASN K 404 30.07 14.94 12.37
C ASN K 404 29.49 15.20 10.98
N PRO K 405 28.87 16.37 10.75
CA PRO K 405 28.24 16.60 9.45
C PRO K 405 29.23 16.89 8.34
N THR K 406 30.52 17.00 8.67
CA THR K 406 31.61 17.24 7.75
C THR K 406 32.05 15.98 7.01
N ARG K 407 31.30 14.88 7.18
CA ARG K 407 31.43 13.59 6.45
C ARG K 407 32.86 13.05 6.41
N GLU K 408 33.64 13.31 7.45
CA GLU K 408 34.96 12.71 7.61
C GLU K 408 35.04 12.15 9.01
N THR K 409 35.31 10.87 9.13
CA THR K 409 35.35 10.21 10.42
C THR K 409 36.77 10.17 10.96
N ASN K 410 36.91 10.23 12.27
CA ASN K 410 38.22 10.23 12.89
C ASN K 410 38.11 9.59 14.27
N ASP K 411 39.15 9.79 15.08
CA ASP K 411 39.14 9.39 16.48
C ASP K 411 38.06 10.13 17.26
N ASP K 412 37.48 9.44 18.25
CA ASP K 412 36.48 9.96 19.19
C ASP K 412 35.20 10.47 18.53
N ILE K 413 34.92 10.09 17.29
CA ILE K 413 33.61 10.29 16.69
C ILE K 413 32.97 8.95 16.33
N TRP K 414 33.73 8.07 15.66
CA TRP K 414 33.29 6.68 15.57
C TRP K 414 33.28 6.02 16.92
N ARG K 415 34.34 6.24 17.71
CA ARG K 415 34.64 5.47 18.92
C ARG K 415 33.67 5.74 20.07
N VAL K 416 32.70 6.63 19.89
CA VAL K 416 31.92 7.15 21.00
C VAL K 416 30.98 6.11 21.60
N ALA K 417 30.65 5.04 20.89
CA ALA K 417 29.89 3.96 21.51
C ALA K 417 30.79 3.19 22.47
N GLY K 418 30.24 2.81 23.63
CA GLY K 418 31.04 2.20 24.68
C GLY K 418 31.50 0.80 24.34
N LYS K 419 30.70 0.07 23.56
CA LYS K 419 31.15 -1.20 22.97
C LYS K 419 32.40 -1.00 22.14
N PHE K 420 32.47 0.11 21.42
CA PHE K 420 33.58 0.37 20.53
C PHE K 420 34.82 0.83 21.29
N GLU K 421 34.61 1.53 22.41
CA GLU K 421 35.72 1.82 23.32
C GLU K 421 36.26 0.53 23.92
N LEU K 422 35.38 -0.42 24.24
CA LEU K 422 35.83 -1.72 24.70
C LEU K 422 36.58 -2.46 23.61
N LEU K 423 36.17 -2.30 22.35
CA LEU K 423 36.88 -2.90 21.23
C LEU K 423 38.30 -2.36 21.11
N ASP K 424 38.46 -1.06 21.04
CA ASP K 424 39.84 -0.59 20.88
C ASP K 424 40.60 -0.51 22.21
N ARG K 425 40.02 -0.99 23.32
CA ARG K 425 40.86 -1.43 24.43
C ARG K 425 41.34 -2.86 24.23
N ILE K 426 40.44 -3.78 23.88
CA ILE K 426 40.75 -5.21 23.96
C ILE K 426 41.47 -5.70 22.71
N LEU K 427 41.02 -5.29 21.53
CA LEU K 427 41.59 -5.75 20.27
C LEU K 427 43.09 -5.54 20.03
N PRO K 428 43.75 -4.43 20.43
CA PRO K 428 45.20 -4.35 20.19
C PRO K 428 46.03 -5.35 20.98
N LYS K 429 45.54 -5.80 22.13
CA LYS K 429 46.32 -6.78 22.89
C LYS K 429 46.18 -8.18 22.30
N LEU K 430 45.01 -8.55 21.78
CA LEU K 430 44.91 -9.81 21.05
C LEU K 430 45.57 -9.73 19.69
N LYS K 431 45.71 -8.52 19.13
CA LYS K 431 46.64 -8.32 18.03
C LYS K 431 48.07 -8.61 18.46
N ALA K 432 48.44 -8.17 19.67
CA ALA K 432 49.78 -8.43 20.18
C ALA K 432 49.95 -9.90 20.58
N THR K 433 49.05 -10.40 21.43
CA THR K 433 49.16 -11.77 21.92
C THR K 433 48.75 -12.81 20.89
N GLY K 434 48.20 -12.40 19.75
CA GLY K 434 47.98 -13.31 18.64
C GLY K 434 46.79 -14.23 18.81
N HIS K 435 45.65 -13.68 19.20
CA HIS K 435 44.41 -14.44 19.26
C HIS K 435 43.66 -14.23 17.95
N ARG K 436 43.38 -15.31 17.23
CA ARG K 436 42.59 -15.21 16.02
C ARG K 436 41.11 -15.19 16.39
N VAL K 437 40.39 -14.23 15.85
CA VAL K 437 39.12 -13.79 16.41
C VAL K 437 38.02 -13.92 15.37
N LEU K 438 36.93 -14.58 15.75
CA LEU K 438 35.67 -14.48 15.04
C LEU K 438 34.78 -13.48 15.76
N ILE K 439 34.02 -12.69 15.00
CA ILE K 439 33.08 -11.72 15.55
C ILE K 439 31.76 -11.87 14.82
N PHE K 440 30.69 -12.08 15.57
CA PHE K 440 29.36 -12.26 15.00
C PHE K 440 28.53 -11.01 15.22
N PHE K 441 27.42 -10.92 14.51
CA PHE K 441 26.59 -9.71 14.48
C PHE K 441 25.18 -10.02 14.05
N GLN K 442 24.25 -9.20 14.51
CA GLN K 442 23.08 -8.80 13.75
C GLN K 442 23.35 -7.41 13.20
N MET K 443 22.37 -6.86 12.47
CA MET K 443 22.36 -5.45 12.05
C MET K 443 23.59 -5.10 11.20
N THR K 444 23.60 -5.62 9.96
CA THR K 444 24.74 -5.52 9.05
C THR K 444 25.29 -4.10 8.84
N GLN K 445 24.53 -3.06 9.17
CA GLN K 445 25.09 -1.71 9.18
C GLN K 445 26.11 -1.54 10.31
N ILE K 446 25.93 -2.25 11.43
CA ILE K 446 26.95 -2.22 12.46
C ILE K 446 28.23 -2.87 11.95
N MET K 447 28.08 -3.94 11.16
CA MET K 447 29.21 -4.55 10.48
C MET K 447 29.90 -3.58 9.55
N ASP K 448 29.10 -2.78 8.83
CA ASP K 448 29.65 -1.80 7.89
C ASP K 448 30.44 -0.72 8.60
N ILE K 449 29.90 -0.19 9.70
CA ILE K 449 30.60 0.92 10.34
C ILE K 449 31.77 0.42 11.18
N MET K 450 31.69 -0.82 11.67
CA MET K 450 32.86 -1.47 12.25
C MET K 450 33.93 -1.71 11.20
N GLU K 451 33.52 -2.02 9.98
CA GLU K 451 34.46 -2.13 8.87
C GLU K 451 35.07 -0.78 8.51
N ASP K 452 34.29 0.29 8.68
CA ASP K 452 34.79 1.64 8.43
C ASP K 452 35.88 2.01 9.43
N PHE K 453 35.65 1.71 10.71
CA PHE K 453 36.75 1.81 11.68
C PHE K 453 37.89 0.86 11.37
N LEU K 454 37.56 -0.30 10.83
CA LEU K 454 38.56 -1.33 10.67
C LEU K 454 39.48 -1.02 9.49
N ARG K 455 39.02 -0.17 8.57
CA ARG K 455 39.88 0.52 7.62
C ARG K 455 40.44 1.82 8.15
N TYR K 456 39.82 2.41 9.17
CA TYR K 456 40.36 3.63 9.76
C TYR K 456 41.65 3.35 10.52
N ILE K 457 41.58 2.49 11.53
CA ILE K 457 42.75 2.14 12.33
C ILE K 457 43.68 1.17 11.61
N ASN K 458 43.21 0.57 10.51
CA ASN K 458 44.00 -0.27 9.60
C ASN K 458 44.61 -1.48 10.32
N ILE K 459 43.73 -2.37 10.78
CA ILE K 459 44.14 -3.70 11.22
C ILE K 459 43.30 -4.72 10.46
N LYS K 460 43.90 -5.88 10.22
CA LYS K 460 43.52 -6.76 9.12
C LYS K 460 42.33 -7.65 9.48
N TYR K 461 41.51 -7.98 8.47
CA TYR K 461 40.19 -8.53 8.71
C TYR K 461 39.63 -9.09 7.41
N LEU K 462 38.38 -9.57 7.49
CA LEU K 462 37.53 -9.85 6.33
C LEU K 462 36.08 -9.58 6.71
N ARG K 463 35.15 -9.99 5.85
CA ARG K 463 33.72 -9.75 6.08
C ARG K 463 32.90 -10.77 5.32
N LEU K 464 31.91 -11.35 6.00
CA LEU K 464 30.99 -12.30 5.37
C LEU K 464 29.59 -12.03 5.85
N ASP K 465 28.62 -12.11 4.95
CA ASP K 465 27.24 -11.76 5.24
C ASP K 465 26.34 -12.45 4.22
N GLY K 466 25.10 -11.97 4.11
CA GLY K 466 24.15 -12.44 3.12
C GLY K 466 24.33 -11.89 1.73
N HIS K 467 25.50 -11.36 1.40
CA HIS K 467 25.84 -10.80 0.10
C HIS K 467 27.20 -11.30 -0.35
N THR K 468 27.37 -12.62 -0.33
CA THR K 468 28.62 -13.25 -0.72
C THR K 468 28.48 -14.06 -2.00
N LYS K 469 27.24 -14.34 -2.43
CA LYS K 469 26.90 -14.91 -3.76
C LYS K 469 27.42 -16.35 -3.94
N SER K 470 27.63 -17.05 -2.83
CA SER K 470 27.90 -18.49 -2.69
C SER K 470 29.26 -18.96 -3.22
N ASP K 471 29.89 -18.17 -4.09
CA ASP K 471 31.16 -18.58 -4.67
C ASP K 471 32.30 -17.99 -3.86
N GLU K 472 32.19 -16.70 -3.53
CA GLU K 472 33.08 -16.11 -2.54
C GLU K 472 32.84 -16.73 -1.17
N ARG K 473 31.63 -17.22 -0.93
CA ARG K 473 31.33 -17.96 0.29
C ARG K 473 32.12 -19.26 0.35
N SER K 474 32.13 -20.03 -0.74
CA SER K 474 32.96 -21.23 -0.73
C SER K 474 34.44 -20.93 -0.90
N GLU K 475 34.79 -19.71 -1.28
CA GLU K 475 36.17 -19.30 -1.52
C GLU K 475 36.88 -18.82 -0.25
N LEU K 476 36.19 -18.07 0.59
CA LEU K 476 36.83 -17.22 1.59
C LEU K 476 37.49 -18.01 2.71
N LEU K 477 37.13 -19.29 2.86
CA LEU K 477 37.72 -20.15 3.87
C LEU K 477 39.19 -20.40 3.59
N ARG K 478 39.58 -20.45 2.32
CA ARG K 478 40.98 -20.59 1.97
C ARG K 478 41.77 -19.34 2.31
N LEU K 479 41.12 -18.17 2.26
CA LEU K 479 41.80 -16.95 2.65
C LEU K 479 41.97 -16.87 4.15
N PHE K 480 40.99 -17.34 4.91
CA PHE K 480 41.14 -17.19 6.34
C PHE K 480 41.91 -18.34 7.00
N ASN K 481 41.93 -19.53 6.41
CA ASN K 481 42.64 -20.66 7.01
C ASN K 481 44.04 -20.85 6.44
N ALA K 482 44.70 -19.76 6.05
CA ALA K 482 46.11 -19.87 5.70
C ALA K 482 46.97 -19.88 6.96
N PRO K 483 48.13 -20.52 6.93
CA PRO K 483 49.05 -20.43 8.07
C PRO K 483 49.65 -19.04 8.25
N ASP K 484 49.69 -18.24 7.19
CA ASP K 484 50.06 -16.84 7.27
C ASP K 484 48.86 -15.92 7.08
N SER K 485 47.69 -16.35 7.55
CA SER K 485 46.49 -15.53 7.44
C SER K 485 46.61 -14.33 8.37
N GLU K 486 47.13 -13.24 7.84
CA GLU K 486 47.36 -12.03 8.61
C GLU K 486 46.05 -11.32 8.97
N TYR K 487 45.00 -11.58 8.22
CA TYR K 487 43.66 -11.16 8.58
C TYR K 487 43.25 -11.86 9.87
N LEU K 488 42.92 -11.10 10.91
CA LEU K 488 42.68 -11.69 12.22
C LEU K 488 41.21 -11.66 12.63
N CYS K 489 40.60 -10.49 12.73
CA CYS K 489 39.22 -10.42 13.17
C CYS K 489 38.30 -10.70 11.98
N PHE K 490 37.77 -11.91 11.90
CA PHE K 490 36.89 -12.28 10.80
C PHE K 490 35.49 -11.87 11.19
N ILE K 491 35.06 -10.71 10.66
CA ILE K 491 33.71 -10.21 10.88
C ILE K 491 32.71 -11.18 10.27
N LEU K 492 31.66 -11.49 11.01
CA LEU K 492 30.59 -12.35 10.52
C LEU K 492 29.24 -11.74 10.84
N SER K 493 28.22 -12.45 10.39
CA SER K 493 26.86 -12.24 10.82
C SER K 493 26.41 -13.49 11.58
N THR K 494 25.44 -13.31 12.47
CA THR K 494 24.94 -14.46 13.22
C THR K 494 24.08 -15.38 12.36
N ARG K 495 23.38 -14.82 11.38
CA ARG K 495 22.56 -15.66 10.52
C ARG K 495 23.37 -16.28 9.40
N ALA K 496 24.40 -15.57 8.94
CA ALA K 496 25.00 -15.86 7.65
C ALA K 496 25.89 -17.09 7.69
N GLY K 497 25.74 -17.94 6.69
CA GLY K 497 26.59 -19.10 6.50
C GLY K 497 25.83 -20.40 6.36
N GLY K 498 24.79 -20.60 7.17
CA GLY K 498 23.97 -21.80 7.11
C GLY K 498 24.70 -23.11 7.34
N LEU K 499 25.49 -23.18 8.43
CA LEU K 499 26.24 -24.37 8.86
C LEU K 499 27.20 -24.85 7.78
N GLY K 500 28.03 -23.95 7.27
CA GLY K 500 29.02 -24.31 6.28
C GLY K 500 30.32 -23.57 6.47
N LEU K 501 30.55 -23.03 7.66
CA LEU K 501 31.73 -22.22 7.88
C LEU K 501 32.97 -23.09 8.07
N ASN K 502 32.92 -24.02 9.03
CA ASN K 502 33.90 -25.09 9.21
C ASN K 502 35.30 -24.52 9.50
N LEU K 503 35.41 -23.80 10.62
CA LEU K 503 36.53 -22.90 10.88
C LEU K 503 37.14 -23.16 12.26
N GLN K 504 38.25 -23.89 12.31
CA GLN K 504 38.88 -24.21 13.59
C GLN K 504 39.97 -23.25 14.01
N THR K 505 40.42 -22.37 13.12
CA THR K 505 41.66 -21.65 13.34
C THR K 505 41.49 -20.36 14.13
N ALA K 506 40.40 -20.19 14.84
CA ALA K 506 40.27 -19.07 15.75
C ALA K 506 40.38 -19.57 17.20
N ASP K 507 40.54 -18.62 18.13
CA ASP K 507 40.50 -18.95 19.54
C ASP K 507 39.78 -17.91 20.40
N THR K 508 39.12 -16.93 19.78
CA THR K 508 38.36 -15.93 20.53
C THR K 508 37.09 -15.59 19.74
N VAL K 509 35.94 -15.91 20.31
CA VAL K 509 34.66 -15.72 19.62
C VAL K 509 33.87 -14.73 20.46
N ILE K 510 33.93 -13.46 20.12
CA ILE K 510 33.15 -12.49 20.86
C ILE K 510 31.80 -12.34 20.17
N ILE K 511 30.84 -11.79 20.91
CA ILE K 511 29.47 -11.62 20.44
C ILE K 511 29.04 -10.21 20.80
N PHE K 512 28.52 -9.47 19.83
CA PHE K 512 28.03 -8.12 20.09
C PHE K 512 26.65 -8.11 20.72
N ASP K 513 25.66 -8.63 20.02
CA ASP K 513 24.29 -8.55 20.49
C ASP K 513 23.67 -9.93 20.52
N THR K 514 23.06 -10.26 21.65
CA THR K 514 22.38 -11.53 21.78
C THR K 514 21.10 -11.52 20.97
N ASP K 515 20.81 -12.66 20.34
CA ASP K 515 19.66 -12.76 19.46
C ASP K 515 18.40 -13.00 20.28
N TRP K 516 17.34 -13.38 19.61
CA TRP K 516 16.15 -13.88 20.28
C TRP K 516 16.19 -15.38 20.48
N ASN K 517 17.38 -15.99 20.49
CA ASN K 517 17.49 -17.43 20.45
C ASN K 517 18.72 -17.89 21.20
N PRO K 518 18.80 -19.16 21.54
CA PRO K 518 20.09 -19.81 21.72
C PRO K 518 20.68 -20.41 20.46
N HIS K 519 20.14 -20.10 19.28
CA HIS K 519 20.77 -20.62 18.08
C HIS K 519 22.03 -19.84 17.77
N GLN K 520 22.15 -18.62 18.31
CA GLN K 520 23.39 -17.88 18.23
C GLN K 520 24.51 -18.62 18.96
N ASP K 521 24.21 -19.11 20.15
CA ASP K 521 25.04 -20.04 20.91
C ASP K 521 25.31 -21.28 20.07
N LEU K 522 24.26 -22.03 19.78
CA LEU K 522 24.33 -23.36 19.18
C LEU K 522 24.72 -23.34 17.70
N GLN K 523 25.02 -22.19 17.11
CA GLN K 523 25.72 -22.16 15.83
C GLN K 523 27.05 -21.43 15.92
N ALA K 524 27.08 -20.19 16.43
CA ALA K 524 28.28 -19.38 16.40
C ALA K 524 29.37 -19.94 17.30
N GLN K 525 29.01 -20.68 18.36
CA GLN K 525 30.04 -21.39 19.10
C GLN K 525 30.58 -22.56 18.28
N ASP K 526 29.68 -23.33 17.68
CA ASP K 526 30.03 -24.52 16.93
C ASP K 526 30.79 -24.22 15.65
N ARG K 527 30.80 -22.97 15.18
CA ARG K 527 31.65 -22.62 14.06
C ARG K 527 33.12 -22.79 14.44
N ALA K 528 33.49 -22.36 15.65
CA ALA K 528 34.84 -22.54 16.15
C ALA K 528 35.01 -23.80 16.99
N HIS K 529 33.92 -24.41 17.43
CA HIS K 529 33.97 -25.62 18.24
C HIS K 529 34.02 -26.90 17.43
N ARG K 530 34.52 -26.85 16.19
CA ARG K 530 34.53 -28.02 15.33
C ARG K 530 35.64 -28.99 15.74
N ILE K 531 35.82 -30.04 14.95
CA ILE K 531 36.92 -30.97 15.11
C ILE K 531 38.22 -30.24 14.80
N GLY K 532 39.00 -29.96 15.83
CA GLY K 532 40.27 -29.28 15.66
C GLY K 532 40.40 -27.97 16.38
N GLN K 533 39.54 -27.67 17.35
CA GLN K 533 39.71 -26.48 18.18
C GLN K 533 40.79 -26.79 19.20
N LYS K 534 42.00 -26.26 18.96
CA LYS K 534 43.15 -26.63 19.76
C LYS K 534 43.60 -25.51 20.69
N ASN K 535 42.66 -24.67 21.11
CA ASN K 535 42.87 -23.69 22.16
C ASN K 535 41.63 -23.66 23.03
N GLU K 536 41.62 -22.75 24.01
CA GLU K 536 40.43 -22.50 24.81
C GLU K 536 39.65 -21.35 24.19
N VAL K 537 38.34 -21.52 24.05
CA VAL K 537 37.50 -20.54 23.38
C VAL K 537 37.08 -19.50 24.40
N ARG K 538 37.51 -18.26 24.19
CA ARG K 538 37.21 -17.16 25.07
C ARG K 538 36.08 -16.34 24.46
N ILE K 539 34.93 -16.37 25.11
CA ILE K 539 33.70 -15.76 24.58
C ILE K 539 33.47 -14.47 25.33
N LEU K 540 33.18 -13.40 24.60
CA LEU K 540 32.89 -12.10 25.21
C LEU K 540 31.51 -11.66 24.74
N ARG K 541 30.48 -12.14 25.44
CA ARG K 541 29.10 -11.78 25.15
C ARG K 541 28.87 -10.39 25.74
N LEU K 542 28.86 -9.38 24.88
CA LEU K 542 28.73 -7.99 25.31
C LEU K 542 27.33 -7.72 25.86
N ILE K 543 27.25 -6.70 26.71
CA ILE K 543 25.98 -6.24 27.26
C ILE K 543 26.19 -4.79 27.68
N THR K 544 25.09 -4.04 27.81
CA THR K 544 25.15 -2.65 28.21
C THR K 544 24.27 -2.39 29.42
N THR K 545 24.66 -1.40 30.23
CA THR K 545 24.01 -1.11 31.51
C THR K 545 22.60 -0.59 31.30
N ASN K 546 21.61 -1.42 31.66
CA ASN K 546 20.20 -1.04 31.79
C ASN K 546 19.60 -0.53 30.47
N SER K 547 20.11 -1.06 29.36
CA SER K 547 19.48 -0.85 28.08
C SER K 547 18.50 -1.98 27.84
N VAL K 548 17.97 -2.07 26.61
CA VAL K 548 17.11 -3.18 26.26
C VAL K 548 17.91 -4.45 26.02
N GLU K 549 19.23 -4.33 25.87
CA GLU K 549 20.06 -5.48 25.57
C GLU K 549 20.09 -6.45 26.75
N GLU K 550 19.95 -5.92 27.98
CA GLU K 550 19.87 -6.80 29.14
C GLU K 550 18.56 -7.56 29.19
N VAL K 551 17.44 -6.92 28.84
CA VAL K 551 16.19 -7.68 28.90
C VAL K 551 16.13 -8.66 27.74
N ILE K 552 16.82 -8.37 26.63
CA ILE K 552 17.04 -9.37 25.59
C ILE K 552 17.84 -10.55 26.14
N LEU K 553 18.92 -10.26 26.86
CA LEU K 553 19.81 -11.29 27.38
C LEU K 553 19.11 -12.17 28.39
N GLU K 554 18.59 -11.58 29.47
CA GLU K 554 17.89 -12.35 30.48
C GLU K 554 16.63 -13.02 29.95
N ARG K 555 15.92 -12.38 29.02
CA ARG K 555 14.71 -12.96 28.44
C ARG K 555 15.03 -14.21 27.65
N ALA K 556 15.90 -14.09 26.65
CA ALA K 556 16.27 -15.22 25.81
C ALA K 556 16.96 -16.31 26.61
N TYR K 557 17.94 -15.92 27.43
CA TYR K 557 18.74 -16.88 28.17
C TYR K 557 17.91 -17.65 29.19
N LYS K 558 17.19 -16.95 30.06
CA LYS K 558 16.39 -17.61 31.07
C LYS K 558 15.23 -18.37 30.44
N LYS K 559 14.31 -17.67 29.78
CA LYS K 559 13.13 -18.39 29.35
C LYS K 559 13.30 -19.08 28.00
N LEU K 560 14.55 -19.25 27.52
CA LEU K 560 14.85 -20.12 26.40
C LEU K 560 15.95 -21.08 26.74
N ASP K 561 16.37 -21.14 28.00
CA ASP K 561 16.99 -22.35 28.53
C ASP K 561 15.98 -23.24 29.24
N ILE K 562 14.74 -23.24 28.73
CA ILE K 562 13.80 -24.35 28.93
C ILE K 562 14.45 -25.66 28.57
N ASP K 563 15.23 -25.67 27.50
CA ASP K 563 15.99 -26.85 27.11
C ASP K 563 17.24 -27.08 27.94
N GLY K 564 17.40 -26.42 29.09
CA GLY K 564 18.23 -26.99 30.13
C GLY K 564 17.69 -28.34 30.56
N LYS K 565 16.36 -28.43 30.68
CA LYS K 565 15.68 -29.71 30.96
C LYS K 565 15.95 -30.73 29.86
N VAL K 566 15.97 -30.28 28.60
CA VAL K 566 16.12 -31.20 27.48
C VAL K 566 17.59 -31.57 27.25
N ILE K 567 18.52 -30.64 27.50
CA ILE K 567 19.93 -30.97 27.42
C ILE K 567 20.33 -31.87 28.59
N GLN K 568 19.56 -31.84 29.68
CA GLN K 568 19.68 -32.88 30.69
C GLN K 568 19.02 -34.17 30.21
N ALA K 569 17.92 -34.05 29.47
CA ALA K 569 17.20 -35.22 28.95
C ALA K 569 17.98 -35.99 27.91
N GLY K 570 19.01 -35.38 27.31
CA GLY K 570 19.73 -36.03 26.22
C GLY K 570 20.40 -37.34 26.62
N LYS K 571 21.02 -37.38 27.80
CA LYS K 571 21.80 -38.57 28.15
C LYS K 571 20.90 -39.75 28.51
N PHE K 572 19.82 -39.53 29.26
CA PHE K 572 18.88 -40.61 29.53
C PHE K 572 17.77 -40.69 28.49
N ASP K 573 17.90 -39.94 27.40
CA ASP K 573 17.16 -40.17 26.17
C ASP K 573 18.06 -40.80 25.12
N ASN K 574 19.31 -41.03 25.50
CA ASN K 574 20.40 -41.66 24.78
C ASN K 574 20.72 -42.95 25.52
N LYS K 575 21.98 -43.39 25.47
CA LYS K 575 22.59 -44.53 26.17
C LYS K 575 22.04 -44.83 27.58
N SER K 576 21.56 -43.80 28.28
CA SER K 576 20.72 -43.86 29.46
C SER K 576 21.43 -44.45 30.68
N THR K 577 22.44 -43.72 31.14
CA THR K 577 22.84 -43.80 32.54
C THR K 577 21.64 -43.53 33.42
N SER K 578 21.40 -44.42 34.39
CA SER K 578 20.15 -44.42 35.14
C SER K 578 20.09 -43.34 36.21
N GLU K 579 21.23 -42.81 36.65
CA GLU K 579 21.23 -41.74 37.63
C GLU K 579 21.11 -40.36 37.01
N GLU K 580 21.17 -40.27 35.69
CA GLU K 580 21.06 -38.99 35.00
C GLU K 580 19.67 -38.39 35.16
N GLN K 581 18.65 -39.25 35.11
CA GLN K 581 17.26 -38.81 35.13
C GLN K 581 16.77 -38.37 36.50
N GLU K 582 17.56 -38.57 37.57
CA GLU K 582 17.23 -37.95 38.85
C GLU K 582 18.35 -37.04 39.36
N ALA K 583 19.57 -37.58 39.51
CA ALA K 583 20.61 -36.90 40.28
C ALA K 583 21.21 -35.72 39.52
N LEU K 584 21.65 -35.94 38.28
CA LEU K 584 22.16 -34.80 37.54
C LEU K 584 21.04 -33.93 36.98
N LEU K 585 19.81 -34.45 36.93
CA LEU K 585 18.65 -33.58 36.73
C LEU K 585 18.54 -32.57 37.86
N ARG K 586 18.75 -33.02 39.10
CA ARG K 586 18.83 -32.10 40.23
C ARG K 586 20.07 -31.20 40.16
N SER K 587 21.20 -31.73 39.66
CA SER K 587 22.41 -30.92 39.63
C SER K 587 22.34 -29.81 38.58
N LEU K 588 21.52 -29.99 37.56
CA LEU K 588 21.27 -28.89 36.63
C LEU K 588 20.07 -28.05 37.06
N LEU K 589 19.13 -28.63 37.82
CA LEU K 589 18.15 -27.81 38.53
C LEU K 589 18.78 -26.89 39.54
N ASP K 590 19.99 -27.21 40.00
CA ASP K 590 20.82 -26.22 40.70
C ASP K 590 21.01 -24.97 39.84
N ALA K 591 21.35 -25.16 38.56
CA ALA K 591 21.52 -24.01 37.67
C ALA K 591 20.19 -23.37 37.32
N GLU K 592 19.11 -24.13 37.39
CA GLU K 592 17.78 -23.54 37.27
C GLU K 592 17.27 -22.93 38.57
N GLU K 593 17.97 -23.09 39.68
CA GLU K 593 17.58 -22.41 40.92
C GLU K 593 18.61 -21.40 41.39
N GLU K 594 19.73 -21.23 40.67
CA GLU K 594 20.57 -20.05 40.84
C GLU K 594 20.15 -18.93 39.89
N ARG K 595 18.86 -18.84 39.56
CA ARG K 595 18.35 -17.74 38.75
C ARG K 595 18.63 -16.39 39.39
N ARG K 596 18.10 -16.18 40.61
CA ARG K 596 18.29 -14.92 41.30
C ARG K 596 19.73 -14.73 41.77
N LYS K 597 20.48 -15.81 41.97
CA LYS K 597 21.89 -15.69 42.31
C LYS K 597 22.70 -15.16 41.13
N LYS K 598 22.50 -15.74 39.95
CA LYS K 598 23.22 -15.30 38.77
C LYS K 598 22.67 -13.98 38.21
N ARG K 599 21.40 -13.67 38.47
CA ARG K 599 20.83 -12.42 38.00
C ARG K 599 21.42 -11.23 38.75
N GLU K 600 21.81 -11.42 40.01
CA GLU K 600 22.40 -10.35 40.79
C GLU K 600 23.91 -10.41 40.72
N LEU K 609 34.19 -2.06 34.95
CA LEU K 609 35.10 -1.55 33.93
C LEU K 609 36.47 -1.28 34.54
N LYS K 610 37.35 -2.27 34.45
CA LYS K 610 38.69 -2.20 35.03
C LYS K 610 39.61 -3.11 34.25
N ASP K 611 40.81 -2.61 33.92
CA ASP K 611 41.72 -3.31 33.02
C ASP K 611 42.26 -4.61 33.62
N SER K 612 42.31 -4.70 34.95
CA SER K 612 42.82 -5.90 35.60
C SER K 612 41.92 -7.10 35.33
N GLU K 613 40.65 -7.00 35.72
CA GLU K 613 39.72 -8.12 35.58
C GLU K 613 39.39 -8.39 34.11
N ILE K 614 39.15 -7.34 33.33
CA ILE K 614 38.81 -7.49 31.92
C ILE K 614 40.02 -7.99 31.14
N ASN K 615 41.23 -7.66 31.58
CA ASN K 615 42.41 -8.12 30.87
C ASN K 615 42.87 -9.49 31.36
N GLU K 616 42.37 -9.95 32.52
CA GLU K 616 42.62 -11.33 32.93
C GLU K 616 41.61 -12.30 32.34
N ILE K 617 40.34 -11.90 32.17
CA ILE K 617 39.35 -12.81 31.60
C ILE K 617 39.57 -13.07 30.12
N LEU K 618 40.41 -12.28 29.46
CA LEU K 618 40.94 -12.66 28.16
C LEU K 618 42.30 -13.34 28.24
N ALA K 619 43.01 -13.19 29.35
CA ALA K 619 44.35 -13.74 29.48
C ALA K 619 44.30 -15.25 29.65
N ARG K 620 45.38 -15.91 29.22
CA ARG K 620 45.49 -17.36 29.31
C ARG K 620 46.69 -17.81 30.14
N ASN K 621 47.87 -17.25 29.88
CA ASN K 621 49.08 -17.62 30.60
C ASN K 621 49.86 -16.35 30.93
N ASP K 622 51.07 -16.53 31.48
CA ASP K 622 51.74 -15.45 32.19
C ASP K 622 52.64 -14.59 31.32
N GLU K 623 53.10 -15.10 30.18
CA GLU K 623 53.77 -14.21 29.22
C GLU K 623 52.77 -13.24 28.60
N GLU K 624 51.51 -13.68 28.44
CA GLU K 624 50.43 -12.78 28.09
C GLU K 624 50.21 -11.74 29.18
N MET K 625 50.33 -12.15 30.45
CA MET K 625 50.19 -11.22 31.56
C MET K 625 51.27 -10.15 31.54
N ALA K 626 52.51 -10.57 31.29
CA ALA K 626 53.63 -9.62 31.22
C ALA K 626 53.48 -8.67 30.04
N VAL K 627 53.04 -9.17 28.87
CA VAL K 627 52.93 -8.25 27.74
C VAL K 627 51.67 -7.40 27.81
N LEU K 628 50.61 -7.83 28.51
CA LEU K 628 49.47 -6.93 28.68
C LEU K 628 49.80 -5.82 29.65
N THR K 629 50.54 -6.13 30.72
CA THR K 629 51.02 -5.06 31.60
C THR K 629 52.04 -4.17 30.90
N ARG K 630 52.82 -4.72 29.97
CA ARG K 630 53.74 -3.90 29.20
C ARG K 630 52.99 -2.97 28.24
N MET K 631 51.92 -3.45 27.62
CA MET K 631 51.08 -2.57 26.79
C MET K 631 50.37 -1.52 27.63
N ASP K 632 50.01 -1.86 28.87
CA ASP K 632 49.46 -0.87 29.79
C ASP K 632 50.50 0.19 30.12
N GLU K 633 51.76 -0.22 30.30
CA GLU K 633 52.85 0.74 30.49
C GLU K 633 53.07 1.60 29.24
N ASP K 634 52.90 0.99 28.07
CA ASP K 634 53.18 1.69 26.82
C ASP K 634 52.08 2.68 26.46
N ARG K 635 50.84 2.44 26.90
CA ARG K 635 49.80 3.45 26.76
C ARG K 635 49.58 4.24 28.05
N SER K 636 50.41 4.01 29.08
CA SER K 636 50.45 4.90 30.23
C SER K 636 51.57 5.91 30.16
N LYS K 637 52.70 5.57 29.53
CA LYS K 637 53.71 6.59 29.26
C LYS K 637 53.22 7.59 28.21
N LYS K 638 52.44 7.12 27.24
CA LYS K 638 51.64 8.02 26.44
C LYS K 638 50.49 8.50 27.31
N GLU K 639 50.16 9.80 27.22
CA GLU K 639 49.35 10.45 28.24
C GLU K 639 47.90 9.98 28.27
N GLU K 640 47.47 9.15 27.33
CA GLU K 640 46.25 8.39 27.46
C GLU K 640 46.43 7.00 26.86
N LYS K 645 43.17 15.11 25.69
CA LYS K 645 42.20 14.05 25.40
C LYS K 645 41.82 13.27 26.65
N SER K 646 40.84 12.39 26.50
CA SER K 646 40.28 11.61 27.59
C SER K 646 39.82 10.28 27.00
N ARG K 647 38.92 9.60 27.73
CA ARG K 647 38.30 8.37 27.25
C ARG K 647 37.52 8.60 25.96
N LEU K 648 36.44 9.37 26.03
CA LEU K 648 35.58 9.63 24.87
C LEU K 648 34.98 11.03 24.99
N LEU K 649 33.92 11.26 24.23
CA LEU K 649 33.30 12.57 24.07
C LEU K 649 32.29 12.86 25.19
N GLU K 650 32.19 14.14 25.54
CA GLU K 650 31.30 14.59 26.61
C GLU K 650 30.05 15.24 26.03
N LYS K 651 29.04 15.43 26.88
CA LYS K 651 27.70 15.82 26.41
C LYS K 651 27.58 17.31 26.16
N LYS K 667 28.26 19.12 19.98
CA LYS K 667 28.58 18.95 21.39
C LYS K 667 27.35 19.27 22.26
N ARG K 668 27.19 20.55 22.61
CA ARG K 668 26.13 20.95 23.52
C ARG K 668 24.83 21.25 22.78
N GLU K 669 24.84 22.22 21.87
CA GLU K 669 23.62 22.67 21.21
C GLU K 669 23.04 21.63 20.26
N GLU K 670 23.89 20.72 19.74
CA GLU K 670 23.38 19.60 18.95
C GLU K 670 22.67 18.58 19.81
N SER K 671 23.01 18.51 21.10
CA SER K 671 22.27 17.65 22.01
C SER K 671 20.86 18.19 22.24
N GLU K 672 20.70 19.51 22.36
CA GLU K 672 19.34 20.04 22.39
C GLU K 672 18.69 19.97 21.01
N SER K 673 19.48 19.95 19.94
CA SER K 673 18.92 20.03 18.59
C SER K 673 18.40 18.69 18.06
N ALA K 674 19.01 17.57 18.47
CA ALA K 674 18.61 16.28 17.91
C ALA K 674 17.28 15.79 18.47
N ALA K 675 16.89 16.25 19.66
CA ALA K 675 15.71 15.67 20.31
C ALA K 675 14.44 16.47 20.06
N VAL K 676 14.42 17.73 20.49
CA VAL K 676 13.18 18.48 20.57
C VAL K 676 12.98 19.39 19.37
N TYR K 677 13.84 19.26 18.35
CA TYR K 677 13.69 20.02 17.13
C TYR K 677 13.49 19.15 15.89
N ASN K 678 13.38 17.82 16.06
CA ASN K 678 13.06 16.95 14.93
C ASN K 678 11.63 17.16 14.44
N GLY K 679 10.67 16.91 15.32
CA GLY K 679 9.27 16.96 14.98
C GLY K 679 8.63 15.60 15.16
#